data_8ZRU
#
_entry.id   8ZRU
#
_cell.length_a   1.00
_cell.length_b   1.00
_cell.length_c   1.00
_cell.angle_alpha   90.00
_cell.angle_beta   90.00
_cell.angle_gamma   90.00
#
_symmetry.space_group_name_H-M   'P 1'
#
loop_
_entity.id
_entity.type
_entity.pdbx_description
1 polymer 'Enoyl-CoA hydratase, mitochondrial'
2 non-polymer 'MAGNESIUM ION'
#
_entity_poly.entity_id   1
_entity_poly.type   'polypeptide(L)'
_entity_poly.pdbx_seq_one_letter_code
;ASGANFEYIIAEKRGKNNTVGLIQLNRPKALNALCDGLIDELNQALKTFEEDPAVGAIVLTGGDKAFAAGADIKEMQNLS
FQDCYSSKFLKHWDHLTQVKKPVIAAVNGYAFGGGCELAMMCDIIYAGEKAQFAQPEILIGTIPGAGGTQRLTRAVGKSL
AMEMVLTGDRISAQDAKQAGLVSKICPVETLVEEAIQCAEKIASNSKIVVAMAKESVNAAFEMTLTEGSKLEKKLFYSTF
ATDDRKEGMTAFVEKRKANFKDQ
;
_entity_poly.pdbx_strand_id   A,B,C,D,E,F
#
# COMPACT_ATOMS: atom_id res chain seq x y z
N ALA A 4 -21.22 -12.84 33.53
CA ALA A 4 -20.78 -13.80 34.52
C ALA A 4 -20.05 -13.11 35.68
N ASN A 5 -19.77 -13.87 36.73
CA ASN A 5 -19.08 -13.35 37.91
C ASN A 5 -17.60 -13.25 37.59
N PHE A 6 -17.07 -12.03 37.56
CA PHE A 6 -15.67 -11.79 37.27
C PHE A 6 -14.87 -11.61 38.55
N GLU A 7 -13.62 -12.07 38.52
CA GLU A 7 -12.72 -11.94 39.65
C GLU A 7 -11.57 -10.98 39.41
N TYR A 8 -11.29 -10.62 38.17
CA TYR A 8 -10.22 -9.69 37.85
C TYR A 8 -10.72 -8.31 37.41
N ILE A 9 -11.92 -8.22 36.86
CA ILE A 9 -12.48 -6.97 36.37
C ILE A 9 -13.85 -6.74 36.98
N ILE A 10 -14.36 -5.53 36.77
CA ILE A 10 -15.70 -5.15 37.21
C ILE A 10 -16.43 -4.56 36.01
N ALA A 11 -17.58 -5.15 35.66
CA ALA A 11 -18.36 -4.73 34.51
C ALA A 11 -19.74 -4.26 34.98
N GLU A 12 -20.11 -3.05 34.57
CA GLU A 12 -21.41 -2.48 34.92
C GLU A 12 -21.75 -1.39 33.92
N LYS A 13 -23.02 -1.00 33.92
CA LYS A 13 -23.52 0.07 33.06
C LYS A 13 -23.62 1.35 33.88
N ARG A 14 -22.96 2.40 33.42
CA ARG A 14 -22.88 3.67 34.14
C ARG A 14 -23.57 4.76 33.32
N GLY A 15 -23.76 5.91 33.96
CA GLY A 15 -24.40 7.04 33.32
C GLY A 15 -25.91 6.91 33.27
N LYS A 16 -26.57 8.05 33.09
CA LYS A 16 -28.02 8.07 32.95
C LYS A 16 -28.42 7.40 31.65
N ASN A 17 -29.59 6.76 31.65
CA ASN A 17 -30.17 5.93 30.59
C ASN A 17 -29.42 4.62 30.43
N ASN A 18 -28.36 4.38 31.20
CA ASN A 18 -27.57 3.15 31.11
C ASN A 18 -27.09 2.89 29.69
N THR A 19 -26.41 3.88 29.11
CA THR A 19 -25.93 3.81 27.73
C THR A 19 -24.42 3.60 27.64
N VAL A 20 -23.71 3.55 28.77
CA VAL A 20 -22.26 3.41 28.79
C VAL A 20 -21.90 2.17 29.59
N GLY A 21 -21.08 1.31 29.02
CA GLY A 21 -20.58 0.13 29.69
C GLY A 21 -19.20 0.37 30.24
N LEU A 22 -19.05 0.23 31.55
CA LEU A 22 -17.79 0.49 32.25
C LEU A 22 -17.11 -0.83 32.56
N ILE A 23 -15.95 -1.06 31.97
CA ILE A 23 -15.13 -2.24 32.24
C ILE A 23 -13.92 -1.77 33.02
N GLN A 24 -13.96 -1.96 34.34
CA GLN A 24 -12.91 -1.49 35.23
C GLN A 24 -12.06 -2.68 35.69
N LEU A 25 -10.76 -2.61 35.43
CA LEU A 25 -9.84 -3.62 35.92
C LEU A 25 -9.75 -3.52 37.44
N ASN A 26 -9.79 -4.67 38.12
CA ASN A 26 -9.89 -4.73 39.57
C ASN A 26 -8.73 -5.55 40.15
N ARG A 27 -7.52 -5.28 39.68
CA ARG A 27 -6.30 -5.88 40.22
C ARG A 27 -5.39 -4.77 40.73
N PRO A 28 -5.71 -4.21 41.90
CA PRO A 28 -4.90 -3.08 42.41
C PRO A 28 -3.59 -3.53 43.05
N LYS A 29 -3.54 -4.72 43.63
CA LYS A 29 -2.32 -5.20 44.27
C LYS A 29 -1.29 -5.74 43.27
N ALA A 30 -1.69 -5.99 42.03
CA ALA A 30 -0.79 -6.44 40.98
C ALA A 30 -0.62 -5.40 39.88
N LEU A 31 -1.06 -4.16 40.14
CA LEU A 31 -0.98 -3.06 39.17
C LEU A 31 -1.69 -3.42 37.87
N ASN A 32 -2.79 -4.18 38.01
CA ASN A 32 -3.61 -4.60 36.88
C ASN A 32 -2.79 -5.35 35.83
N ALA A 33 -2.13 -6.42 36.28
CA ALA A 33 -1.33 -7.25 35.37
C ALA A 33 -2.23 -7.96 34.38
N LEU A 34 -1.88 -7.86 33.10
CA LEU A 34 -2.68 -8.45 32.02
C LEU A 34 -2.38 -9.96 31.98
N CYS A 35 -3.20 -10.74 32.67
CA CYS A 35 -3.09 -12.19 32.67
C CYS A 35 -4.14 -12.80 31.75
N ASP A 36 -4.07 -14.13 31.61
CA ASP A 36 -5.00 -14.83 30.74
C ASP A 36 -6.44 -14.71 31.24
N GLY A 37 -6.64 -14.86 32.55
CA GLY A 37 -7.98 -14.73 33.10
C GLY A 37 -8.53 -13.33 32.96
N LEU A 38 -7.70 -12.31 33.19
CA LEU A 38 -8.14 -10.94 33.03
C LEU A 38 -8.53 -10.64 31.59
N ILE A 39 -7.73 -11.13 30.64
CA ILE A 39 -8.04 -10.93 29.22
C ILE A 39 -9.32 -11.66 28.84
N ASP A 40 -9.52 -12.87 29.37
CA ASP A 40 -10.75 -13.61 29.09
C ASP A 40 -11.97 -12.87 29.63
N GLU A 41 -11.89 -12.37 30.87
CA GLU A 41 -13.01 -11.62 31.44
C GLU A 41 -13.24 -10.32 30.68
N LEU A 42 -12.18 -9.67 30.23
CA LEU A 42 -12.31 -8.44 29.46
C LEU A 42 -13.02 -8.72 28.13
N ASN A 43 -12.64 -9.80 27.45
CA ASN A 43 -13.31 -10.15 26.19
C ASN A 43 -14.76 -10.53 26.42
N GLN A 44 -15.06 -11.24 27.53
CA GLN A 44 -16.44 -11.57 27.85
C GLN A 44 -17.27 -10.32 28.09
N ALA A 45 -16.76 -9.39 28.89
CA ALA A 45 -17.48 -8.13 29.11
C ALA A 45 -17.64 -7.33 27.83
N LEU A 46 -16.62 -7.36 26.96
CA LEU A 46 -16.70 -6.62 25.71
C LEU A 46 -17.78 -7.19 24.80
N LYS A 47 -17.83 -8.51 24.66
CA LYS A 47 -18.86 -9.10 23.79
C LYS A 47 -20.24 -8.96 24.42
N THR A 48 -20.33 -8.97 25.76
CA THR A 48 -21.62 -8.77 26.42
C THR A 48 -22.12 -7.35 26.16
N PHE A 49 -21.23 -6.36 26.27
CA PHE A 49 -21.63 -4.98 26.00
C PHE A 49 -21.90 -4.73 24.51
N GLU A 50 -21.22 -5.48 23.65
CA GLU A 50 -21.48 -5.36 22.21
C GLU A 50 -22.83 -5.97 21.84
N GLU A 51 -23.24 -7.04 22.53
CA GLU A 51 -24.53 -7.66 22.29
C GLU A 51 -25.64 -7.01 23.11
N ASP A 52 -25.39 -5.80 23.63
CA ASP A 52 -26.39 -5.07 24.40
C ASP A 52 -26.93 -3.93 23.56
N PRO A 53 -28.20 -3.94 23.16
CA PRO A 53 -28.72 -2.86 22.33
C PRO A 53 -28.80 -1.52 23.03
N ALA A 54 -28.83 -1.50 24.36
CA ALA A 54 -28.93 -0.26 25.11
C ALA A 54 -27.58 0.44 25.31
N VAL A 55 -26.48 -0.24 25.01
CA VAL A 55 -25.14 0.32 25.20
C VAL A 55 -24.66 0.82 23.85
N GLY A 56 -24.15 2.05 23.82
CA GLY A 56 -23.65 2.63 22.59
C GLY A 56 -22.16 2.88 22.60
N ALA A 57 -21.57 2.93 23.79
CA ALA A 57 -20.14 3.18 23.94
C ALA A 57 -19.64 2.49 25.19
N ILE A 58 -18.35 2.15 25.18
CA ILE A 58 -17.71 1.42 26.28
C ILE A 58 -16.56 2.28 26.80
N VAL A 59 -16.42 2.34 28.13
CA VAL A 59 -15.33 3.03 28.78
C VAL A 59 -14.46 2.00 29.48
N LEU A 60 -13.19 1.94 29.10
CA LEU A 60 -12.22 1.01 29.68
C LEU A 60 -11.28 1.77 30.60
N THR A 61 -11.27 1.41 31.88
CA THR A 61 -10.43 2.06 32.87
C THR A 61 -9.85 1.02 33.81
N GLY A 62 -8.87 1.43 34.59
CA GLY A 62 -8.24 0.56 35.56
C GLY A 62 -8.33 1.09 36.98
N GLY A 63 -7.18 1.28 37.62
CA GLY A 63 -7.12 1.82 38.96
C GLY A 63 -6.70 3.29 38.97
N ASP A 64 -6.70 3.84 40.19
CA ASP A 64 -6.33 5.24 40.35
C ASP A 64 -4.83 5.45 40.18
N LYS A 65 -4.02 4.45 40.53
CA LYS A 65 -2.58 4.56 40.45
C LYS A 65 -1.96 3.75 39.31
N ALA A 66 -2.75 2.89 38.66
CA ALA A 66 -2.22 2.07 37.57
C ALA A 66 -3.37 1.60 36.68
N PHE A 67 -3.24 1.85 35.38
CA PHE A 67 -4.21 1.36 34.42
C PHE A 67 -3.94 -0.11 34.09
N ALA A 68 -2.76 -0.40 33.56
CA ALA A 68 -2.30 -1.77 33.33
C ALA A 68 -0.79 -1.78 33.15
N ALA A 69 -0.09 -2.47 34.06
CA ALA A 69 1.37 -2.44 34.11
C ALA A 69 2.01 -3.59 33.34
N GLY A 70 1.35 -4.09 32.31
CA GLY A 70 1.93 -5.12 31.47
C GLY A 70 1.43 -6.51 31.82
N ALA A 71 1.83 -7.48 31.00
CA ALA A 71 1.42 -8.85 31.17
C ALA A 71 2.25 -9.54 32.24
N ASP A 72 1.76 -10.70 32.69
CA ASP A 72 2.49 -11.51 33.66
C ASP A 72 3.71 -12.13 33.00
N ILE A 73 4.89 -11.84 33.55
CA ILE A 73 6.12 -12.34 32.96
C ILE A 73 6.38 -13.79 33.37
N LYS A 74 5.78 -14.25 34.47
CA LYS A 74 6.03 -15.61 34.93
C LYS A 74 5.43 -16.64 33.97
N GLU A 75 4.20 -16.41 33.51
CA GLU A 75 3.56 -17.34 32.58
C GLU A 75 4.10 -17.23 31.16
N MET A 76 5.15 -16.44 30.93
CA MET A 76 5.71 -16.29 29.59
C MET A 76 7.23 -16.39 29.58
N GLN A 77 7.87 -16.74 30.69
CA GLN A 77 9.32 -16.86 30.71
C GLN A 77 9.79 -18.19 30.12
N ASN A 78 9.13 -19.29 30.46
CA ASN A 78 9.51 -20.62 29.98
C ASN A 78 8.98 -20.92 28.58
N LEU A 79 8.51 -19.91 27.85
CA LEU A 79 8.00 -20.11 26.50
C LEU A 79 9.15 -20.06 25.50
N SER A 80 9.03 -20.90 24.47
CA SER A 80 10.01 -20.98 23.41
C SER A 80 9.47 -20.35 22.13
N PHE A 81 10.30 -20.39 21.08
CA PHE A 81 9.88 -19.85 19.79
C PHE A 81 8.79 -20.69 19.16
N GLN A 82 8.90 -22.01 19.27
CA GLN A 82 7.89 -22.89 18.68
C GLN A 82 6.57 -22.82 19.45
N ASP A 83 6.64 -22.75 20.78
CA ASP A 83 5.41 -22.67 21.57
C ASP A 83 4.71 -21.34 21.34
N CYS A 84 5.46 -20.27 21.11
CA CYS A 84 4.85 -18.97 20.86
C CYS A 84 4.27 -18.90 19.45
N TYR A 85 4.89 -19.59 18.49
CA TYR A 85 4.44 -19.51 17.11
C TYR A 85 3.29 -20.48 16.85
N SER A 86 3.38 -21.69 17.37
CA SER A 86 2.44 -22.77 17.05
C SER A 86 1.25 -22.70 18.00
N SER A 87 1.15 -21.58 18.71
CA SER A 87 0.00 -21.35 19.59
C SER A 87 -0.50 -19.92 19.48
N LYS A 88 0.17 -19.11 18.66
CA LYS A 88 -0.18 -17.71 18.44
C LYS A 88 -0.36 -16.98 19.77
N PHE A 89 0.74 -16.85 20.50
CA PHE A 89 0.73 -16.21 21.81
C PHE A 89 0.16 -14.79 21.71
N LEU A 90 -0.63 -14.41 22.71
CA LEU A 90 -1.30 -13.12 22.77
C LEU A 90 -2.19 -12.88 21.57
N LYS A 91 -2.93 -13.92 21.14
CA LYS A 91 -3.89 -13.77 20.05
C LYS A 91 -5.24 -13.25 20.51
N HIS A 92 -5.58 -13.43 21.78
CA HIS A 92 -6.80 -12.87 22.34
C HIS A 92 -6.62 -11.42 22.81
N TRP A 93 -5.44 -10.84 22.60
CA TRP A 93 -5.14 -9.49 23.05
C TRP A 93 -5.67 -8.41 22.11
N ASP A 94 -6.18 -8.79 20.93
CA ASP A 94 -6.66 -7.82 19.95
C ASP A 94 -8.16 -7.93 19.71
N HIS A 95 -8.90 -8.49 20.66
CA HIS A 95 -10.36 -8.54 20.53
C HIS A 95 -10.98 -7.16 20.66
N LEU A 96 -10.27 -6.20 21.27
CA LEU A 96 -10.77 -4.84 21.36
C LEU A 96 -10.78 -4.14 20.02
N THR A 97 -9.89 -4.53 19.10
CA THR A 97 -9.87 -3.94 17.76
C THR A 97 -11.03 -4.40 16.89
N GLN A 98 -11.69 -5.50 17.23
CA GLN A 98 -12.83 -5.98 16.49
C GLN A 98 -14.16 -5.42 17.00
N VAL A 99 -14.12 -4.57 18.03
CA VAL A 99 -15.34 -3.99 18.57
C VAL A 99 -15.85 -2.91 17.62
N LYS A 100 -17.16 -2.91 17.37
CA LYS A 100 -17.76 -1.92 16.49
C LYS A 100 -18.15 -0.64 17.22
N LYS A 101 -18.55 -0.74 18.49
CA LYS A 101 -18.89 0.45 19.25
C LYS A 101 -17.62 1.13 19.76
N PRO A 102 -17.64 2.45 19.92
CA PRO A 102 -16.45 3.16 20.38
C PRO A 102 -16.06 2.76 21.80
N VAL A 103 -14.74 2.68 22.02
CA VAL A 103 -14.19 2.33 23.32
C VAL A 103 -13.29 3.48 23.76
N ILE A 104 -13.63 4.10 24.88
CA ILE A 104 -12.88 5.23 25.43
C ILE A 104 -12.00 4.71 26.56
N ALA A 105 -10.69 4.95 26.45
CA ALA A 105 -9.73 4.49 27.43
C ALA A 105 -9.51 5.59 28.48
N ALA A 106 -9.93 5.31 29.71
CA ALA A 106 -9.71 6.22 30.84
C ALA A 106 -8.47 5.72 31.57
N VAL A 107 -7.30 6.20 31.13
CA VAL A 107 -6.02 5.74 31.64
C VAL A 107 -5.63 6.59 32.83
N ASN A 108 -5.55 5.97 34.00
CA ASN A 108 -5.09 6.62 35.22
C ASN A 108 -3.89 5.88 35.78
N GLY A 109 -2.81 6.61 36.04
CA GLY A 109 -1.64 5.99 36.63
C GLY A 109 -0.74 5.37 35.57
N TYR A 110 -0.22 4.18 35.89
CA TYR A 110 0.76 3.53 35.03
C TYR A 110 0.05 2.77 33.90
N ALA A 111 0.49 3.03 32.67
CA ALA A 111 0.07 2.27 31.49
C ALA A 111 1.35 1.82 30.79
N PHE A 112 1.90 0.70 31.23
CA PHE A 112 3.21 0.23 30.78
C PHE A 112 3.06 -1.10 30.04
N GLY A 113 3.82 -1.27 28.97
CA GLY A 113 3.82 -2.52 28.22
C GLY A 113 2.50 -2.83 27.56
N GLY A 114 1.83 -3.88 28.03
CA GLY A 114 0.54 -4.24 27.47
C GLY A 114 -0.54 -3.22 27.73
N GLY A 115 -0.39 -2.43 28.80
CA GLY A 115 -1.39 -1.41 29.10
C GLY A 115 -1.44 -0.32 28.05
N CYS A 116 -0.27 0.19 27.65
CA CYS A 116 -0.23 1.21 26.62
C CYS A 116 -0.72 0.65 25.28
N GLU A 117 -0.44 -0.63 25.01
CA GLU A 117 -0.92 -1.24 23.78
C GLU A 117 -2.44 -1.38 23.78
N LEU A 118 -3.02 -1.75 24.92
CA LEU A 118 -4.47 -1.86 25.01
C LEU A 118 -5.13 -0.49 24.95
N ALA A 119 -4.46 0.53 25.50
CA ALA A 119 -5.01 1.88 25.44
C ALA A 119 -4.96 2.45 24.03
N MET A 120 -3.86 2.22 23.31
CA MET A 120 -3.74 2.72 21.96
C MET A 120 -4.72 2.05 20.99
N MET A 121 -5.16 0.83 21.31
CA MET A 121 -6.15 0.15 20.47
C MET A 121 -7.53 0.77 20.60
N CYS A 122 -7.78 1.53 21.66
CA CYS A 122 -9.05 2.22 21.80
C CYS A 122 -9.14 3.40 20.85
N ASP A 123 -10.37 3.85 20.59
CA ASP A 123 -10.58 4.96 19.67
C ASP A 123 -10.18 6.28 20.31
N ILE A 124 -10.63 6.53 21.53
CA ILE A 124 -10.32 7.76 22.26
C ILE A 124 -9.60 7.39 23.55
N ILE A 125 -8.53 8.13 23.86
CA ILE A 125 -7.73 7.88 25.05
C ILE A 125 -7.83 9.09 25.96
N TYR A 126 -8.39 8.89 27.15
CA TYR A 126 -8.47 9.93 28.17
C TYR A 126 -7.50 9.60 29.28
N ALA A 127 -6.55 10.50 29.53
CA ALA A 127 -5.48 10.27 30.49
C ALA A 127 -5.61 11.24 31.66
N GLY A 128 -5.25 10.78 32.85
CA GLY A 128 -5.27 11.63 34.02
C GLY A 128 -4.06 12.56 34.08
N GLU A 129 -4.06 13.41 35.11
CA GLU A 129 -2.96 14.35 35.27
C GLU A 129 -1.64 13.63 35.55
N LYS A 130 -1.69 12.56 36.34
CA LYS A 130 -0.49 11.80 36.70
C LYS A 130 -0.34 10.53 35.90
N ALA A 131 -1.02 10.40 34.77
CA ALA A 131 -0.90 9.20 33.95
C ALA A 131 0.43 9.18 33.23
N GLN A 132 1.03 7.99 33.13
CA GLN A 132 2.32 7.80 32.48
C GLN A 132 2.21 6.65 31.48
N PHE A 133 2.87 6.82 30.34
CA PHE A 133 2.90 5.81 29.28
C PHE A 133 4.35 5.44 28.98
N ALA A 134 4.58 4.14 28.78
CA ALA A 134 5.93 3.65 28.47
C ALA A 134 5.83 2.28 27.86
N GLN A 135 6.93 1.85 27.23
CA GLN A 135 7.07 0.52 26.64
C GLN A 135 8.36 -0.10 27.14
N PRO A 136 8.35 -0.71 28.33
CA PRO A 136 9.57 -1.25 28.91
C PRO A 136 9.94 -2.66 28.45
N GLU A 137 9.36 -3.13 27.35
CA GLU A 137 9.66 -4.48 26.87
C GLU A 137 11.14 -4.66 26.57
N ILE A 138 11.81 -3.59 26.14
CA ILE A 138 13.21 -3.65 25.77
C ILE A 138 14.07 -3.92 26.99
N LEU A 139 13.54 -3.65 28.18
CA LEU A 139 14.30 -3.84 29.41
C LEU A 139 14.37 -5.30 29.84
N ILE A 140 13.44 -6.14 29.36
CA ILE A 140 13.43 -7.56 29.71
C ILE A 140 13.85 -8.44 28.54
N GLY A 141 14.37 -7.85 27.47
CA GLY A 141 14.89 -8.61 26.35
C GLY A 141 13.87 -8.97 25.28
N THR A 142 12.77 -8.22 25.18
CA THR A 142 11.76 -8.48 24.17
C THR A 142 11.33 -7.15 23.57
N ILE A 143 10.37 -7.22 22.65
CA ILE A 143 9.82 -6.03 22.00
C ILE A 143 8.31 -6.04 22.22
N PRO A 144 7.67 -4.88 22.18
CA PRO A 144 6.20 -4.85 22.26
C PRO A 144 5.59 -5.58 21.08
N GLY A 145 4.70 -6.52 21.36
CA GLY A 145 4.12 -7.35 20.32
C GLY A 145 2.61 -7.31 20.26
N ALA A 146 2.01 -6.21 20.69
CA ALA A 146 0.55 -6.07 20.63
C ALA A 146 0.17 -4.67 20.14
N GLY A 147 0.93 -4.15 19.16
CA GLY A 147 0.67 -2.84 18.61
C GLY A 147 1.41 -1.71 19.27
N GLY A 148 2.39 -1.99 20.13
CA GLY A 148 3.15 -0.97 20.81
C GLY A 148 4.13 -0.19 19.96
N THR A 149 4.36 -0.62 18.72
CA THR A 149 5.29 0.06 17.82
C THR A 149 4.58 0.63 16.61
N GLN A 150 3.65 -0.11 16.02
CA GLN A 150 2.95 0.36 14.83
C GLN A 150 2.08 1.57 15.14
N ARG A 151 1.17 1.42 16.12
CA ARG A 151 0.27 2.51 16.46
C ARG A 151 1.01 3.66 17.12
N LEU A 152 2.00 3.36 17.96
CA LEU A 152 2.73 4.41 18.66
C LEU A 152 3.51 5.30 17.68
N THR A 153 4.20 4.68 16.73
CA THR A 153 4.97 5.46 15.76
C THR A 153 4.05 6.30 14.88
N ARG A 154 2.87 5.76 14.54
CA ARG A 154 1.93 6.52 13.73
C ARG A 154 1.32 7.68 14.52
N ALA A 155 1.17 7.51 15.84
CA ALA A 155 0.52 8.53 16.65
C ALA A 155 1.49 9.64 17.04
N VAL A 156 2.54 9.29 17.77
CA VAL A 156 3.44 10.28 18.36
C VAL A 156 4.59 10.66 17.43
N GLY A 157 4.81 9.90 16.36
CA GLY A 157 5.91 10.19 15.46
C GLY A 157 7.01 9.15 15.54
N LYS A 158 8.01 9.33 14.69
CA LYS A 158 9.11 8.37 14.61
C LYS A 158 10.08 8.52 15.78
N SER A 159 10.49 9.77 16.06
CA SER A 159 11.55 10.00 17.04
C SER A 159 11.12 9.61 18.45
N LEU A 160 9.96 10.11 18.89
CA LEU A 160 9.52 9.84 20.25
C LEU A 160 9.22 8.36 20.45
N ALA A 161 8.58 7.73 19.47
CA ALA A 161 8.29 6.29 19.58
C ALA A 161 9.58 5.48 19.60
N MET A 162 10.54 5.82 18.74
CA MET A 162 11.82 5.14 18.74
C MET A 162 12.51 5.27 20.10
N GLU A 163 12.49 6.47 20.67
CA GLU A 163 13.10 6.67 21.99
C GLU A 163 12.41 5.83 23.06
N MET A 164 11.07 5.86 23.08
CA MET A 164 10.32 5.13 24.09
C MET A 164 10.53 3.63 23.95
N VAL A 165 10.67 3.13 22.73
CA VAL A 165 10.82 1.70 22.52
C VAL A 165 12.23 1.25 22.85
N LEU A 166 13.24 1.97 22.38
CA LEU A 166 14.62 1.55 22.59
C LEU A 166 15.12 1.84 23.99
N THR A 167 14.49 2.76 24.72
CA THR A 167 14.93 3.11 26.07
C THR A 167 13.99 2.62 27.16
N GLY A 168 12.69 2.50 26.87
CA GLY A 168 11.73 2.13 27.88
C GLY A 168 11.36 3.24 28.84
N ASP A 169 11.79 4.47 28.58
CA ASP A 169 11.50 5.58 29.47
C ASP A 169 10.01 5.93 29.42
N ARG A 170 9.54 6.56 30.50
CA ARG A 170 8.14 6.95 30.62
C ARG A 170 7.94 8.38 30.12
N ILE A 171 6.74 8.66 29.62
CA ILE A 171 6.36 10.00 29.20
C ILE A 171 5.15 10.43 30.01
N SER A 172 5.07 11.72 30.31
CA SER A 172 3.95 12.24 31.08
C SER A 172 2.72 12.38 30.19
N ALA A 173 1.57 12.60 30.85
CA ALA A 173 0.32 12.79 30.12
C ALA A 173 0.38 14.03 29.24
N GLN A 174 1.09 15.06 29.69
CA GLN A 174 1.24 16.27 28.89
C GLN A 174 2.03 15.98 27.62
N ASP A 175 3.06 15.14 27.73
CA ASP A 175 3.83 14.76 26.55
C ASP A 175 2.99 13.98 25.56
N ALA A 176 2.14 13.07 26.06
CA ALA A 176 1.26 12.31 25.18
C ALA A 176 0.22 13.20 24.53
N LYS A 177 -0.26 14.22 25.26
CA LYS A 177 -1.22 15.16 24.69
C LYS A 177 -0.57 16.01 23.61
N GLN A 178 0.67 16.44 23.85
CA GLN A 178 1.37 17.25 22.85
C GLN A 178 1.69 16.43 21.61
N ALA A 179 2.10 15.18 21.79
CA ALA A 179 2.44 14.31 20.68
C ALA A 179 1.21 13.72 19.99
N GLY A 180 0.04 13.77 20.62
CA GLY A 180 -1.18 13.26 20.03
C GLY A 180 -1.58 11.87 20.47
N LEU A 181 -0.90 11.29 21.47
CA LEU A 181 -1.26 9.96 21.93
C LEU A 181 -2.60 9.96 22.65
N VAL A 182 -2.84 10.97 23.48
CA VAL A 182 -4.12 11.12 24.18
C VAL A 182 -4.82 12.36 23.63
N SER A 183 -6.11 12.49 23.97
CA SER A 183 -6.93 13.57 23.46
C SER A 183 -7.38 14.57 24.51
N LYS A 184 -7.30 14.22 25.79
CA LYS A 184 -7.77 15.12 26.83
C LYS A 184 -7.11 14.74 28.16
N ILE A 185 -6.69 15.76 28.90
CA ILE A 185 -6.13 15.58 30.24
C ILE A 185 -7.18 15.99 31.26
N CYS A 186 -7.44 15.11 32.22
CA CYS A 186 -8.48 15.31 33.21
C CYS A 186 -7.89 15.04 34.59
N PRO A 187 -8.48 15.61 35.64
CA PRO A 187 -8.02 15.29 36.99
C PRO A 187 -8.18 13.81 37.32
N VAL A 188 -7.39 13.36 38.30
CA VAL A 188 -7.42 11.95 38.68
C VAL A 188 -8.75 11.58 39.30
N GLU A 189 -9.42 12.55 39.94
CA GLU A 189 -10.67 12.28 40.63
C GLU A 189 -11.88 12.32 39.71
N THR A 190 -11.77 12.92 38.52
CA THR A 190 -12.91 13.09 37.63
C THR A 190 -12.69 12.50 36.23
N LEU A 191 -11.55 11.86 35.99
CA LEU A 191 -11.28 11.29 34.66
C LEU A 191 -12.35 10.29 34.25
N VAL A 192 -12.77 9.43 35.17
CA VAL A 192 -13.79 8.45 34.87
C VAL A 192 -15.11 9.13 34.52
N GLU A 193 -15.46 10.20 35.24
CA GLU A 193 -16.70 10.91 34.97
C GLU A 193 -16.65 11.59 33.61
N GLU A 194 -15.51 12.18 33.25
CA GLU A 194 -15.38 12.81 31.95
C GLU A 194 -15.46 11.79 30.83
N ALA A 195 -14.83 10.63 31.01
CA ALA A 195 -14.93 9.57 30.01
C ALA A 195 -16.37 9.08 29.88
N ILE A 196 -17.09 8.97 31.00
CA ILE A 196 -18.48 8.54 30.95
C ILE A 196 -19.33 9.56 30.23
N GLN A 197 -19.09 10.85 30.47
CA GLN A 197 -19.85 11.89 29.79
C GLN A 197 -19.55 11.89 28.29
N CYS A 198 -18.29 11.67 27.91
CA CYS A 198 -17.96 11.59 26.49
C CYS A 198 -18.64 10.39 25.84
N ALA A 199 -18.63 9.24 26.52
CA ALA A 199 -19.29 8.06 25.98
C ALA A 199 -20.81 8.25 25.90
N GLU A 200 -21.37 9.02 26.83
CA GLU A 200 -22.79 9.33 26.76
C GLU A 200 -23.11 10.24 25.58
N LYS A 201 -22.25 11.24 25.33
CA LYS A 201 -22.44 12.09 24.15
C LYS A 201 -22.29 11.29 22.87
N ILE A 202 -21.41 10.29 22.86
CA ILE A 202 -21.23 9.45 21.69
C ILE A 202 -22.46 8.58 21.46
N ALA A 203 -22.91 7.89 22.52
CA ALA A 203 -24.01 6.95 22.38
C ALA A 203 -25.34 7.63 22.06
N SER A 204 -25.45 8.93 22.29
CA SER A 204 -26.69 9.64 21.98
C SER A 204 -26.96 9.72 20.49
N ASN A 205 -25.93 9.55 19.65
CA ASN A 205 -26.11 9.61 18.21
C ASN A 205 -26.53 8.24 17.66
N SER A 206 -26.60 8.17 16.34
CA SER A 206 -26.97 6.92 15.67
C SER A 206 -25.83 5.92 15.76
N LYS A 207 -26.10 4.76 16.38
CA LYS A 207 -25.05 3.77 16.61
C LYS A 207 -24.51 3.22 15.30
N ILE A 208 -25.37 3.03 14.31
CA ILE A 208 -24.92 2.52 13.02
C ILE A 208 -24.08 3.56 12.29
N VAL A 209 -24.52 4.82 12.31
CA VAL A 209 -23.74 5.89 11.70
C VAL A 209 -22.44 6.10 12.46
N VAL A 210 -22.47 5.92 13.78
CA VAL A 210 -21.26 6.03 14.58
C VAL A 210 -20.27 4.93 14.20
N ALA A 211 -20.77 3.71 13.99
CA ALA A 211 -19.91 2.61 13.56
C ALA A 211 -19.34 2.87 12.18
N MET A 212 -20.15 3.41 11.27
CA MET A 212 -19.65 3.77 9.95
C MET A 212 -18.55 4.80 10.03
N ALA A 213 -18.73 5.82 10.87
CA ALA A 213 -17.70 6.85 11.04
C ALA A 213 -16.43 6.26 11.65
N LYS A 214 -16.58 5.36 12.63
CA LYS A 214 -15.42 4.71 13.23
C LYS A 214 -14.66 3.90 12.19
N GLU A 215 -15.39 3.18 11.32
CA GLU A 215 -14.74 2.41 10.27
C GLU A 215 -14.02 3.33 9.29
N SER A 216 -14.66 4.45 8.92
CA SER A 216 -14.04 5.39 8.00
C SER A 216 -12.76 5.98 8.59
N VAL A 217 -12.76 6.24 9.90
CA VAL A 217 -11.57 6.79 10.55
C VAL A 217 -10.47 5.73 10.64
N ASN A 218 -10.85 4.50 10.97
CA ASN A 218 -9.86 3.42 11.08
C ASN A 218 -9.27 3.07 9.72
N ALA A 219 -10.00 3.32 8.64
CA ALA A 219 -9.48 3.04 7.31
C ALA A 219 -8.33 3.95 6.92
N ALA A 220 -8.07 5.00 7.70
CA ALA A 220 -6.99 5.92 7.37
C ALA A 220 -5.61 5.30 7.57
N PHE A 221 -5.51 4.22 8.35
CA PHE A 221 -4.24 3.55 8.61
C PHE A 221 -4.06 2.28 7.79
N GLU A 222 -5.01 1.95 6.91
CA GLU A 222 -4.96 0.71 6.14
C GLU A 222 -4.98 0.94 4.64
N MET A 223 -5.25 2.17 4.19
CA MET A 223 -5.37 2.44 2.76
C MET A 223 -4.70 3.77 2.46
N THR A 224 -4.61 4.07 1.17
CA THR A 224 -4.05 5.35 0.72
C THR A 224 -5.08 6.46 0.88
N LEU A 225 -4.64 7.69 0.59
CA LEU A 225 -5.51 8.85 0.71
C LEU A 225 -6.62 8.81 -0.33
N THR A 226 -6.29 8.43 -1.57
CA THR A 226 -7.29 8.38 -2.63
C THR A 226 -8.33 7.29 -2.36
N GLU A 227 -7.87 6.07 -2.09
CA GLU A 227 -8.80 4.99 -1.78
C GLU A 227 -9.52 5.23 -0.47
N GLY A 228 -8.85 5.86 0.49
CA GLY A 228 -9.53 6.25 1.72
C GLY A 228 -10.67 7.21 1.47
N SER A 229 -10.44 8.21 0.62
CA SER A 229 -11.50 9.15 0.28
C SER A 229 -12.61 8.48 -0.51
N LYS A 230 -12.26 7.51 -1.36
CA LYS A 230 -13.28 6.77 -2.10
C LYS A 230 -14.16 5.95 -1.16
N LEU A 231 -13.54 5.26 -0.19
CA LEU A 231 -14.32 4.52 0.79
C LEU A 231 -15.15 5.43 1.66
N GLU A 232 -14.62 6.61 2.00
CA GLU A 232 -15.39 7.59 2.76
C GLU A 232 -16.60 8.07 1.98
N LYS A 233 -16.43 8.32 0.67
CA LYS A 233 -17.54 8.71 -0.18
C LYS A 233 -18.59 7.61 -0.26
N LYS A 234 -18.16 6.36 -0.41
CA LYS A 234 -19.09 5.24 -0.44
C LYS A 234 -19.84 5.06 0.86
N LEU A 235 -19.17 5.24 2.00
CA LEU A 235 -19.85 5.16 3.29
C LEU A 235 -20.82 6.31 3.49
N PHE A 236 -20.46 7.52 3.05
CA PHE A 236 -21.36 8.66 3.14
C PHE A 236 -22.57 8.47 2.23
N TYR A 237 -22.40 7.76 1.11
CA TYR A 237 -23.54 7.42 0.27
C TYR A 237 -24.42 6.36 0.91
N SER A 238 -23.80 5.34 1.53
CA SER A 238 -24.56 4.27 2.15
C SER A 238 -25.30 4.74 3.39
N THR A 239 -24.78 5.76 4.08
CA THR A 239 -25.45 6.24 5.29
C THR A 239 -26.79 6.89 4.94
N PHE A 240 -27.01 7.23 3.68
CA PHE A 240 -28.29 7.80 3.26
C PHE A 240 -29.40 6.76 3.27
N ALA A 241 -29.06 5.48 3.21
CA ALA A 241 -30.05 4.40 3.21
C ALA A 241 -30.56 4.07 4.60
N THR A 242 -30.16 4.81 5.63
CA THR A 242 -30.59 4.57 6.99
C THR A 242 -31.71 5.53 7.37
N ASP A 243 -32.56 5.08 8.30
CA ASP A 243 -33.68 5.92 8.74
C ASP A 243 -33.21 7.04 9.66
N ASP A 244 -32.08 6.85 10.33
CA ASP A 244 -31.58 7.87 11.24
C ASP A 244 -31.09 9.10 10.49
N ARG A 245 -30.60 8.91 9.27
CA ARG A 245 -30.10 10.04 8.48
C ARG A 245 -31.21 11.04 8.18
N LYS A 246 -32.33 10.56 7.63
CA LYS A 246 -33.43 11.46 7.28
C LYS A 246 -34.06 12.05 8.54
N GLU A 247 -34.12 11.28 9.62
CA GLU A 247 -34.65 11.81 10.87
C GLU A 247 -33.80 12.95 11.40
N GLY A 248 -32.48 12.76 11.41
CA GLY A 248 -31.57 13.79 11.85
C GLY A 248 -31.61 15.02 10.96
N MET A 249 -31.70 14.82 9.65
CA MET A 249 -31.77 15.96 8.73
C MET A 249 -33.09 16.71 8.89
N THR A 250 -34.19 16.01 9.13
CA THR A 250 -35.45 16.68 9.39
C THR A 250 -35.41 17.45 10.71
N ALA A 251 -34.79 16.87 11.74
CA ALA A 251 -34.63 17.57 13.00
C ALA A 251 -33.72 18.79 12.87
N PHE A 252 -32.77 18.76 11.94
CA PHE A 252 -31.92 19.91 11.70
C PHE A 252 -32.66 20.99 10.93
N VAL A 253 -33.42 20.59 9.90
CA VAL A 253 -34.21 21.55 9.13
C VAL A 253 -35.23 22.24 10.02
N GLU A 254 -36.13 21.46 10.63
CA GLU A 254 -37.04 21.97 11.65
C GLU A 254 -36.45 21.70 13.03
N LYS A 255 -35.76 22.72 13.52
CA LYS A 255 -35.03 22.63 14.77
C LYS A 255 -35.67 21.95 15.94
N ARG A 256 -35.15 20.79 16.32
CA ARG A 256 -35.69 20.02 17.44
C ARG A 256 -34.66 18.97 17.82
N LYS A 257 -35.06 18.06 18.70
CA LYS A 257 -34.20 16.96 19.13
C LYS A 257 -34.44 15.74 18.26
N ALA A 258 -33.36 15.18 17.71
CA ALA A 258 -33.48 14.04 16.82
C ALA A 258 -33.62 12.75 17.62
N ASN A 259 -34.67 11.98 17.30
CA ASN A 259 -34.92 10.69 17.94
C ASN A 259 -34.37 9.59 17.04
N PHE A 260 -33.28 8.96 17.47
CA PHE A 260 -32.61 7.93 16.70
C PHE A 260 -33.04 6.55 17.18
N LYS A 261 -33.18 5.61 16.23
CA LYS A 261 -33.57 4.25 16.53
C LYS A 261 -32.54 3.23 16.08
N ASP A 262 -31.31 3.64 15.78
CA ASP A 262 -30.23 2.75 15.37
C ASP A 262 -30.58 1.97 14.11
N GLN A 263 -31.20 2.65 13.14
CA GLN A 263 -31.56 2.03 11.87
C GLN A 263 -31.77 3.09 10.80
N ALA B 4 -15.86 38.27 -13.71
CA ALA B 4 -17.21 37.76 -13.85
C ALA B 4 -18.12 38.27 -12.73
N ASN B 5 -19.43 38.09 -12.91
CA ASN B 5 -20.41 38.54 -11.93
C ASN B 5 -20.68 37.39 -10.96
N PHE B 6 -19.96 37.40 -9.84
CA PHE B 6 -20.13 36.37 -8.81
C PHE B 6 -21.06 36.86 -7.71
N GLU B 7 -21.94 35.96 -7.27
CA GLU B 7 -22.92 36.28 -6.24
C GLU B 7 -22.62 35.63 -4.90
N TYR B 8 -21.75 34.62 -4.86
CA TYR B 8 -21.43 33.94 -3.60
C TYR B 8 -20.00 34.17 -3.14
N ILE B 9 -19.06 34.42 -4.04
CA ILE B 9 -17.66 34.61 -3.70
C ILE B 9 -17.16 35.90 -4.30
N ILE B 10 -15.95 36.30 -3.88
CA ILE B 10 -15.26 37.47 -4.40
C ILE B 10 -13.87 37.04 -4.82
N ALA B 11 -13.55 37.23 -6.10
CA ALA B 11 -12.28 36.82 -6.68
C ALA B 11 -11.52 38.04 -7.16
N GLU B 12 -10.30 38.22 -6.68
CA GLU B 12 -9.45 39.32 -7.09
C GLU B 12 -7.99 38.96 -6.82
N LYS B 13 -7.09 39.72 -7.44
CA LYS B 13 -5.66 39.54 -7.27
C LYS B 13 -5.13 40.55 -6.26
N ARG B 14 -4.45 40.05 -5.23
CA ARG B 14 -3.96 40.88 -4.14
C ARG B 14 -2.43 40.82 -4.11
N GLY B 15 -1.84 41.70 -3.31
CA GLY B 15 -0.41 41.79 -3.19
C GLY B 15 0.23 42.56 -4.33
N LYS B 16 1.49 42.97 -4.10
CA LYS B 16 2.23 43.69 -5.11
C LYS B 16 2.55 42.77 -6.27
N ASN B 17 2.57 43.34 -7.49
CA ASN B 17 2.81 42.61 -8.73
C ASN B 17 1.67 41.64 -9.04
N ASN B 18 0.65 41.60 -8.17
CA ASN B 18 -0.57 40.81 -8.38
C ASN B 18 -0.26 39.33 -8.65
N THR B 19 0.47 38.71 -7.72
CA THR B 19 0.82 37.29 -7.85
C THR B 19 0.00 36.38 -6.95
N VAL B 20 -0.95 36.93 -6.19
CA VAL B 20 -1.76 36.16 -5.25
C VAL B 20 -3.23 36.32 -5.62
N GLY B 21 -3.91 35.18 -5.83
CA GLY B 21 -5.32 35.20 -6.11
C GLY B 21 -6.15 34.97 -4.86
N LEU B 22 -7.00 35.93 -4.51
CA LEU B 22 -7.79 35.88 -3.29
C LEU B 22 -9.21 35.46 -3.64
N ILE B 23 -9.63 34.31 -3.13
CA ILE B 23 -11.00 33.82 -3.29
C ILE B 23 -11.68 33.90 -1.93
N GLN B 24 -12.51 34.91 -1.73
CA GLN B 24 -13.18 35.15 -0.46
C GLN B 24 -14.66 34.79 -0.58
N LEU B 25 -15.12 33.87 0.27
CA LEU B 25 -16.53 33.55 0.33
C LEU B 25 -17.29 34.75 0.85
N ASN B 26 -18.44 35.05 0.22
CA ASN B 26 -19.18 36.28 0.50
C ASN B 26 -20.62 35.94 0.89
N ARG B 27 -20.77 34.96 1.78
CA ARG B 27 -22.07 34.61 2.36
C ARG B 27 -22.00 34.79 3.87
N PRO B 28 -22.09 36.04 4.34
CA PRO B 28 -21.95 36.29 5.78
C PRO B 28 -23.21 35.99 6.57
N LYS B 29 -24.39 36.14 5.98
CA LYS B 29 -25.65 35.89 6.68
C LYS B 29 -26.01 34.41 6.74
N ALA B 30 -25.38 33.57 5.90
CA ALA B 30 -25.60 32.13 5.92
C ALA B 30 -24.39 31.38 6.45
N LEU B 31 -23.45 32.10 7.09
CA LEU B 31 -22.23 31.51 7.63
C LEU B 31 -21.44 30.77 6.55
N ASN B 32 -21.49 31.30 5.32
CA ASN B 32 -20.77 30.73 4.18
C ASN B 32 -21.16 29.27 3.94
N ALA B 33 -22.46 29.03 3.77
CA ALA B 33 -22.94 27.69 3.50
C ALA B 33 -22.45 27.21 2.14
N LEU B 34 -21.91 26.00 2.10
CA LEU B 34 -21.36 25.44 0.87
C LEU B 34 -22.49 24.90 0.02
N CYS B 35 -23.06 25.76 -0.82
CA CYS B 35 -24.12 25.36 -1.73
C CYS B 35 -23.53 25.01 -3.09
N ASP B 36 -24.40 24.60 -4.02
CA ASP B 36 -23.94 24.22 -5.35
C ASP B 36 -23.43 25.42 -6.15
N GLY B 37 -24.13 26.55 -6.08
CA GLY B 37 -23.68 27.72 -6.81
C GLY B 37 -22.37 28.27 -6.27
N LEU B 38 -22.20 28.27 -4.94
CA LEU B 38 -20.95 28.73 -4.36
C LEU B 38 -19.79 27.82 -4.75
N ILE B 39 -20.03 26.50 -4.77
CA ILE B 39 -18.98 25.57 -5.18
C ILE B 39 -18.64 25.75 -6.65
N ASP B 40 -19.65 25.98 -7.50
CA ASP B 40 -19.39 26.20 -8.91
C ASP B 40 -18.59 27.48 -9.13
N GLU B 41 -18.94 28.56 -8.42
CA GLU B 41 -18.17 29.79 -8.53
C GLU B 41 -16.75 29.64 -7.99
N LEU B 42 -16.58 28.88 -6.91
CA LEU B 42 -15.24 28.62 -6.39
C LEU B 42 -14.40 27.85 -7.40
N ASN B 43 -14.99 26.85 -8.04
CA ASN B 43 -14.27 26.09 -9.06
C ASN B 43 -13.92 26.97 -10.26
N GLN B 44 -14.84 27.84 -10.68
CA GLN B 44 -14.55 28.75 -11.78
C GLN B 44 -13.40 29.70 -11.43
N ALA B 45 -13.42 30.26 -10.22
CA ALA B 45 -12.35 31.15 -9.81
C ALA B 45 -11.02 30.41 -9.70
N LEU B 46 -11.05 29.17 -9.20
CA LEU B 46 -9.84 28.36 -9.13
C LEU B 46 -9.28 28.08 -10.51
N LYS B 47 -10.14 27.77 -11.47
CA LYS B 47 -9.69 27.53 -12.84
C LYS B 47 -9.10 28.80 -13.45
N THR B 48 -9.75 29.94 -13.21
CA THR B 48 -9.25 31.21 -13.75
C THR B 48 -7.89 31.54 -13.16
N PHE B 49 -7.71 31.31 -11.86
CA PHE B 49 -6.42 31.60 -11.23
C PHE B 49 -5.36 30.58 -11.63
N GLU B 50 -5.78 29.36 -11.96
CA GLU B 50 -4.84 28.35 -12.46
C GLU B 50 -4.37 28.67 -13.87
N GLU B 51 -5.25 29.24 -14.69
CA GLU B 51 -4.91 29.62 -16.07
C GLU B 51 -4.35 31.04 -16.15
N ASP B 52 -3.91 31.60 -15.02
CA ASP B 52 -3.33 32.94 -15.01
C ASP B 52 -1.83 32.84 -14.83
N PRO B 53 -1.02 33.23 -15.80
CA PRO B 53 0.44 33.09 -15.67
C PRO B 53 1.01 33.98 -14.57
N ALA B 54 0.37 35.11 -14.30
CA ALA B 54 0.85 36.05 -13.29
C ALA B 54 0.53 35.62 -11.87
N VAL B 55 -0.27 34.57 -11.69
CA VAL B 55 -0.66 34.09 -10.36
C VAL B 55 0.14 32.85 -10.05
N GLY B 56 0.79 32.85 -8.89
CA GLY B 56 1.60 31.71 -8.48
C GLY B 56 1.07 31.00 -7.24
N ALA B 57 0.15 31.65 -6.53
CA ALA B 57 -0.43 31.07 -5.33
C ALA B 57 -1.82 31.63 -5.14
N ILE B 58 -2.66 30.85 -4.47
CA ILE B 58 -4.06 31.20 -4.22
C ILE B 58 -4.29 31.21 -2.72
N VAL B 59 -5.09 32.17 -2.25
CA VAL B 59 -5.47 32.28 -0.85
C VAL B 59 -6.98 32.15 -0.77
N LEU B 60 -7.45 31.15 -0.02
CA LEU B 60 -8.88 30.89 0.16
C LEU B 60 -9.27 31.29 1.57
N THR B 61 -10.23 32.21 1.68
CA THR B 61 -10.69 32.70 2.96
C THR B 61 -12.20 32.93 2.91
N GLY B 62 -12.79 33.16 4.08
CA GLY B 62 -14.20 33.44 4.17
C GLY B 62 -14.49 34.75 4.88
N GLY B 63 -15.32 34.70 5.92
CA GLY B 63 -15.62 35.86 6.73
C GLY B 63 -14.81 35.89 8.01
N ASP B 64 -14.95 37.00 8.73
CA ASP B 64 -14.22 37.16 9.99
C ASP B 64 -14.81 36.28 11.09
N LYS B 65 -16.13 36.05 11.03
CA LYS B 65 -16.80 35.26 12.06
C LYS B 65 -17.06 33.82 11.63
N ALA B 66 -16.92 33.51 10.33
CA ALA B 66 -17.16 32.16 9.85
C ALA B 66 -16.45 31.95 8.53
N PHE B 67 -15.67 30.87 8.44
CA PHE B 67 -15.02 30.50 7.18
C PHE B 67 -16.00 29.75 6.28
N ALA B 68 -16.50 28.61 6.76
CA ALA B 68 -17.53 27.85 6.07
C ALA B 68 -18.19 26.88 7.05
N ALA B 69 -19.49 27.07 7.30
CA ALA B 69 -20.21 26.30 8.31
C ALA B 69 -20.90 25.07 7.76
N GLY B 70 -20.39 24.50 6.68
CA GLY B 70 -20.94 23.27 6.14
C GLY B 70 -21.87 23.51 4.97
N ALA B 71 -22.27 22.43 4.33
CA ALA B 71 -23.14 22.49 3.16
C ALA B 71 -24.58 22.76 3.58
N ASP B 72 -25.42 23.02 2.59
CA ASP B 72 -26.84 23.20 2.82
C ASP B 72 -27.52 21.86 3.07
N ILE B 73 -28.21 21.74 4.19
CA ILE B 73 -28.86 20.49 4.53
C ILE B 73 -30.19 20.34 3.79
N LYS B 74 -30.85 21.46 3.47
CA LYS B 74 -32.14 21.38 2.79
C LYS B 74 -32.01 20.74 1.42
N GLU B 75 -30.94 21.03 0.70
CA GLU B 75 -30.73 20.46 -0.63
C GLU B 75 -30.24 19.01 -0.58
N MET B 76 -30.11 18.41 0.60
CA MET B 76 -29.63 17.04 0.69
C MET B 76 -30.46 16.15 1.62
N GLN B 77 -31.60 16.62 2.13
CA GLN B 77 -32.42 15.79 2.99
C GLN B 77 -33.26 14.82 2.17
N ASN B 78 -33.86 15.28 1.08
CA ASN B 78 -34.73 14.43 0.27
C ASN B 78 -33.92 13.44 -0.56
N LEU B 79 -32.60 13.63 -0.64
CA LEU B 79 -31.75 12.73 -1.39
C LEU B 79 -31.79 11.33 -0.82
N SER B 80 -31.87 10.34 -1.72
CA SER B 80 -31.91 8.94 -1.34
C SER B 80 -30.56 8.28 -1.62
N PHE B 81 -30.47 6.99 -1.30
CA PHE B 81 -29.23 6.26 -1.51
C PHE B 81 -28.91 6.14 -3.00
N GLN B 82 -29.92 5.88 -3.83
CA GLN B 82 -29.67 5.74 -5.26
C GLN B 82 -29.27 7.07 -5.88
N ASP B 83 -29.92 8.17 -5.49
CA ASP B 83 -29.56 9.47 -6.01
C ASP B 83 -28.19 9.92 -5.49
N CYS B 84 -27.64 9.38 -4.42
CA CYS B 84 -26.27 9.76 -4.05
C CYS B 84 -25.25 9.07 -4.93
N TYR B 85 -25.29 7.76 -5.01
CA TYR B 85 -24.36 6.97 -5.81
C TYR B 85 -24.33 7.34 -7.29
N SER B 86 -25.45 7.58 -7.89
CA SER B 86 -25.54 7.90 -9.29
C SER B 86 -25.07 9.18 -9.76
N SER B 87 -25.65 10.22 -9.23
CA SER B 87 -25.18 11.54 -9.58
C SER B 87 -23.86 11.84 -8.91
N LYS B 88 -23.34 10.91 -8.12
CA LYS B 88 -22.12 11.10 -7.35
C LYS B 88 -22.17 12.37 -6.53
N PHE B 89 -23.10 12.43 -5.60
CA PHE B 89 -23.30 13.58 -4.78
C PHE B 89 -22.01 14.13 -4.18
N LEU B 90 -21.85 15.44 -4.27
CA LEU B 90 -20.62 16.07 -3.76
C LEU B 90 -19.40 15.62 -4.56
N LYS B 91 -19.54 15.59 -5.89
CA LYS B 91 -18.44 15.23 -6.79
C LYS B 91 -17.57 16.42 -7.16
N HIS B 92 -18.11 17.63 -7.15
CA HIS B 92 -17.34 18.83 -7.45
C HIS B 92 -16.66 19.42 -6.22
N TRP B 93 -16.74 18.74 -5.08
CA TRP B 93 -16.18 19.24 -3.83
C TRP B 93 -14.68 18.98 -3.69
N ASP B 94 -14.08 18.23 -4.62
CA ASP B 94 -12.67 17.90 -4.54
C ASP B 94 -11.87 18.52 -5.69
N HIS B 95 -12.35 19.61 -6.28
CA HIS B 95 -11.60 20.28 -7.34
C HIS B 95 -10.40 21.04 -6.79
N LEU B 96 -10.39 21.35 -5.49
CA LEU B 96 -9.23 22.02 -4.90
C LEU B 96 -8.02 21.11 -4.85
N THR B 97 -8.23 19.79 -4.80
CA THR B 97 -7.13 18.85 -4.75
C THR B 97 -6.49 18.61 -6.11
N GLN B 98 -7.09 19.12 -7.19
CA GLN B 98 -6.53 18.98 -8.52
C GLN B 98 -5.69 20.17 -8.95
N VAL B 99 -5.71 21.26 -8.18
CA VAL B 99 -4.92 22.44 -8.52
C VAL B 99 -3.44 22.12 -8.31
N LYS B 100 -2.60 22.66 -9.19
CA LYS B 100 -1.16 22.47 -9.08
C LYS B 100 -0.48 23.57 -8.30
N LYS B 101 -1.06 24.78 -8.28
CA LYS B 101 -0.49 25.87 -7.51
C LYS B 101 -0.93 25.77 -6.05
N PRO B 102 -0.08 26.20 -5.12
CA PRO B 102 -0.44 26.09 -3.69
C PRO B 102 -1.61 26.97 -3.34
N VAL B 103 -2.48 26.45 -2.48
CA VAL B 103 -3.65 27.17 -1.99
C VAL B 103 -3.55 27.26 -0.47
N ILE B 104 -3.52 28.49 0.04
CA ILE B 104 -3.40 28.74 1.48
C ILE B 104 -4.79 29.07 2.02
N ALA B 105 -5.23 28.30 3.01
CA ALA B 105 -6.55 28.48 3.60
C ALA B 105 -6.44 29.42 4.80
N ALA B 106 -7.08 30.60 4.69
CA ALA B 106 -7.13 31.57 5.77
C ALA B 106 -8.47 31.38 6.48
N VAL B 107 -8.45 30.57 7.53
CA VAL B 107 -9.67 30.19 8.24
C VAL B 107 -9.89 31.16 9.39
N ASN B 108 -10.97 31.92 9.32
CA ASN B 108 -11.38 32.82 10.38
C ASN B 108 -12.79 32.47 10.83
N GLY B 109 -12.96 32.29 12.14
CA GLY B 109 -14.29 31.97 12.66
C GLY B 109 -14.58 30.49 12.63
N TYR B 110 -15.77 30.14 12.16
CA TYR B 110 -16.24 28.76 12.17
C TYR B 110 -15.84 28.06 10.88
N ALA B 111 -15.21 26.89 11.02
CA ALA B 111 -14.94 25.99 9.91
C ALA B 111 -15.50 24.63 10.29
N PHE B 112 -16.79 24.44 10.01
CA PHE B 112 -17.53 23.26 10.46
C PHE B 112 -17.99 22.44 9.26
N GLY B 113 -17.92 21.12 9.41
CA GLY B 113 -18.39 20.21 8.38
C GLY B 113 -17.61 20.31 7.08
N GLY B 114 -18.26 20.80 6.02
CA GLY B 114 -17.60 20.94 4.75
C GLY B 114 -16.48 21.97 4.77
N GLY B 115 -16.60 22.96 5.67
CA GLY B 115 -15.57 23.97 5.77
C GLY B 115 -14.24 23.42 6.24
N CYS B 116 -14.28 22.56 7.27
CA CYS B 116 -13.05 21.93 7.76
C CYS B 116 -12.43 21.03 6.70
N GLU B 117 -13.26 20.33 5.92
CA GLU B 117 -12.73 19.48 4.85
C GLU B 117 -12.09 20.31 3.75
N LEU B 118 -12.75 21.42 3.35
CA LEU B 118 -12.18 22.29 2.33
C LEU B 118 -10.88 22.93 2.82
N ALA B 119 -10.79 23.22 4.12
CA ALA B 119 -9.55 23.77 4.67
C ALA B 119 -8.45 22.72 4.68
N MET B 120 -8.76 21.50 5.10
CA MET B 120 -7.77 20.43 5.14
C MET B 120 -7.30 20.03 3.74
N MET B 121 -8.15 20.20 2.72
CA MET B 121 -7.73 19.90 1.36
C MET B 121 -6.69 20.89 0.84
N CYS B 122 -6.56 22.06 1.46
CA CYS B 122 -5.55 23.01 1.07
C CYS B 122 -4.18 22.57 1.58
N ASP B 123 -3.13 23.15 0.98
CA ASP B 123 -1.77 22.78 1.37
C ASP B 123 -1.39 23.40 2.70
N ILE B 124 -1.66 24.68 2.89
CA ILE B 124 -1.33 25.40 4.11
C ILE B 124 -2.59 25.98 4.70
N ILE B 125 -2.76 25.84 6.01
CA ILE B 125 -3.94 26.32 6.73
C ILE B 125 -3.50 27.38 7.72
N TYR B 126 -4.02 28.60 7.53
CA TYR B 126 -3.78 29.71 8.45
C TYR B 126 -5.07 30.02 9.21
N ALA B 127 -5.02 29.95 10.52
CA ALA B 127 -6.20 30.11 11.36
C ALA B 127 -6.04 31.32 12.28
N GLY B 128 -7.16 31.97 12.58
CA GLY B 128 -7.16 33.08 13.50
C GLY B 128 -7.17 32.61 14.95
N GLU B 129 -7.04 33.59 15.86
CA GLU B 129 -7.01 33.26 17.28
C GLU B 129 -8.33 32.68 17.75
N LYS B 130 -9.44 33.10 17.14
CA LYS B 130 -10.76 32.62 17.49
C LYS B 130 -11.30 31.59 16.51
N ALA B 131 -10.45 31.03 15.66
CA ALA B 131 -10.92 30.03 14.70
C ALA B 131 -11.24 28.72 15.40
N GLN B 132 -12.31 28.07 14.95
CA GLN B 132 -12.77 26.81 15.51
C GLN B 132 -12.98 25.80 14.39
N PHE B 133 -12.60 24.55 14.64
CA PHE B 133 -12.75 23.46 13.69
C PHE B 133 -13.57 22.35 14.33
N ALA B 134 -14.48 21.77 13.55
CA ALA B 134 -15.33 20.69 14.04
C ALA B 134 -15.93 19.95 12.86
N GLN B 135 -16.45 18.74 13.14
CA GLN B 135 -17.13 17.91 12.17
C GLN B 135 -18.46 17.47 12.77
N PRO B 136 -19.49 18.31 12.68
CA PRO B 136 -20.79 18.00 13.30
C PRO B 136 -21.68 17.08 12.49
N GLU B 137 -21.13 16.36 11.50
CA GLU B 137 -21.95 15.49 10.66
C GLU B 137 -22.66 14.41 11.47
N ILE B 138 -22.03 13.94 12.55
CA ILE B 138 -22.58 12.87 13.37
C ILE B 138 -23.84 13.33 14.08
N LEU B 139 -23.99 14.65 14.23
CA LEU B 139 -25.15 15.19 14.92
C LEU B 139 -26.42 15.15 14.08
N ILE B 140 -26.29 15.12 12.75
CA ILE B 140 -27.45 15.11 11.86
C ILE B 140 -27.66 13.73 11.24
N GLY B 141 -26.93 12.71 11.71
CA GLY B 141 -27.14 11.36 11.23
C GLY B 141 -26.33 10.97 10.02
N THR B 142 -25.22 11.66 9.73
CA THR B 142 -24.37 11.33 8.60
C THR B 142 -22.91 11.37 9.05
N ILE B 143 -22.01 11.15 8.10
CA ILE B 143 -20.57 11.19 8.38
C ILE B 143 -19.95 12.16 7.39
N PRO B 144 -18.79 12.72 7.73
CA PRO B 144 -18.07 13.57 6.76
C PRO B 144 -17.69 12.76 5.54
N GLY B 145 -18.01 13.30 4.36
CA GLY B 145 -17.77 12.58 3.12
C GLY B 145 -16.93 13.34 2.10
N ALA B 146 -16.09 14.25 2.57
CA ALA B 146 -15.22 15.01 1.67
C ALA B 146 -13.82 15.10 2.28
N GLY B 147 -13.36 14.01 2.87
CA GLY B 147 -12.04 13.97 3.47
C GLY B 147 -11.99 14.37 4.93
N GLY B 148 -13.13 14.51 5.59
CA GLY B 148 -13.17 14.89 6.99
C GLY B 148 -12.67 13.86 7.97
N THR B 149 -12.43 12.63 7.50
CA THR B 149 -11.94 11.55 8.37
C THR B 149 -10.54 11.10 7.96
N GLN B 150 -10.29 10.97 6.66
CA GLN B 150 -8.99 10.51 6.17
C GLN B 150 -7.90 11.53 6.48
N ARG B 151 -8.09 12.77 6.05
CA ARG B 151 -7.07 13.79 6.26
C ARG B 151 -6.97 14.18 7.73
N LEU B 152 -8.11 14.23 8.43
CA LEU B 152 -8.10 14.63 9.83
C LEU B 152 -7.32 13.63 10.68
N THR B 153 -7.57 12.34 10.46
CA THR B 153 -6.86 11.31 11.23
C THR B 153 -5.37 11.31 10.91
N ARG B 154 -5.00 11.57 9.65
CA ARG B 154 -3.60 11.62 9.28
C ARG B 154 -2.92 12.88 9.84
N ALA B 155 -3.68 13.93 10.09
CA ALA B 155 -3.09 15.19 10.54
C ALA B 155 -2.94 15.23 12.05
N VAL B 156 -4.04 15.08 12.78
CA VAL B 156 -4.05 15.26 14.23
C VAL B 156 -3.91 13.94 14.99
N GLY B 157 -4.03 12.80 14.34
CA GLY B 157 -3.92 11.53 15.01
C GLY B 157 -5.25 10.79 15.08
N LYS B 158 -5.19 9.58 15.64
CA LYS B 158 -6.38 8.74 15.72
C LYS B 158 -7.34 9.23 16.81
N SER B 159 -6.81 9.54 17.99
CA SER B 159 -7.64 9.87 19.14
C SER B 159 -8.46 11.13 18.92
N LEU B 160 -7.78 12.23 18.56
CA LEU B 160 -8.48 13.51 18.41
C LEU B 160 -9.47 13.46 17.25
N ALA B 161 -9.09 12.82 16.15
CA ALA B 161 -10.00 12.70 15.01
C ALA B 161 -11.22 11.87 15.38
N MET B 162 -11.02 10.74 16.06
CA MET B 162 -12.13 9.92 16.51
C MET B 162 -13.07 10.69 17.42
N GLU B 163 -12.50 11.47 18.35
CA GLU B 163 -13.32 12.27 19.25
C GLU B 163 -14.13 13.30 18.48
N MET B 164 -13.48 14.05 17.59
CA MET B 164 -14.16 15.10 16.84
C MET B 164 -15.22 14.54 15.92
N VAL B 165 -15.02 13.31 15.42
CA VAL B 165 -15.98 12.73 14.48
C VAL B 165 -17.17 12.12 15.23
N LEU B 166 -16.90 11.39 16.32
CA LEU B 166 -17.99 10.72 17.03
C LEU B 166 -18.74 11.65 17.97
N THR B 167 -18.17 12.80 18.31
CA THR B 167 -18.83 13.75 19.20
C THR B 167 -19.27 15.04 18.51
N GLY B 168 -18.55 15.48 17.49
CA GLY B 168 -18.87 16.74 16.84
C GLY B 168 -18.45 17.97 17.61
N ASP B 169 -17.60 17.82 18.62
CA ASP B 169 -17.17 18.96 19.43
C ASP B 169 -16.18 19.81 18.67
N ARG B 170 -16.16 21.10 19.00
CA ARG B 170 -15.25 22.04 18.35
C ARG B 170 -13.91 22.07 19.08
N ILE B 171 -12.85 22.36 18.34
CA ILE B 171 -11.50 22.49 18.88
C ILE B 171 -11.00 23.89 18.61
N SER B 172 -10.22 24.43 19.53
CA SER B 172 -9.67 25.77 19.37
C SER B 172 -8.54 25.77 18.35
N ALA B 173 -8.16 26.96 17.90
CA ALA B 173 -7.06 27.11 16.95
C ALA B 173 -5.75 26.64 17.56
N GLN B 174 -5.58 26.86 18.86
CA GLN B 174 -4.38 26.39 19.55
C GLN B 174 -4.33 24.86 19.55
N ASP B 175 -5.49 24.22 19.68
CA ASP B 175 -5.54 22.76 19.63
C ASP B 175 -5.14 22.25 18.25
N ALA B 176 -5.64 22.90 17.18
CA ALA B 176 -5.27 22.51 15.84
C ALA B 176 -3.79 22.78 15.57
N LYS B 177 -3.23 23.81 16.21
CA LYS B 177 -1.81 24.12 16.04
C LYS B 177 -0.93 23.08 16.72
N GLN B 178 -1.27 22.74 17.97
CA GLN B 178 -0.48 21.74 18.69
C GLN B 178 -0.68 20.34 18.14
N ALA B 179 -1.81 20.10 17.48
CA ALA B 179 -2.08 18.80 16.89
C ALA B 179 -1.54 18.68 15.46
N GLY B 180 -1.20 19.79 14.82
CA GLY B 180 -0.67 19.76 13.47
C GLY B 180 -1.67 20.03 12.37
N LEU B 181 -2.92 20.38 12.73
CA LEU B 181 -3.92 20.65 11.70
C LEU B 181 -3.62 21.95 10.96
N VAL B 182 -3.21 22.98 11.69
CA VAL B 182 -2.84 24.26 11.10
C VAL B 182 -1.34 24.48 11.32
N SER B 183 -0.79 25.47 10.63
CA SER B 183 0.64 25.75 10.68
C SER B 183 1.00 27.06 11.35
N LYS B 184 0.06 27.98 11.52
CA LYS B 184 0.35 29.27 12.12
C LYS B 184 -0.93 29.90 12.63
N ILE B 185 -0.84 30.52 13.81
CA ILE B 185 -1.94 31.27 14.40
C ILE B 185 -1.66 32.75 14.24
N CYS B 186 -2.63 33.49 13.69
CA CYS B 186 -2.49 34.90 13.41
C CYS B 186 -3.70 35.63 13.97
N PRO B 187 -3.56 36.94 14.25
CA PRO B 187 -4.72 37.71 14.69
C PRO B 187 -5.80 37.74 13.62
N VAL B 188 -7.05 37.97 14.07
CA VAL B 188 -8.18 37.99 13.14
C VAL B 188 -8.07 39.15 12.17
N GLU B 189 -7.56 40.29 12.65
CA GLU B 189 -7.47 41.48 11.81
C GLU B 189 -6.33 41.43 10.81
N THR B 190 -5.37 40.51 10.98
CA THR B 190 -4.21 40.43 10.11
C THR B 190 -4.01 39.06 9.48
N LEU B 191 -4.93 38.10 9.70
CA LEU B 191 -4.76 36.76 9.15
C LEU B 191 -4.70 36.78 7.62
N VAL B 192 -5.58 37.56 7.00
CA VAL B 192 -5.64 37.60 5.54
C VAL B 192 -4.34 38.16 4.97
N GLU B 193 -3.81 39.21 5.61
CA GLU B 193 -2.59 39.83 5.10
C GLU B 193 -1.38 38.92 5.29
N GLU B 194 -1.32 38.20 6.40
CA GLU B 194 -0.23 37.25 6.60
C GLU B 194 -0.31 36.10 5.60
N ALA B 195 -1.52 35.62 5.32
CA ALA B 195 -1.68 34.60 4.30
C ALA B 195 -1.27 35.11 2.93
N ILE B 196 -1.58 36.38 2.63
CA ILE B 196 -1.19 36.97 1.36
C ILE B 196 0.33 37.10 1.27
N GLN B 197 0.97 37.46 2.38
CA GLN B 197 2.43 37.56 2.39
C GLN B 197 3.08 36.19 2.20
N CYS B 198 2.51 35.16 2.83
CA CYS B 198 3.03 33.81 2.63
C CYS B 198 2.86 33.35 1.19
N ALA B 199 1.70 33.65 0.59
CA ALA B 199 1.49 33.29 -0.81
C ALA B 199 2.40 34.08 -1.74
N GLU B 200 2.75 35.32 -1.37
CA GLU B 200 3.71 36.08 -2.15
C GLU B 200 5.11 35.48 -2.04
N LYS B 201 5.51 35.05 -0.85
CA LYS B 201 6.79 34.38 -0.70
C LYS B 201 6.82 33.06 -1.49
N ILE B 202 5.68 32.39 -1.56
CA ILE B 202 5.61 31.15 -2.34
C ILE B 202 5.71 31.43 -3.83
N ALA B 203 4.93 32.40 -4.32
CA ALA B 203 4.91 32.69 -5.75
C ALA B 203 6.21 33.33 -6.24
N SER B 204 7.05 33.85 -5.33
CA SER B 204 8.31 34.44 -5.74
C SER B 204 9.28 33.41 -6.30
N ASN B 205 9.09 32.13 -5.99
CA ASN B 205 9.95 31.08 -6.50
C ASN B 205 9.45 30.59 -7.87
N SER B 206 10.13 29.58 -8.39
CA SER B 206 9.76 29.00 -9.68
C SER B 206 8.47 28.19 -9.54
N LYS B 207 7.49 28.47 -10.40
CA LYS B 207 6.18 27.83 -10.26
C LYS B 207 6.25 26.34 -10.55
N ILE B 208 7.08 25.93 -11.52
CA ILE B 208 7.18 24.52 -11.86
C ILE B 208 7.87 23.73 -10.76
N VAL B 209 8.96 24.28 -10.20
CA VAL B 209 9.63 23.62 -9.08
C VAL B 209 8.74 23.59 -7.85
N VAL B 210 7.96 24.66 -7.65
CA VAL B 210 7.02 24.69 -6.53
C VAL B 210 5.94 23.60 -6.69
N ALA B 211 5.44 23.42 -7.92
CA ALA B 211 4.46 22.38 -8.17
C ALA B 211 5.07 20.99 -7.98
N MET B 212 6.32 20.80 -8.40
CA MET B 212 6.99 19.54 -8.19
C MET B 212 7.16 19.24 -6.70
N ALA B 213 7.52 20.26 -5.92
CA ALA B 213 7.65 20.09 -4.48
C ALA B 213 6.30 19.77 -3.84
N LYS B 214 5.24 20.43 -4.31
CA LYS B 214 3.90 20.14 -3.80
C LYS B 214 3.50 18.70 -4.09
N GLU B 215 3.80 18.22 -5.30
CA GLU B 215 3.50 16.84 -5.64
C GLU B 215 4.32 15.87 -4.79
N SER B 216 5.60 16.19 -4.56
CA SER B 216 6.44 15.32 -3.74
C SER B 216 5.91 15.25 -2.31
N VAL B 217 5.42 16.38 -1.79
CA VAL B 217 4.87 16.39 -0.44
C VAL B 217 3.57 15.61 -0.38
N ASN B 218 2.71 15.79 -1.39
CA ASN B 218 1.43 15.08 -1.42
C ASN B 218 1.61 13.58 -1.60
N ALA B 219 2.71 13.16 -2.24
CA ALA B 219 2.96 11.74 -2.43
C ALA B 219 3.25 11.01 -1.11
N ALA B 220 3.45 11.74 -0.01
CA ALA B 220 3.72 11.10 1.27
C ALA B 220 2.51 10.38 1.83
N PHE B 221 1.31 10.69 1.35
CA PHE B 221 0.08 10.07 1.83
C PHE B 221 -0.45 9.01 0.88
N GLU B 222 0.26 8.72 -0.21
CA GLU B 222 -0.21 7.78 -1.22
C GLU B 222 0.75 6.62 -1.46
N MET B 223 1.99 6.71 -1.01
CA MET B 223 2.97 5.67 -1.27
C MET B 223 3.76 5.40 0.00
N THR B 224 4.51 4.30 -0.02
CA THR B 224 5.36 3.94 1.09
C THR B 224 6.56 4.88 1.19
N LEU B 225 7.34 4.69 2.26
CA LEU B 225 8.51 5.54 2.46
C LEU B 225 9.58 5.28 1.41
N THR B 226 9.79 4.02 1.04
CA THR B 226 10.79 3.69 0.03
C THR B 226 10.39 4.24 -1.34
N GLU B 227 9.17 3.93 -1.77
CA GLU B 227 8.70 4.45 -3.05
C GLU B 227 8.53 5.96 -3.03
N GLY B 228 8.15 6.52 -1.87
CA GLY B 228 8.12 7.97 -1.75
C GLY B 228 9.49 8.60 -1.94
N SER B 229 10.51 8.00 -1.35
CA SER B 229 11.87 8.49 -1.53
C SER B 229 12.34 8.33 -2.97
N LYS B 230 11.94 7.22 -3.61
CA LYS B 230 12.30 7.02 -5.01
C LYS B 230 11.65 8.08 -5.91
N LEU B 231 10.38 8.37 -5.67
CA LEU B 231 9.70 9.42 -6.45
C LEU B 231 10.29 10.79 -6.16
N GLU B 232 10.68 11.05 -4.91
CA GLU B 232 11.35 12.31 -4.58
C GLU B 232 12.68 12.43 -5.31
N LYS B 233 13.42 11.32 -5.38
CA LYS B 233 14.69 11.31 -6.12
C LYS B 233 14.47 11.58 -7.60
N LYS B 234 13.48 10.93 -8.20
CA LYS B 234 13.16 11.16 -9.61
C LYS B 234 12.73 12.60 -9.87
N LEU B 235 11.95 13.20 -8.98
CA LEU B 235 11.56 14.60 -9.15
C LEU B 235 12.76 15.53 -8.97
N PHE B 236 13.63 15.24 -8.01
CA PHE B 236 14.83 16.05 -7.82
C PHE B 236 15.76 15.96 -9.04
N TYR B 237 15.80 14.80 -9.68
CA TYR B 237 16.57 14.65 -10.91
C TYR B 237 15.91 15.40 -12.07
N SER B 238 14.58 15.36 -12.16
CA SER B 238 13.88 16.06 -13.23
C SER B 238 13.96 17.58 -13.06
N THR B 239 14.13 18.06 -11.83
CA THR B 239 14.27 19.51 -11.61
C THR B 239 15.49 20.06 -12.33
N PHE B 240 16.52 19.24 -12.51
CA PHE B 240 17.74 19.68 -13.18
C PHE B 240 17.53 20.01 -14.65
N ALA B 241 16.42 19.55 -15.24
CA ALA B 241 16.13 19.80 -16.64
C ALA B 241 15.46 21.15 -16.89
N THR B 242 15.26 21.95 -15.85
CA THR B 242 14.63 23.25 -15.97
C THR B 242 15.68 24.35 -15.95
N ASP B 243 15.37 25.45 -16.63
CA ASP B 243 16.28 26.60 -16.64
C ASP B 243 16.27 27.30 -15.30
N ASP B 244 15.17 27.23 -14.56
CA ASP B 244 15.07 27.89 -13.26
C ASP B 244 16.01 27.26 -12.25
N ARG B 245 16.25 25.95 -12.34
CA ARG B 245 17.20 25.31 -11.43
C ARG B 245 18.60 25.87 -11.64
N LYS B 246 19.06 25.92 -12.89
CA LYS B 246 20.38 26.48 -13.18
C LYS B 246 20.45 27.94 -12.80
N GLU B 247 19.37 28.70 -13.03
CA GLU B 247 19.35 30.11 -12.67
C GLU B 247 19.49 30.29 -11.16
N GLY B 248 18.75 29.50 -10.38
CA GLY B 248 18.83 29.62 -8.94
C GLY B 248 20.18 29.20 -8.39
N MET B 249 20.74 28.13 -8.94
CA MET B 249 22.06 27.70 -8.49
C MET B 249 23.14 28.72 -8.86
N THR B 250 23.03 29.35 -10.03
CA THR B 250 23.98 30.39 -10.40
C THR B 250 23.82 31.62 -9.50
N ALA B 251 22.58 31.99 -9.17
CA ALA B 251 22.35 33.11 -8.27
C ALA B 251 22.85 32.81 -6.87
N PHE B 252 22.85 31.54 -6.48
CA PHE B 252 23.42 31.16 -5.19
C PHE B 252 24.94 31.22 -5.22
N VAL B 253 25.53 30.77 -6.34
CA VAL B 253 27.00 30.81 -6.46
C VAL B 253 27.48 32.26 -6.45
N GLU B 254 27.05 33.04 -7.44
CA GLU B 254 27.31 34.48 -7.45
C GLU B 254 26.11 35.17 -6.78
N LYS B 255 26.33 35.49 -5.51
CA LYS B 255 25.27 36.05 -4.68
C LYS B 255 24.46 37.20 -5.21
N ARG B 256 23.21 36.95 -5.60
CA ARG B 256 22.34 37.97 -6.17
C ARG B 256 20.90 37.50 -6.04
N LYS B 257 20.00 38.20 -6.72
CA LYS B 257 18.59 37.84 -6.71
C LYS B 257 18.28 37.00 -7.94
N ALA B 258 17.66 35.85 -7.73
CA ALA B 258 17.38 34.93 -8.82
C ALA B 258 16.12 35.35 -9.57
N ASN B 259 16.25 35.56 -10.88
CA ASN B 259 15.12 35.91 -11.73
C ASN B 259 14.60 34.64 -12.41
N PHE B 260 13.43 34.19 -11.97
CA PHE B 260 12.83 32.96 -12.47
C PHE B 260 11.83 33.27 -13.58
N LYS B 261 11.75 32.36 -14.55
CA LYS B 261 10.85 32.51 -15.68
C LYS B 261 9.85 31.37 -15.81
N ASP B 262 9.64 30.59 -14.74
CA ASP B 262 8.68 29.49 -14.72
C ASP B 262 8.97 28.44 -15.79
N GLN B 263 10.26 28.19 -16.05
CA GLN B 263 10.65 27.17 -17.04
C GLN B 263 12.05 26.64 -16.74
N ALA C 4 40.03 5.15 9.74
CA ALA C 4 41.03 5.88 8.95
C ALA C 4 41.16 7.33 9.43
N ASN C 5 42.14 8.03 8.89
CA ASN C 5 42.40 9.42 9.25
C ASN C 5 41.45 10.31 8.43
N PHE C 6 40.49 10.92 9.12
CA PHE C 6 39.49 11.76 8.48
C PHE C 6 39.92 13.22 8.55
N GLU C 7 39.51 13.99 7.54
CA GLU C 7 39.79 15.42 7.48
C GLU C 7 38.55 16.29 7.59
N TYR C 8 37.36 15.73 7.42
CA TYR C 8 36.11 16.47 7.57
C TYR C 8 35.33 16.14 8.83
N ILE C 9 35.48 14.93 9.36
CA ILE C 9 34.73 14.49 10.52
C ILE C 9 35.70 14.00 11.59
N ILE C 10 35.17 13.79 12.80
CA ILE C 10 35.91 13.25 13.93
C ILE C 10 35.13 12.06 14.47
N ALA C 11 35.75 10.89 14.47
CA ALA C 11 35.12 9.66 14.92
C ALA C 11 35.85 9.14 16.15
N GLU C 12 35.09 8.88 17.23
CA GLU C 12 35.66 8.36 18.46
C GLU C 12 34.55 7.69 19.25
N LYS C 13 34.97 6.91 20.26
CA LYS C 13 34.04 6.23 21.15
C LYS C 13 33.97 7.00 22.46
N ARG C 14 32.75 7.34 22.88
CA ARG C 14 32.52 8.15 24.06
C ARG C 14 31.69 7.36 25.07
N GLY C 15 31.56 7.93 26.27
CA GLY C 15 30.80 7.29 27.33
C GLY C 15 31.57 6.18 28.02
N LYS C 16 31.10 5.82 29.20
CA LYS C 16 31.71 4.73 29.95
C LYS C 16 31.44 3.40 29.26
N ASN C 17 32.40 2.48 29.38
CA ASN C 17 32.45 1.16 28.75
C ASN C 17 32.70 1.27 27.24
N ASN C 18 32.80 2.48 26.68
CA ASN C 18 33.08 2.69 25.27
C ASN C 18 32.09 1.95 24.37
N THR C 19 30.80 2.20 24.61
CA THR C 19 29.75 1.56 23.84
C THR C 19 29.01 2.51 22.91
N VAL C 20 29.41 3.78 22.86
CA VAL C 20 28.75 4.79 22.04
C VAL C 20 29.77 5.36 21.06
N GLY C 21 29.44 5.31 19.77
CA GLY C 21 30.30 5.88 18.74
C GLY C 21 29.87 7.29 18.37
N LEU C 22 30.78 8.24 18.53
CA LEU C 22 30.48 9.66 18.27
C LEU C 22 31.10 10.05 16.93
N ILE C 23 30.25 10.43 15.99
CA ILE C 23 30.68 10.92 14.68
C ILE C 23 30.38 12.42 14.63
N GLN C 24 31.41 13.24 14.83
CA GLN C 24 31.26 14.69 14.89
C GLN C 24 31.76 15.32 13.61
N LEU C 25 30.89 16.08 12.94
CA LEU C 25 31.29 16.83 11.76
C LEU C 25 32.23 17.97 12.18
N ASN C 26 33.33 18.14 11.45
CA ASN C 26 34.38 19.08 11.83
C ASN C 26 34.65 20.05 10.68
N ARG C 27 33.58 20.60 10.11
CA ARG C 27 33.67 21.63 9.08
C ARG C 27 33.01 22.90 9.60
N PRO C 28 33.70 23.65 10.45
CA PRO C 28 33.07 24.84 11.05
C PRO C 28 33.11 26.07 10.16
N LYS C 29 34.06 26.16 9.23
CA LYS C 29 34.12 27.33 8.36
C LYS C 29 33.06 27.28 7.27
N ALA C 30 32.69 26.08 6.82
CA ALA C 30 31.65 25.90 5.82
C ALA C 30 30.31 25.52 6.43
N LEU C 31 30.17 25.67 7.74
CA LEU C 31 28.94 25.32 8.46
C LEU C 31 28.54 23.87 8.21
N ASN C 32 29.57 23.00 8.18
CA ASN C 32 29.39 21.56 7.95
C ASN C 32 28.66 21.28 6.64
N ALA C 33 29.21 21.82 5.55
CA ALA C 33 28.63 21.57 4.23
C ALA C 33 28.80 20.11 3.85
N LEU C 34 27.70 19.49 3.41
CA LEU C 34 27.69 18.06 3.07
C LEU C 34 28.32 17.89 1.70
N CYS C 35 29.63 17.63 1.66
CA CYS C 35 30.33 17.35 0.43
C CYS C 35 30.52 15.85 0.26
N ASP C 36 31.05 15.46 -0.91
CA ASP C 36 31.23 14.04 -1.18
C ASP C 36 32.29 13.43 -0.29
N GLY C 37 33.37 14.17 0.00
CA GLY C 37 34.39 13.65 0.90
C GLY C 37 33.87 13.49 2.32
N LEU C 38 33.09 14.47 2.79
CA LEU C 38 32.49 14.36 4.12
C LEU C 38 31.53 13.18 4.19
N ILE C 39 30.74 12.97 3.13
CA ILE C 39 29.82 11.84 3.10
C ILE C 39 30.58 10.52 3.09
N ASP C 40 31.69 10.46 2.35
CA ASP C 40 32.50 9.25 2.33
C ASP C 40 33.10 8.95 3.69
N GLU C 41 33.64 9.96 4.37
CA GLU C 41 34.19 9.76 5.70
C GLU C 41 33.10 9.37 6.69
N LEU C 42 31.91 9.95 6.56
CA LEU C 42 30.80 9.60 7.44
C LEU C 42 30.39 8.15 7.24
N ASN C 43 30.31 7.71 5.98
CA ASN C 43 29.96 6.32 5.71
C ASN C 43 31.04 5.36 6.21
N GLN C 44 32.31 5.74 6.08
CA GLN C 44 33.39 4.91 6.61
C GLN C 44 33.29 4.78 8.12
N ALA C 45 33.09 5.89 8.82
CA ALA C 45 32.92 5.83 10.26
C ALA C 45 31.68 5.04 10.67
N LEU C 46 30.60 5.16 9.89
CA LEU C 46 29.38 4.43 10.21
C LEU C 46 29.59 2.92 10.07
N LYS C 47 30.23 2.49 8.99
CA LYS C 47 30.45 1.05 8.83
C LYS C 47 31.49 0.54 9.82
N THR C 48 32.46 1.37 10.21
CA THR C 48 33.43 0.97 11.22
C THR C 48 32.74 0.78 12.57
N PHE C 49 31.82 1.68 12.92
CA PHE C 49 31.10 1.55 14.18
C PHE C 49 30.10 0.40 14.14
N GLU C 50 29.53 0.13 12.96
CA GLU C 50 28.63 -1.00 12.81
C GLU C 50 29.35 -2.34 12.91
N GLU C 51 30.60 -2.40 12.44
CA GLU C 51 31.41 -3.61 12.53
C GLU C 51 32.17 -3.68 13.85
N ASP C 52 31.81 -2.85 14.83
CA ASP C 52 32.46 -2.87 16.13
C ASP C 52 31.56 -3.56 17.13
N PRO C 53 31.98 -4.66 17.76
CA PRO C 53 31.10 -5.36 18.70
C PRO C 53 30.82 -4.56 19.97
N ALA C 54 31.75 -3.70 20.39
CA ALA C 54 31.57 -2.95 21.63
C ALA C 54 30.58 -1.80 21.46
N VAL C 55 30.38 -1.30 20.25
CA VAL C 55 29.49 -0.17 20.01
C VAL C 55 28.08 -0.69 19.79
N GLY C 56 27.13 -0.12 20.53
CA GLY C 56 25.74 -0.52 20.40
C GLY C 56 24.84 0.60 19.92
N ALA C 57 25.35 1.84 19.96
CA ALA C 57 24.60 3.00 19.52
C ALA C 57 25.57 4.05 19.00
N ILE C 58 25.08 4.86 18.05
CA ILE C 58 25.89 5.88 17.41
C ILE C 58 25.23 7.24 17.65
N VAL C 59 26.05 8.26 17.90
CA VAL C 59 25.58 9.62 18.08
C VAL C 59 26.19 10.46 16.97
N LEU C 60 25.33 11.08 16.16
CA LEU C 60 25.75 11.92 15.04
C LEU C 60 25.51 13.38 15.41
N THR C 61 26.56 14.19 15.32
CA THR C 61 26.46 15.61 15.66
C THR C 61 27.43 16.40 14.80
N GLY C 62 27.24 17.71 14.78
CA GLY C 62 28.14 18.60 14.07
C GLY C 62 28.79 19.61 14.99
N GLY C 63 28.54 20.89 14.74
CA GLY C 63 29.02 21.96 15.58
C GLY C 63 27.93 22.54 16.46
N ASP C 64 28.36 23.40 17.40
CA ASP C 64 27.42 24.03 18.31
C ASP C 64 26.56 25.07 17.59
N LYS C 65 27.10 25.71 16.56
CA LYS C 65 26.38 26.74 15.82
C LYS C 65 25.79 26.24 14.51
N ALA C 66 26.16 25.03 14.06
CA ALA C 66 25.66 24.50 12.81
C ALA C 66 25.82 22.99 12.79
N PHE C 67 24.72 22.28 12.57
CA PHE C 67 24.78 20.82 12.41
C PHE C 67 25.23 20.46 11.01
N ALA C 68 24.46 20.89 9.99
CA ALA C 68 24.83 20.73 8.60
C ALA C 68 24.02 21.69 7.74
N ALA C 69 24.69 22.60 7.05
CA ALA C 69 24.02 23.67 6.32
C ALA C 69 23.73 23.31 4.87
N GLY C 70 23.65 22.02 4.55
CA GLY C 70 23.28 21.60 3.22
C GLY C 70 24.49 21.16 2.40
N ALA C 71 24.21 20.68 1.19
CA ALA C 71 25.25 20.18 0.31
C ALA C 71 26.00 21.34 -0.34
N ASP C 72 27.16 21.00 -0.90
CA ASP C 72 27.95 21.98 -1.64
C ASP C 72 27.31 22.24 -3.00
N ILE C 73 27.04 23.51 -3.29
CA ILE C 73 26.29 23.85 -4.49
C ILE C 73 27.21 24.03 -5.71
N LYS C 74 28.47 24.40 -5.49
CA LYS C 74 29.36 24.67 -6.61
C LYS C 74 29.70 23.39 -7.38
N GLU C 75 29.70 22.25 -6.69
CA GLU C 75 29.97 20.98 -7.37
C GLU C 75 28.73 20.37 -8.02
N MET C 76 27.56 20.99 -7.84
CA MET C 76 26.31 20.47 -8.40
C MET C 76 25.58 21.49 -9.26
N GLN C 77 26.19 22.64 -9.55
CA GLN C 77 25.56 23.62 -10.41
C GLN C 77 25.63 23.23 -11.88
N ASN C 78 26.77 22.70 -12.32
CA ASN C 78 26.99 22.33 -13.71
C ASN C 78 26.49 20.93 -14.05
N LEU C 79 25.56 20.40 -13.26
CA LEU C 79 25.01 19.08 -13.51
C LEU C 79 23.73 19.17 -14.33
N SER C 80 23.63 18.32 -15.35
CA SER C 80 22.46 18.29 -16.21
C SER C 80 21.48 17.23 -15.73
N PHE C 81 20.40 17.03 -16.51
CA PHE C 81 19.42 16.02 -16.15
C PHE C 81 19.97 14.61 -16.38
N GLN C 82 20.74 14.42 -17.44
CA GLN C 82 21.27 13.09 -17.73
C GLN C 82 22.31 12.67 -16.70
N ASP C 83 23.21 13.57 -16.32
CA ASP C 83 24.21 13.24 -15.32
C ASP C 83 23.61 13.08 -13.93
N CYS C 84 22.38 13.54 -13.74
CA CYS C 84 21.73 13.41 -12.43
C CYS C 84 20.92 12.12 -12.37
N TYR C 85 20.10 11.86 -13.39
CA TYR C 85 19.33 10.62 -13.44
C TYR C 85 20.28 9.42 -13.56
N SER C 86 21.14 9.41 -14.54
CA SER C 86 22.06 8.38 -14.72
C SER C 86 23.15 8.75 -13.81
N SER C 87 23.86 7.81 -13.22
CA SER C 87 24.87 8.10 -12.15
C SER C 87 24.27 8.32 -10.75
N LYS C 88 22.97 8.53 -10.69
CA LYS C 88 22.25 8.75 -9.44
C LYS C 88 22.91 9.61 -8.41
N PHE C 89 22.91 10.91 -8.67
CA PHE C 89 23.58 11.87 -7.83
C PHE C 89 23.68 11.81 -6.30
N LEU C 90 22.59 11.78 -5.57
CA LEU C 90 22.82 11.77 -4.10
C LEU C 90 22.62 10.40 -3.51
N LYS C 91 23.27 9.37 -4.03
CA LYS C 91 23.03 7.99 -3.62
C LYS C 91 23.71 7.52 -2.38
N HIS C 92 24.90 7.96 -2.14
CA HIS C 92 25.55 7.65 -0.92
C HIS C 92 24.88 8.53 0.18
N TRP C 93 23.81 9.25 -0.11
CA TRP C 93 23.22 10.06 0.95
C TRP C 93 22.20 9.29 1.79
N ASP C 94 22.08 7.98 1.61
CA ASP C 94 21.11 7.19 2.37
C ASP C 94 21.74 5.98 3.04
N HIS C 95 23.05 6.01 3.28
CA HIS C 95 23.70 4.91 3.99
C HIS C 95 23.32 4.87 5.46
N LEU C 96 22.85 5.98 6.02
CA LEU C 96 22.39 5.97 7.41
C LEU C 96 21.11 5.17 7.57
N THR C 97 20.28 5.11 6.52
CA THR C 97 19.03 4.36 6.58
C THR C 97 19.24 2.85 6.58
N GLN C 98 20.42 2.37 6.20
CA GLN C 98 20.73 0.95 6.22
C GLN C 98 21.45 0.52 7.48
N VAL C 99 21.77 1.46 8.38
CA VAL C 99 22.45 1.10 9.62
C VAL C 99 21.47 0.39 10.54
N LYS C 100 21.90 -0.76 11.08
CA LYS C 100 21.06 -1.54 11.98
C LYS C 100 21.06 -1.00 13.40
N LYS C 101 22.18 -0.42 13.84
CA LYS C 101 22.24 0.13 15.19
C LYS C 101 21.56 1.49 15.24
N PRO C 102 20.99 1.86 16.39
CA PRO C 102 20.32 3.16 16.49
C PRO C 102 21.32 4.31 16.39
N VAL C 103 20.91 5.35 15.68
CA VAL C 103 21.72 6.54 15.48
C VAL C 103 20.95 7.73 16.04
N ILE C 104 21.50 8.37 17.07
CA ILE C 104 20.88 9.52 17.71
C ILE C 104 21.50 10.78 17.14
N ALA C 105 20.66 11.66 16.58
CA ALA C 105 21.14 12.90 15.98
C ALA C 105 21.13 14.01 17.01
N ALA C 106 22.30 14.59 17.28
CA ALA C 106 22.43 15.72 18.20
C ALA C 106 22.57 16.97 17.34
N VAL C 107 21.44 17.62 17.06
CA VAL C 107 21.38 18.76 16.15
C VAL C 107 21.56 20.03 16.97
N ASN C 108 22.70 20.70 16.78
CA ASN C 108 22.96 21.99 17.40
C ASN C 108 23.18 23.04 16.32
N GLY C 109 22.41 24.13 16.39
CA GLY C 109 22.57 25.20 15.43
C GLY C 109 21.74 24.97 14.18
N TYR C 110 22.34 25.25 13.02
CA TYR C 110 21.62 25.20 11.76
C TYR C 110 21.59 23.78 11.21
N ALA C 111 20.40 23.32 10.83
CA ALA C 111 20.21 22.05 10.13
C ALA C 111 19.34 22.36 8.91
N PHE C 112 19.98 22.78 7.82
CA PHE C 112 19.29 23.27 6.64
C PHE C 112 19.57 22.36 5.45
N GLY C 113 18.53 22.14 4.64
CA GLY C 113 18.66 21.34 3.43
C GLY C 113 19.05 19.91 3.69
N GLY C 114 20.28 19.53 3.31
CA GLY C 114 20.73 18.17 3.52
C GLY C 114 20.88 17.82 5.00
N GLY C 115 21.14 18.81 5.84
CA GLY C 115 21.30 18.55 7.26
C GLY C 115 20.00 18.10 7.90
N CYS C 116 18.89 18.75 7.57
CA CYS C 116 17.60 18.35 8.10
C CYS C 116 17.23 16.95 7.63
N GLU C 117 17.56 16.62 6.38
CA GLU C 117 17.27 15.27 5.87
C GLU C 117 18.13 14.23 6.58
N LEU C 118 19.41 14.53 6.78
CA LEU C 118 20.28 13.60 7.49
C LEU C 118 19.83 13.40 8.93
N ALA C 119 19.30 14.46 9.54
CA ALA C 119 18.79 14.35 10.90
C ALA C 119 17.52 13.50 10.95
N MET C 120 16.60 13.75 10.00
CA MET C 120 15.36 12.98 9.95
C MET C 120 15.59 11.52 9.61
N MET C 121 16.67 11.21 8.89
CA MET C 121 17.00 9.82 8.60
C MET C 121 17.42 9.05 9.85
N CYS C 122 17.86 9.75 10.89
CA CYS C 122 18.21 9.09 12.14
C CYS C 122 16.95 8.66 12.90
N ASP C 123 17.14 7.73 13.83
CA ASP C 123 16.00 7.22 14.60
C ASP C 123 15.51 8.25 15.60
N ILE C 124 16.43 8.79 16.42
CA ILE C 124 16.10 9.77 17.44
C ILE C 124 16.86 11.06 17.14
N ILE C 125 16.17 12.18 17.26
CA ILE C 125 16.75 13.51 16.99
C ILE C 125 16.72 14.31 18.28
N TYR C 126 17.90 14.73 18.74
CA TYR C 126 18.05 15.58 19.90
C TYR C 126 18.48 16.96 19.45
N ALA C 127 17.65 17.98 19.71
CA ALA C 127 17.89 19.33 19.25
C ALA C 127 18.25 20.23 20.42
N GLY C 128 19.13 21.20 20.15
CA GLY C 128 19.51 22.15 21.16
C GLY C 128 18.47 23.24 21.37
N GLU C 129 18.81 24.19 22.26
CA GLU C 129 17.90 25.28 22.53
C GLU C 129 17.79 26.23 21.35
N LYS C 130 18.90 26.45 20.65
CA LYS C 130 18.93 27.35 19.50
C LYS C 130 18.96 26.60 18.16
N ALA C 131 18.59 25.33 18.15
CA ALA C 131 18.60 24.55 16.92
C ALA C 131 17.46 25.01 16.01
N GLN C 132 17.76 25.10 14.71
CA GLN C 132 16.79 25.50 13.70
C GLN C 132 16.77 24.49 12.56
N PHE C 133 15.58 24.25 12.02
CA PHE C 133 15.38 23.33 10.91
C PHE C 133 14.67 24.04 9.77
N ALA C 134 15.11 23.78 8.54
CA ALA C 134 14.52 24.39 7.37
C ALA C 134 14.88 23.58 6.14
N GLN C 135 14.18 23.86 5.04
CA GLN C 135 14.42 23.23 3.75
C GLN C 135 14.46 24.34 2.70
N PRO C 136 15.61 24.98 2.51
CA PRO C 136 15.71 26.10 1.58
C PRO C 136 15.96 25.72 0.13
N GLU C 137 15.73 24.45 -0.24
CA GLU C 137 15.97 24.02 -1.61
C GLU C 137 15.13 24.82 -2.61
N ILE C 138 13.93 25.24 -2.20
CA ILE C 138 13.04 25.96 -3.09
C ILE C 138 13.60 27.34 -3.44
N LEU C 139 14.51 27.86 -2.61
CA LEU C 139 15.09 29.16 -2.87
C LEU C 139 16.11 29.16 -4.00
N ILE C 140 16.76 28.02 -4.25
CA ILE C 140 17.76 27.91 -5.31
C ILE C 140 17.20 27.20 -6.53
N GLY C 141 15.89 26.99 -6.60
CA GLY C 141 15.29 26.39 -7.78
C GLY C 141 15.28 24.89 -7.82
N THR C 142 15.33 24.22 -6.67
CA THR C 142 15.30 22.77 -6.61
C THR C 142 14.38 22.34 -5.47
N ILE C 143 14.30 21.04 -5.25
CA ILE C 143 13.48 20.47 -4.19
C ILE C 143 14.38 19.57 -3.34
N PRO C 144 14.01 19.35 -2.08
CA PRO C 144 14.75 18.39 -1.25
C PRO C 144 14.68 16.99 -1.86
N GLY C 145 15.84 16.35 -2.01
CA GLY C 145 15.89 15.06 -2.67
C GLY C 145 16.56 13.98 -1.84
N ALA C 146 16.51 14.10 -0.51
CA ALA C 146 17.08 13.07 0.36
C ALA C 146 16.14 12.79 1.53
N GLY C 147 14.83 12.84 1.28
CA GLY C 147 13.85 12.60 2.32
C GLY C 147 13.29 13.84 2.97
N GLY C 148 13.61 15.04 2.47
CA GLY C 148 13.14 16.27 3.05
C GLY C 148 11.65 16.52 2.92
N THR C 149 10.94 15.71 2.15
CA THR C 149 9.51 15.86 1.96
C THR C 149 8.71 14.65 2.46
N GLN C 150 9.23 13.44 2.24
CA GLN C 150 8.53 12.24 2.67
C GLN C 150 8.51 12.12 4.19
N ARG C 151 9.69 12.12 4.81
CA ARG C 151 9.77 11.97 6.26
C ARG C 151 9.23 13.20 6.98
N LEU C 152 9.47 14.38 6.42
CA LEU C 152 9.03 15.61 7.08
C LEU C 152 7.50 15.69 7.14
N THR C 153 6.84 15.38 6.02
CA THR C 153 5.38 15.41 6.00
C THR C 153 4.79 14.34 6.93
N ARG C 154 5.44 13.18 7.00
CA ARG C 154 4.96 12.13 7.90
C ARG C 154 5.18 12.50 9.36
N ALA C 155 6.19 13.32 9.65
CA ALA C 155 6.51 13.64 11.04
C ALA C 155 5.67 14.81 11.54
N VAL C 156 5.76 15.97 10.88
CA VAL C 156 5.14 17.19 11.38
C VAL C 156 3.75 17.44 10.78
N GLY C 157 3.36 16.70 9.76
CA GLY C 157 2.07 16.91 9.12
C GLY C 157 2.21 17.57 7.76
N LYS C 158 1.08 17.67 7.06
CA LYS C 158 1.09 18.21 5.70
C LYS C 158 1.30 19.72 5.70
N SER C 159 0.56 20.44 6.55
CA SER C 159 0.57 21.89 6.50
C SER C 159 1.95 22.47 6.79
N LEU C 160 2.54 22.08 7.93
CA LEU C 160 3.84 22.63 8.30
C LEU C 160 4.92 22.22 7.30
N ALA C 161 4.90 20.97 6.85
CA ALA C 161 5.87 20.53 5.86
C ALA C 161 5.69 21.26 4.53
N MET C 162 4.43 21.46 4.11
CA MET C 162 4.17 22.21 2.89
C MET C 162 4.71 23.63 3.00
N GLU C 163 4.48 24.28 4.14
CA GLU C 163 4.99 25.64 4.33
C GLU C 163 6.52 25.66 4.30
N MET C 164 7.16 24.74 5.02
CA MET C 164 8.62 24.73 5.09
C MET C 164 9.24 24.41 3.73
N VAL C 165 8.56 23.62 2.92
CA VAL C 165 9.11 23.23 1.62
C VAL C 165 8.89 24.34 0.58
N LEU C 166 7.69 24.91 0.54
CA LEU C 166 7.39 25.91 -0.48
C LEU C 166 7.96 27.29 -0.14
N THR C 167 8.20 27.58 1.13
CA THR C 167 8.72 28.88 1.54
C THR C 167 10.20 28.84 1.92
N GLY C 168 10.68 27.71 2.43
CA GLY C 168 12.05 27.63 2.91
C GLY C 168 12.29 28.30 4.24
N ASP C 169 11.24 28.64 4.98
CA ASP C 169 11.41 29.31 6.25
C ASP C 169 11.90 28.35 7.32
N ARG C 170 12.56 28.90 8.33
CA ARG C 170 13.11 28.11 9.42
C ARG C 170 12.10 27.96 10.54
N ILE C 171 12.22 26.86 11.28
CA ILE C 171 11.40 26.60 12.46
C ILE C 171 12.32 26.39 13.65
N SER C 172 11.85 26.80 14.83
CA SER C 172 12.64 26.65 16.04
C SER C 172 12.58 25.20 16.54
N ALA C 173 13.49 24.88 17.46
CA ALA C 173 13.52 23.56 18.07
C ALA C 173 12.23 23.29 18.85
N GLN C 174 11.67 24.34 19.46
CA GLN C 174 10.41 24.19 20.18
C GLN C 174 9.28 23.82 19.23
N ASP C 175 9.24 24.46 18.05
CA ASP C 175 8.22 24.12 17.07
C ASP C 175 8.41 22.70 16.54
N ALA C 176 9.66 22.28 16.36
CA ALA C 176 9.93 20.92 15.91
C ALA C 176 9.53 19.90 16.96
N LYS C 177 9.66 20.25 18.25
CA LYS C 177 9.26 19.34 19.31
C LYS C 177 7.74 19.26 19.42
N GLN C 178 7.06 20.41 19.29
CA GLN C 178 5.60 20.41 19.34
C GLN C 178 5.00 19.69 18.14
N ALA C 179 5.65 19.80 16.97
CA ALA C 179 5.15 19.14 15.77
C ALA C 179 5.55 17.67 15.71
N GLY C 180 6.54 17.25 16.49
CA GLY C 180 6.97 15.87 16.51
C GLY C 180 8.24 15.57 15.73
N LEU C 181 8.93 16.60 15.23
CA LEU C 181 10.16 16.35 14.49
C LEU C 181 11.27 15.84 15.39
N VAL C 182 11.42 16.45 16.58
CA VAL C 182 12.40 16.01 17.56
C VAL C 182 11.65 15.53 18.80
N SER C 183 12.36 14.78 19.65
CA SER C 183 11.76 14.17 20.82
C SER C 183 12.27 14.75 22.14
N LYS C 184 13.25 15.65 22.11
CA LYS C 184 13.80 16.22 23.34
C LYS C 184 14.55 17.49 23.02
N ILE C 185 14.40 18.49 23.89
CA ILE C 185 15.13 19.75 23.78
C ILE C 185 16.11 19.82 24.95
N CYS C 186 17.36 20.12 24.64
CA CYS C 186 18.44 20.16 25.63
C CYS C 186 19.23 21.44 25.45
N PRO C 187 19.92 21.89 26.50
CA PRO C 187 20.77 23.07 26.35
C PRO C 187 21.89 22.83 25.35
N VAL C 188 22.45 23.92 24.83
CA VAL C 188 23.47 23.83 23.79
C VAL C 188 24.74 23.16 24.34
N GLU C 189 25.14 23.52 25.56
CA GLU C 189 26.40 23.02 26.10
C GLU C 189 26.27 21.59 26.64
N THR C 190 25.05 21.06 26.76
CA THR C 190 24.85 19.73 27.30
C THR C 190 24.08 18.80 26.37
N LEU C 191 23.80 19.22 25.13
CA LEU C 191 23.07 18.37 24.20
C LEU C 191 23.85 17.10 23.87
N VAL C 192 25.15 17.25 23.63
CA VAL C 192 25.97 16.09 23.27
C VAL C 192 26.03 15.10 24.42
N GLU C 193 26.14 15.61 25.66
CA GLU C 193 26.23 14.72 26.82
C GLU C 193 24.93 13.96 27.03
N GLU C 194 23.79 14.63 26.87
CA GLU C 194 22.51 13.95 27.04
C GLU C 194 22.28 12.93 25.92
N ALA C 195 22.69 13.27 24.69
CA ALA C 195 22.60 12.31 23.60
C ALA C 195 23.47 11.09 23.86
N ILE C 196 24.67 11.30 24.41
CA ILE C 196 25.56 10.19 24.72
C ILE C 196 24.96 9.34 25.84
N GLN C 197 24.33 9.97 26.83
CA GLN C 197 23.69 9.21 27.90
C GLN C 197 22.53 8.38 27.37
N CYS C 198 21.74 8.96 26.46
CA CYS C 198 20.64 8.20 25.85
C CYS C 198 21.17 7.03 25.02
N ALA C 199 22.26 7.25 24.29
CA ALA C 199 22.85 6.16 23.51
C ALA C 199 23.43 5.08 24.42
N GLU C 200 23.94 5.47 25.59
CA GLU C 200 24.40 4.48 26.56
C GLU C 200 23.24 3.68 27.11
N LYS C 201 22.12 4.33 27.42
CA LYS C 201 20.93 3.63 27.88
C LYS C 201 20.42 2.67 26.82
N ILE C 202 20.53 3.06 25.55
CA ILE C 202 20.09 2.18 24.46
C ILE C 202 21.02 0.98 24.33
N ALA C 203 22.34 1.24 24.28
CA ALA C 203 23.31 0.17 24.06
C ALA C 203 23.41 -0.78 25.25
N SER C 204 22.91 -0.38 26.43
CA SER C 204 22.96 -1.26 27.59
C SER C 204 22.06 -2.48 27.43
N ASN C 205 21.11 -2.44 26.51
CA ASN C 205 20.21 -3.57 26.27
C ASN C 205 20.83 -4.52 25.25
N SER C 206 20.04 -5.53 24.87
CA SER C 206 20.48 -6.51 23.89
C SER C 206 20.45 -5.89 22.49
N LYS C 207 21.57 -5.98 21.77
CA LYS C 207 21.67 -5.33 20.46
C LYS C 207 20.73 -5.95 19.44
N ILE C 208 20.55 -7.27 19.49
CA ILE C 208 19.70 -7.94 18.50
C ILE C 208 18.23 -7.59 18.75
N VAL C 209 17.81 -7.58 20.02
CA VAL C 209 16.45 -7.20 20.34
C VAL C 209 16.21 -5.73 20.00
N VAL C 210 17.23 -4.90 20.22
CA VAL C 210 17.12 -3.48 19.87
C VAL C 210 16.97 -3.30 18.37
N ALA C 211 17.72 -4.07 17.58
CA ALA C 211 17.59 -4.02 16.13
C ALA C 211 16.22 -4.51 15.68
N MET C 212 15.70 -5.55 16.33
CA MET C 212 14.35 -6.02 16.02
C MET C 212 13.32 -4.94 16.29
N ALA C 213 13.45 -4.25 17.43
CA ALA C 213 12.53 -3.17 17.76
C ALA C 213 12.63 -2.03 16.76
N LYS C 214 13.85 -1.71 16.35
CA LYS C 214 14.05 -0.65 15.36
C LYS C 214 13.40 -1.01 14.03
N GLU C 215 13.56 -2.26 13.60
CA GLU C 215 12.92 -2.70 12.36
C GLU C 215 11.41 -2.66 12.48
N SER C 216 10.87 -3.08 13.63
CA SER C 216 9.43 -3.06 13.85
C SER C 216 8.89 -1.64 13.81
N VAL C 217 9.64 -0.68 14.36
CA VAL C 217 9.21 0.71 14.33
C VAL C 217 9.29 1.27 12.91
N ASN C 218 10.37 0.95 12.20
CA ASN C 218 10.53 1.45 10.84
C ASN C 218 9.50 0.85 9.89
N ALA C 219 8.98 -0.34 10.19
CA ALA C 219 7.99 -0.96 9.32
C ALA C 219 6.66 -0.21 9.35
N ALA C 220 6.48 0.71 10.30
CA ALA C 220 5.23 1.45 10.40
C ALA C 220 5.03 2.40 9.24
N PHE C 221 6.10 2.79 8.54
CA PHE C 221 6.01 3.70 7.41
C PHE C 221 6.01 2.99 6.08
N GLU C 222 6.11 1.66 6.06
CA GLU C 222 6.20 0.90 4.81
C GLU C 222 5.07 -0.10 4.63
N MET C 223 4.23 -0.30 5.64
CA MET C 223 3.18 -1.29 5.56
C MET C 223 1.92 -0.75 6.24
N THR C 224 0.82 -1.44 6.02
CA THR C 224 -0.45 -1.06 6.63
C THR C 224 -0.44 -1.43 8.11
N LEU C 225 -1.52 -1.03 8.80
CA LEU C 225 -1.64 -1.31 10.23
C LEU C 225 -1.78 -2.80 10.50
N THR C 226 -2.57 -3.50 9.68
CA THR C 226 -2.78 -4.93 9.88
C THR C 226 -1.49 -5.71 9.61
N GLU C 227 -0.86 -5.45 8.47
CA GLU C 227 0.39 -6.13 8.14
C GLU C 227 1.51 -5.70 9.09
N GLY C 228 1.49 -4.43 9.52
CA GLY C 228 2.45 -3.99 10.52
C GLY C 228 2.31 -4.74 11.83
N SER C 229 1.07 -4.93 12.29
CA SER C 229 0.83 -5.68 13.51
C SER C 229 1.21 -7.14 13.35
N LYS C 230 0.97 -7.70 12.16
CA LYS C 230 1.36 -9.09 11.91
C LYS C 230 2.87 -9.25 11.95
N LEU C 231 3.61 -8.33 11.33
CA LEU C 231 5.06 -8.37 11.38
C LEU C 231 5.57 -8.15 12.80
N GLU C 232 4.91 -7.28 13.56
CA GLU C 232 5.30 -7.07 14.95
C GLU C 232 5.08 -8.34 15.78
N LYS C 233 3.96 -9.03 15.54
CA LYS C 233 3.72 -10.30 16.22
C LYS C 233 4.77 -11.34 15.86
N LYS C 234 5.11 -11.45 14.57
CA LYS C 234 6.14 -12.38 14.14
C LYS C 234 7.50 -12.06 14.73
N LEU C 235 7.85 -10.77 14.84
CA LEU C 235 9.11 -10.39 15.47
C LEU C 235 9.11 -10.64 16.97
N PHE C 236 7.98 -10.41 17.64
CA PHE C 236 7.89 -10.72 19.06
C PHE C 236 7.98 -12.22 19.30
N TYR C 237 7.48 -13.02 18.37
CA TYR C 237 7.67 -14.47 18.46
C TYR C 237 9.11 -14.87 18.19
N SER C 238 9.76 -14.23 17.21
CA SER C 238 11.13 -14.56 16.85
C SER C 238 12.13 -14.12 17.92
N THR C 239 11.82 -13.10 18.71
CA THR C 239 12.74 -12.67 19.76
C THR C 239 12.83 -13.70 20.88
N PHE C 240 11.88 -14.63 20.93
CA PHE C 240 11.91 -15.68 21.93
C PHE C 240 13.00 -16.72 21.69
N ALA C 241 13.53 -16.81 20.48
CA ALA C 241 14.57 -17.77 20.15
C ALA C 241 15.96 -17.31 20.57
N THR C 242 16.07 -16.15 21.20
CA THR C 242 17.36 -15.61 21.64
C THR C 242 17.56 -15.85 23.13
N ASP C 243 18.82 -15.96 23.53
CA ASP C 243 19.13 -16.14 24.95
C ASP C 243 18.91 -14.85 25.73
N ASP C 244 18.93 -13.71 25.04
CA ASP C 244 18.77 -12.42 25.72
C ASP C 244 17.36 -12.29 26.31
N ARG C 245 16.34 -12.77 25.58
CA ARG C 245 14.98 -12.72 26.11
C ARG C 245 14.84 -13.53 27.39
N LYS C 246 15.34 -14.76 27.38
CA LYS C 246 15.28 -15.61 28.57
C LYS C 246 16.08 -14.99 29.71
N GLU C 247 17.24 -14.41 29.42
CA GLU C 247 18.06 -13.81 30.47
C GLU C 247 17.35 -12.61 31.08
N GLY C 248 16.74 -11.75 30.24
CA GLY C 248 16.03 -10.61 30.76
C GLY C 248 14.81 -11.00 31.58
N MET C 249 14.07 -12.02 31.12
CA MET C 249 12.92 -12.46 31.90
C MET C 249 13.33 -13.12 33.20
N THR C 250 14.46 -13.83 33.20
CA THR C 250 14.99 -14.39 34.45
C THR C 250 15.41 -13.29 35.41
N ALA C 251 16.06 -12.24 34.90
CA ALA C 251 16.45 -11.12 35.76
C ALA C 251 15.24 -10.34 36.26
N PHE C 252 14.13 -10.36 35.50
CA PHE C 252 12.92 -9.68 35.94
C PHE C 252 12.21 -10.47 37.02
N VAL C 253 12.02 -11.78 36.79
CA VAL C 253 11.37 -12.63 37.80
C VAL C 253 12.21 -12.66 39.08
N GLU C 254 13.45 -13.11 38.96
CA GLU C 254 14.41 -13.03 40.06
C GLU C 254 15.17 -11.72 39.97
N LYS C 255 14.64 -10.72 40.67
CA LYS C 255 15.06 -9.32 40.54
C LYS C 255 16.56 -9.15 40.65
N ARG C 256 17.19 -8.71 39.56
CA ARG C 256 18.62 -8.45 39.50
C ARG C 256 18.91 -7.67 38.22
N LYS C 257 20.20 -7.51 37.91
CA LYS C 257 20.63 -6.83 36.70
C LYS C 257 20.83 -7.87 35.60
N ALA C 258 20.25 -7.59 34.43
CA ALA C 258 20.32 -8.53 33.32
C ALA C 258 21.64 -8.39 32.57
N ASN C 259 22.35 -9.50 32.42
CA ASN C 259 23.62 -9.54 31.70
C ASN C 259 23.36 -10.08 30.30
N PHE C 260 23.36 -9.18 29.31
CA PHE C 260 23.07 -9.54 27.94
C PHE C 260 24.36 -9.83 27.18
N LYS C 261 24.30 -10.79 26.25
CA LYS C 261 25.43 -11.16 25.43
C LYS C 261 25.18 -10.99 23.94
N ASP C 262 24.14 -10.25 23.55
CA ASP C 262 23.82 -9.98 22.15
C ASP C 262 23.57 -11.27 21.37
N GLN C 263 22.89 -12.23 22.01
CA GLN C 263 22.56 -13.50 21.36
C GLN C 263 21.38 -14.17 22.06
N ALA D 4 -23.41 16.77 -32.66
CA ALA D 4 -22.05 17.13 -33.07
C ALA D 4 -21.49 16.10 -34.04
N ASN D 5 -21.37 16.51 -35.31
CA ASN D 5 -20.83 15.62 -36.33
C ASN D 5 -19.34 15.39 -36.11
N PHE D 6 -18.92 14.13 -36.17
CA PHE D 6 -17.53 13.76 -35.95
C PHE D 6 -16.84 13.48 -37.27
N GLU D 7 -15.54 13.76 -37.32
CA GLU D 7 -14.73 13.51 -38.50
C GLU D 7 -13.69 12.41 -38.31
N TYR D 8 -13.37 12.05 -37.06
CA TYR D 8 -12.40 11.00 -36.80
C TYR D 8 -13.02 9.70 -36.31
N ILE D 9 -14.19 9.76 -35.65
CA ILE D 9 -14.83 8.58 -35.10
C ILE D 9 -16.27 8.52 -35.59
N ILE D 10 -16.91 7.37 -35.34
CA ILE D 10 -18.31 7.15 -35.67
C ILE D 10 -19.00 6.64 -34.41
N ALA D 11 -20.01 7.38 -33.95
CA ALA D 11 -20.73 7.05 -32.72
C ALA D 11 -22.18 6.74 -33.06
N GLU D 12 -22.64 5.57 -32.62
CA GLU D 12 -24.01 5.15 -32.87
C GLU D 12 -24.39 4.11 -31.82
N LYS D 13 -25.70 3.86 -31.71
CA LYS D 13 -26.23 2.86 -30.81
C LYS D 13 -26.58 1.60 -31.60
N ARG D 14 -26.03 0.47 -31.18
CA ARG D 14 -26.18 -0.80 -31.89
C ARG D 14 -26.89 -1.80 -30.98
N GLY D 15 -27.27 -2.93 -31.55
CA GLY D 15 -27.95 -3.98 -30.83
C GLY D 15 -29.42 -3.68 -30.64
N LYS D 16 -30.17 -4.74 -30.32
CA LYS D 16 -31.60 -4.60 -30.06
C LYS D 16 -31.84 -3.85 -28.76
N ASN D 17 -32.93 -3.08 -28.72
CA ASN D 17 -33.33 -2.18 -27.64
C ASN D 17 -32.44 -0.94 -27.58
N ASN D 18 -31.39 -0.85 -28.41
CA ASN D 18 -30.50 0.31 -28.45
C ASN D 18 -29.90 0.60 -27.08
N THR D 19 -29.27 -0.41 -26.51
CA THR D 19 -28.65 -0.29 -25.19
C THR D 19 -27.12 -0.33 -25.23
N VAL D 20 -26.53 -0.44 -26.41
CA VAL D 20 -25.08 -0.54 -26.57
C VAL D 20 -24.61 0.64 -27.42
N GLY D 21 -23.66 1.41 -26.90
CA GLY D 21 -23.07 2.50 -27.65
C GLY D 21 -21.79 2.10 -28.33
N LEU D 22 -21.76 2.20 -29.67
CA LEU D 22 -20.61 1.79 -30.46
C LEU D 22 -19.81 3.04 -30.85
N ILE D 23 -18.57 3.11 -30.39
CA ILE D 23 -17.66 4.18 -30.76
C ILE D 23 -16.59 3.57 -31.66
N GLN D 24 -16.72 3.80 -32.97
CA GLN D 24 -15.82 3.22 -33.97
C GLN D 24 -14.86 4.29 -34.48
N LEU D 25 -13.57 4.05 -34.33
CA LEU D 25 -12.56 4.93 -34.90
C LEU D 25 -12.61 4.84 -36.41
N ASN D 26 -12.58 5.99 -37.09
CA ASN D 26 -12.77 6.07 -38.53
C ASN D 26 -11.59 6.77 -39.19
N ARG D 27 -10.38 6.36 -38.80
CA ARG D 27 -9.14 6.83 -39.41
C ARG D 27 -8.42 5.64 -40.02
N PRO D 28 -8.86 5.17 -41.19
CA PRO D 28 -8.25 3.97 -41.78
C PRO D 28 -6.97 4.25 -42.54
N LYS D 29 -6.78 5.47 -43.05
CA LYS D 29 -5.56 5.79 -43.78
C LYS D 29 -4.37 6.03 -42.87
N ALA D 30 -4.60 6.54 -41.66
CA ALA D 30 -3.55 6.76 -40.68
C ALA D 30 -3.48 5.64 -39.63
N LEU D 31 -4.14 4.50 -39.90
CA LEU D 31 -4.16 3.36 -38.98
C LEU D 31 -4.69 3.77 -37.60
N ASN D 32 -5.70 4.66 -37.63
CA ASN D 32 -6.34 5.16 -36.41
C ASN D 32 -5.33 5.79 -35.46
N ALA D 33 -4.59 6.77 -35.96
CA ALA D 33 -3.62 7.48 -35.14
C ALA D 33 -4.33 8.30 -34.07
N LEU D 34 -3.90 8.15 -32.82
CA LEU D 34 -4.53 8.82 -31.69
C LEU D 34 -4.07 10.28 -31.67
N CYS D 35 -4.82 11.15 -32.32
CA CYS D 35 -4.55 12.57 -32.31
C CYS D 35 -5.44 13.27 -31.28
N ASP D 36 -5.19 14.56 -31.07
CA ASP D 36 -5.94 15.30 -30.08
C ASP D 36 -7.41 15.46 -30.48
N GLY D 37 -7.67 15.66 -31.78
CA GLY D 37 -9.05 15.76 -32.23
C GLY D 37 -9.79 14.45 -32.08
N LEU D 38 -9.13 13.34 -32.40
CA LEU D 38 -9.76 12.04 -32.22
C LEU D 38 -10.03 11.76 -30.75
N ILE D 39 -9.10 12.13 -29.88
CA ILE D 39 -9.30 11.95 -28.44
C ILE D 39 -10.45 12.81 -27.95
N ASP D 40 -10.56 14.04 -28.46
CA ASP D 40 -11.67 14.91 -28.06
C ASP D 40 -13.01 14.34 -28.49
N GLU D 41 -13.09 13.86 -29.74
CA GLU D 41 -14.33 13.25 -30.21
C GLU D 41 -14.65 11.99 -29.43
N LEU D 42 -13.64 11.19 -29.08
CA LEU D 42 -13.86 9.98 -28.30
C LEU D 42 -14.41 10.33 -26.91
N ASN D 43 -13.83 11.35 -26.27
CA ASN D 43 -14.32 11.77 -24.97
C ASN D 43 -15.73 12.32 -25.04
N GLN D 44 -16.04 13.08 -26.10
CA GLN D 44 -17.40 13.59 -26.28
C GLN D 44 -18.39 12.44 -26.43
N ALA D 45 -18.08 11.46 -27.29
CA ALA D 45 -18.96 10.32 -27.45
C ALA D 45 -19.09 9.51 -26.16
N LEU D 46 -18.00 9.38 -25.41
CA LEU D 46 -18.04 8.64 -24.15
C LEU D 46 -18.95 9.31 -23.14
N LYS D 47 -18.82 10.63 -22.98
CA LYS D 47 -19.67 11.33 -22.02
C LYS D 47 -21.12 11.38 -22.48
N THR D 48 -21.35 11.45 -23.80
CA THR D 48 -22.73 11.42 -24.30
C THR D 48 -23.36 10.06 -24.03
N PHE D 49 -22.60 8.98 -24.24
CA PHE D 49 -23.14 7.64 -23.99
C PHE D 49 -23.32 7.38 -22.50
N GLU D 50 -22.45 7.95 -21.66
CA GLU D 50 -22.61 7.81 -20.21
C GLU D 50 -23.83 8.59 -19.72
N GLU D 51 -24.09 9.76 -20.30
CA GLU D 51 -25.26 10.55 -19.94
C GLU D 51 -26.51 10.09 -20.66
N ASP D 52 -26.49 8.91 -21.28
CA ASP D 52 -27.65 8.38 -21.97
C ASP D 52 -28.28 7.30 -21.11
N PRO D 53 -29.55 7.44 -20.70
CA PRO D 53 -30.15 6.41 -19.84
C PRO D 53 -30.36 5.08 -20.51
N ALA D 54 -30.57 5.07 -21.83
CA ALA D 54 -30.83 3.82 -22.54
C ALA D 54 -29.56 2.98 -22.73
N VAL D 55 -28.39 3.61 -22.72
CA VAL D 55 -27.13 2.91 -22.94
C VAL D 55 -26.62 2.38 -21.60
N GLY D 56 -26.29 1.09 -21.57
CA GLY D 56 -25.78 0.47 -20.37
C GLY D 56 -24.36 -0.05 -20.53
N ALA D 57 -23.90 -0.15 -21.77
CA ALA D 57 -22.54 -0.63 -22.05
C ALA D 57 -22.05 0.02 -23.33
N ILE D 58 -20.73 0.18 -23.42
CA ILE D 58 -20.08 0.83 -24.56
C ILE D 58 -19.11 -0.15 -25.18
N VAL D 59 -19.07 -0.17 -26.51
CA VAL D 59 -18.13 -0.99 -27.26
C VAL D 59 -17.20 -0.06 -28.04
N LEU D 60 -15.91 -0.17 -27.78
CA LEU D 60 -14.89 0.65 -28.43
C LEU D 60 -14.14 -0.21 -29.43
N THR D 61 -14.10 0.25 -30.68
CA THR D 61 -13.42 -0.49 -31.74
C THR D 61 -12.87 0.49 -32.76
N GLY D 62 -11.99 -0.01 -33.62
CA GLY D 62 -11.43 0.78 -34.68
C GLY D 62 -11.73 0.19 -36.05
N GLY D 63 -10.68 -0.17 -36.79
CA GLY D 63 -10.80 -0.80 -38.08
C GLY D 63 -10.52 -2.30 -38.01
N ASP D 64 -10.79 -2.96 -39.14
CA ASP D 64 -10.55 -4.40 -39.22
C ASP D 64 -9.07 -4.72 -39.26
N LYS D 65 -8.26 -3.85 -39.86
CA LYS D 65 -6.83 -4.07 -39.97
C LYS D 65 -6.01 -3.29 -38.95
N ALA D 66 -6.63 -2.37 -38.22
CA ALA D 66 -5.90 -1.58 -37.23
C ALA D 66 -6.88 -1.01 -36.22
N PHE D 67 -6.64 -1.29 -34.94
CA PHE D 67 -7.44 -0.70 -33.87
C PHE D 67 -6.97 0.72 -33.58
N ALA D 68 -5.71 0.87 -33.18
CA ALA D 68 -5.09 2.18 -33.01
C ALA D 68 -3.57 2.03 -32.99
N ALA D 69 -2.89 2.67 -33.94
CA ALA D 69 -1.45 2.50 -34.13
C ALA D 69 -0.62 3.52 -33.37
N GLY D 70 -1.17 4.13 -32.32
CA GLY D 70 -0.42 5.04 -31.49
C GLY D 70 -0.67 6.49 -31.86
N ALA D 71 -0.14 7.38 -31.03
CA ALA D 71 -0.34 8.80 -31.22
C ALA D 71 0.52 9.32 -32.38
N ASP D 72 0.21 10.54 -32.81
CA ASP D 72 0.99 11.19 -33.86
C ASP D 72 2.31 11.69 -33.29
N ILE D 73 3.42 11.21 -33.86
CA ILE D 73 4.73 11.60 -33.37
C ILE D 73 5.07 13.03 -33.78
N LYS D 74 4.53 13.51 -34.90
CA LYS D 74 4.79 14.88 -35.34
C LYS D 74 4.30 15.89 -34.32
N GLU D 75 3.18 15.61 -33.66
CA GLU D 75 2.65 16.52 -32.66
C GLU D 75 3.54 16.59 -31.43
N MET D 76 4.26 15.52 -31.13
CA MET D 76 5.11 15.43 -29.94
C MET D 76 6.59 15.52 -30.26
N GLN D 77 6.96 15.83 -31.51
CA GLN D 77 8.37 15.90 -31.86
C GLN D 77 9.04 17.14 -31.29
N ASN D 78 8.42 18.31 -31.47
CA ASN D 78 8.99 19.57 -31.03
C ASN D 78 8.59 19.94 -29.61
N LEU D 79 8.24 18.95 -28.78
CA LEU D 79 7.86 19.20 -27.40
C LEU D 79 9.06 19.02 -26.47
N SER D 80 9.22 19.94 -25.54
CA SER D 80 10.30 19.88 -24.57
C SER D 80 9.80 19.25 -23.27
N PHE D 81 10.71 19.15 -22.29
CA PHE D 81 10.34 18.57 -21.00
C PHE D 81 9.43 19.52 -20.21
N GLN D 82 9.74 20.82 -20.24
CA GLN D 82 8.92 21.78 -19.51
C GLN D 82 7.51 21.85 -20.10
N ASP D 83 7.38 21.88 -21.40
CA ASP D 83 6.05 21.86 -22.05
C ASP D 83 5.18 20.62 -21.77
N CYS D 84 5.79 19.47 -21.50
CA CYS D 84 5.06 18.26 -21.12
C CYS D 84 4.57 18.36 -19.73
N TYR D 85 5.44 18.58 -18.78
CA TYR D 85 5.10 18.61 -17.37
C TYR D 85 4.10 19.67 -17.06
N SER D 86 4.45 20.87 -17.38
CA SER D 86 3.59 21.93 -17.18
C SER D 86 2.74 21.66 -18.34
N SER D 87 1.43 21.78 -18.24
CA SER D 87 0.48 21.41 -19.34
C SER D 87 0.04 19.96 -19.40
N LYS D 88 0.76 19.11 -18.71
CA LYS D 88 0.46 17.69 -18.66
C LYS D 88 0.06 17.00 -19.93
N PHE D 89 1.02 16.77 -20.80
CA PHE D 89 0.80 16.11 -22.05
C PHE D 89 0.08 14.76 -21.93
N LEU D 90 -0.91 14.52 -22.79
CA LEU D 90 -1.67 13.28 -22.79
C LEU D 90 -2.56 13.22 -21.59
N LYS D 91 -3.00 14.38 -21.09
CA LYS D 91 -3.81 14.28 -19.89
C LYS D 91 -5.25 13.87 -20.16
N HIS D 92 -5.76 14.13 -21.36
CA HIS D 92 -7.11 13.73 -21.72
C HIS D 92 -7.19 12.28 -22.18
N TRP D 93 -6.09 11.54 -22.13
CA TRP D 93 -6.04 10.15 -22.59
C TRP D 93 -6.63 9.18 -21.59
N ASP D 94 -6.89 9.60 -20.35
CA ASP D 94 -7.39 8.70 -19.31
C ASP D 94 -8.84 8.99 -18.94
N HIS D 95 -9.60 9.62 -19.84
CA HIS D 95 -11.01 9.83 -19.59
C HIS D 95 -11.81 8.52 -19.66
N LEU D 96 -11.25 7.49 -20.29
CA LEU D 96 -11.92 6.20 -20.35
C LEU D 96 -11.92 5.50 -18.99
N THR D 97 -10.92 5.78 -18.16
CA THR D 97 -10.85 5.18 -16.83
C THR D 97 -11.85 5.77 -15.85
N GLN D 98 -12.42 6.93 -16.16
CA GLN D 98 -13.43 7.55 -15.31
C GLN D 98 -14.85 7.18 -15.69
N VAL D 99 -15.03 6.40 -16.76
CA VAL D 99 -16.37 6.00 -17.19
C VAL D 99 -16.92 4.97 -16.21
N LYS D 100 -18.17 5.17 -15.80
CA LYS D 100 -18.83 4.25 -14.88
C LYS D 100 -19.40 3.02 -15.57
N LYS D 101 -19.88 3.17 -16.79
CA LYS D 101 -20.43 2.03 -17.52
C LYS D 101 -19.29 1.20 -18.12
N PRO D 102 -19.51 -0.12 -18.27
CA PRO D 102 -18.44 -0.96 -18.82
C PRO D 102 -18.15 -0.63 -20.28
N VAL D 103 -16.88 -0.70 -20.63
CA VAL D 103 -16.41 -0.43 -21.99
C VAL D 103 -15.71 -1.68 -22.49
N ILE D 104 -16.25 -2.29 -23.54
CA ILE D 104 -15.69 -3.50 -24.13
C ILE D 104 -14.86 -3.11 -25.34
N ALA D 105 -13.58 -3.50 -25.34
CA ALA D 105 -12.68 -3.16 -26.43
C ALA D 105 -12.70 -4.28 -27.48
N ALA D 106 -13.06 -3.93 -28.70
CA ALA D 106 -13.04 -4.85 -29.84
C ALA D 106 -11.81 -4.50 -30.67
N VAL D 107 -10.70 -5.17 -30.37
CA VAL D 107 -9.41 -4.86 -30.99
C VAL D 107 -9.24 -5.76 -32.20
N ASN D 108 -9.27 -5.15 -33.39
CA ASN D 108 -9.01 -5.83 -34.63
C ASN D 108 -7.79 -5.23 -35.32
N GLY D 109 -6.82 -6.07 -35.65
CA GLY D 109 -5.63 -5.58 -36.35
C GLY D 109 -4.57 -5.09 -35.38
N TYR D 110 -3.98 -3.95 -35.71
CA TYR D 110 -2.85 -3.43 -34.94
C TYR D 110 -3.35 -2.61 -33.76
N ALA D 111 -2.81 -2.90 -32.58
CA ALA D 111 -3.01 -2.09 -31.37
C ALA D 111 -1.62 -1.82 -30.78
N PHE D 112 -1.00 -0.76 -31.27
CA PHE D 112 0.39 -0.46 -30.95
C PHE D 112 0.49 0.87 -30.21
N GLY D 113 1.36 0.92 -29.19
CA GLY D 113 1.60 2.13 -28.45
C GLY D 113 0.38 2.62 -27.69
N GLY D 114 -0.18 3.76 -28.12
CA GLY D 114 -1.36 4.29 -27.47
C GLY D 114 -2.58 3.40 -27.63
N GLY D 115 -2.62 2.61 -28.69
CA GLY D 115 -3.76 1.71 -28.89
C GLY D 115 -3.84 0.63 -27.84
N CYS D 116 -2.71 0.00 -27.54
CA CYS D 116 -2.69 -1.02 -26.49
C CYS D 116 -3.00 -0.42 -25.12
N GLU D 117 -2.55 0.81 -24.89
CA GLU D 117 -2.85 1.47 -23.62
C GLU D 117 -4.33 1.79 -23.50
N LEU D 118 -4.95 2.22 -24.60
CA LEU D 118 -6.39 2.50 -24.57
C LEU D 118 -7.19 1.22 -24.43
N ALA D 119 -6.71 0.12 -25.03
CA ALA D 119 -7.42 -1.14 -24.92
C ALA D 119 -7.32 -1.70 -23.50
N MET D 120 -6.13 -1.62 -22.89
CA MET D 120 -5.95 -2.13 -21.54
C MET D 120 -6.74 -1.34 -20.51
N MET D 121 -7.07 -0.09 -20.79
CA MET D 121 -7.89 0.70 -19.89
C MET D 121 -9.35 0.26 -19.88
N CYS D 122 -9.78 -0.47 -20.90
CA CYS D 122 -11.14 -0.99 -20.94
C CYS D 122 -11.28 -2.15 -19.96
N ASP D 123 -12.52 -2.44 -19.58
CA ASP D 123 -12.77 -3.53 -18.63
C ASP D 123 -12.59 -4.88 -19.29
N ILE D 124 -13.17 -5.07 -20.47
CA ILE D 124 -13.08 -6.32 -21.21
C ILE D 124 -12.48 -6.03 -22.58
N ILE D 125 -11.53 -6.87 -22.99
CA ILE D 125 -10.84 -6.71 -24.27
C ILE D 125 -11.16 -7.92 -25.15
N TYR D 126 -11.76 -7.66 -26.31
CA TYR D 126 -12.06 -8.69 -27.28
C TYR D 126 -11.16 -8.50 -28.50
N ALA D 127 -10.39 -9.54 -28.83
CA ALA D 127 -9.40 -9.48 -29.90
C ALA D 127 -9.77 -10.43 -31.03
N GLY D 128 -9.37 -10.07 -32.24
CA GLY D 128 -9.62 -10.90 -33.39
C GLY D 128 -8.57 -11.98 -33.59
N GLU D 129 -8.68 -12.69 -34.70
CA GLU D 129 -7.71 -13.74 -35.01
C GLU D 129 -6.35 -13.15 -35.32
N LYS D 130 -6.30 -12.06 -36.09
CA LYS D 130 -5.05 -11.43 -36.49
C LYS D 130 -4.72 -10.20 -35.65
N ALA D 131 -5.34 -10.04 -34.48
CA ALA D 131 -5.05 -8.90 -33.64
C ALA D 131 -3.66 -9.02 -33.04
N GLN D 132 -2.94 -7.90 -33.00
CA GLN D 132 -1.58 -7.85 -32.47
C GLN D 132 -1.46 -6.72 -31.46
N PHE D 133 -0.66 -6.94 -30.43
CA PHE D 133 -0.42 -5.95 -29.38
C PHE D 133 1.08 -5.75 -29.20
N ALA D 134 1.50 -4.50 -29.05
CA ALA D 134 2.91 -4.18 -28.88
C ALA D 134 3.03 -2.80 -28.25
N GLN D 135 4.24 -2.50 -27.77
CA GLN D 135 4.57 -1.19 -27.19
C GLN D 135 5.88 -0.72 -27.81
N PRO D 136 5.81 -0.12 -29.00
CA PRO D 136 7.04 0.30 -29.70
C PRO D 136 7.61 1.64 -29.26
N GLU D 137 7.21 2.15 -28.09
CA GLU D 137 7.72 3.44 -27.63
C GLU D 137 9.23 3.42 -27.48
N ILE D 138 9.79 2.26 -27.12
CA ILE D 138 11.24 2.16 -26.91
C ILE D 138 12.00 2.33 -28.22
N LEU D 139 11.33 2.13 -29.35
CA LEU D 139 11.99 2.27 -30.65
C LEU D 139 12.20 3.71 -31.04
N ILE D 140 11.37 4.63 -30.55
CA ILE D 140 11.51 6.05 -30.86
C ILE D 140 12.16 6.82 -29.71
N GLY D 141 12.69 6.12 -28.72
CA GLY D 141 13.42 6.78 -27.64
C GLY D 141 12.58 7.26 -26.48
N THR D 142 11.40 6.70 -26.29
CA THR D 142 10.52 7.09 -25.19
C THR D 142 9.97 5.83 -24.53
N ILE D 143 9.12 6.03 -23.54
CA ILE D 143 8.47 4.93 -22.83
C ILE D 143 6.97 5.13 -22.93
N PRO D 144 6.19 4.05 -22.80
CA PRO D 144 4.73 4.20 -22.74
C PRO D 144 4.33 5.03 -21.54
N GLY D 145 3.47 6.03 -21.78
CA GLY D 145 3.08 6.94 -20.72
C GLY D 145 1.57 7.05 -20.52
N ALA D 146 0.83 6.00 -20.86
CA ALA D 146 -0.61 6.00 -20.66
C ALA D 146 -1.07 4.66 -20.11
N GLY D 147 -0.27 4.07 -19.22
CA GLY D 147 -0.59 2.79 -18.63
C GLY D 147 -0.01 1.59 -19.34
N GLY D 148 0.86 1.79 -20.32
CA GLY D 148 1.44 0.69 -21.07
C GLY D 148 2.39 -0.19 -20.29
N THR D 149 2.75 0.19 -19.06
CA THR D 149 3.66 -0.58 -18.23
C THR D 149 3.00 -1.07 -16.94
N GLN D 150 2.17 -0.24 -16.32
CA GLN D 150 1.54 -0.62 -15.06
C GLN D 150 0.50 -1.72 -15.28
N ARG D 151 -0.47 -1.47 -16.16
CA ARG D 151 -1.52 -2.45 -16.40
C ARG D 151 -0.99 -3.67 -17.13
N LEU D 152 -0.05 -3.47 -18.07
CA LEU D 152 0.48 -4.59 -18.83
C LEU D 152 1.22 -5.58 -17.93
N THR D 153 2.08 -5.07 -17.04
CA THR D 153 2.82 -5.94 -16.14
C THR D 153 1.88 -6.65 -15.17
N ARG D 154 0.83 -5.96 -14.74
CA ARG D 154 -0.14 -6.59 -13.84
C ARG D 154 -0.97 -7.65 -14.56
N ALA D 155 -1.12 -7.53 -15.88
CA ALA D 155 -1.96 -8.46 -16.62
C ALA D 155 -1.18 -9.68 -17.07
N VAL D 156 -0.11 -9.46 -17.85
CA VAL D 156 0.62 -10.57 -18.47
C VAL D 156 1.80 -11.06 -17.64
N GLY D 157 2.20 -10.33 -16.61
CA GLY D 157 3.34 -10.71 -15.81
C GLY D 157 4.55 -9.80 -16.01
N LYS D 158 5.60 -10.09 -15.26
CA LYS D 158 6.79 -9.25 -15.32
C LYS D 158 7.62 -9.55 -16.58
N SER D 159 7.82 -10.83 -16.89
CA SER D 159 8.74 -11.21 -17.97
C SER D 159 8.23 -10.74 -19.32
N LEU D 160 7.00 -11.10 -19.67
CA LEU D 160 6.47 -10.75 -20.98
C LEU D 160 6.32 -9.25 -21.16
N ALA D 161 5.87 -8.55 -20.10
CA ALA D 161 5.75 -7.10 -20.19
C ALA D 161 7.11 -6.44 -20.34
N MET D 162 8.10 -6.91 -19.58
CA MET D 162 9.46 -6.37 -19.74
C MET D 162 9.98 -6.60 -21.15
N GLU D 163 9.74 -7.79 -21.71
CA GLU D 163 10.18 -8.06 -23.07
C GLU D 163 9.50 -7.12 -24.07
N MET D 164 8.18 -6.99 -23.96
CA MET D 164 7.44 -6.16 -24.92
C MET D 164 7.82 -4.70 -24.79
N VAL D 165 8.19 -4.25 -23.58
CA VAL D 165 8.52 -2.85 -23.39
C VAL D 165 9.94 -2.55 -23.85
N LEU D 166 10.89 -3.41 -23.50
CA LEU D 166 12.29 -3.14 -23.83
C LEU D 166 12.63 -3.51 -25.27
N THR D 167 11.84 -4.36 -25.92
CA THR D 167 12.10 -4.76 -27.29
C THR D 167 11.13 -4.15 -28.29
N GLY D 168 9.90 -3.86 -27.88
CA GLY D 168 8.89 -3.37 -28.79
C GLY D 168 8.32 -4.40 -29.74
N ASP D 169 8.57 -5.69 -29.48
CA ASP D 169 8.06 -6.73 -30.36
C ASP D 169 6.56 -6.92 -30.16
N ARG D 170 5.91 -7.47 -31.19
CA ARG D 170 4.48 -7.69 -31.18
C ARG D 170 4.17 -9.09 -30.66
N ILE D 171 2.98 -9.23 -30.08
CA ILE D 171 2.47 -10.52 -29.62
C ILE D 171 1.13 -10.78 -30.31
N SER D 172 0.85 -12.05 -30.58
CA SER D 172 -0.40 -12.42 -31.22
C SER D 172 -1.53 -12.43 -30.19
N ALA D 173 -2.76 -12.48 -30.70
CA ALA D 173 -3.94 -12.53 -29.84
C ALA D 173 -3.96 -13.80 -29.00
N GLN D 174 -3.40 -14.89 -29.53
CA GLN D 174 -3.33 -16.13 -28.78
C GLN D 174 -2.42 -15.98 -27.56
N ASP D 175 -1.28 -15.31 -27.74
CA ASP D 175 -0.39 -15.08 -26.60
C ASP D 175 -1.02 -14.14 -25.59
N ALA D 176 -1.77 -13.15 -26.06
CA ALA D 176 -2.47 -12.24 -25.13
C ALA D 176 -3.54 -12.97 -24.35
N LYS D 177 -4.23 -13.93 -24.99
CA LYS D 177 -5.24 -14.71 -24.29
C LYS D 177 -4.60 -15.66 -23.29
N GLN D 178 -3.46 -16.25 -23.65
CA GLN D 178 -2.78 -17.16 -22.74
C GLN D 178 -2.22 -16.41 -21.54
N ALA D 179 -1.67 -15.22 -21.76
CA ALA D 179 -1.11 -14.43 -20.67
C ALA D 179 -2.16 -13.70 -19.87
N GLY D 180 -3.37 -13.54 -20.41
CA GLY D 180 -4.45 -12.88 -19.71
C GLY D 180 -4.71 -11.45 -20.14
N LEU D 181 -4.09 -10.98 -21.21
CA LEU D 181 -4.33 -9.61 -21.67
C LEU D 181 -5.73 -9.45 -22.22
N VAL D 182 -6.21 -10.44 -22.98
CA VAL D 182 -7.57 -10.44 -23.51
C VAL D 182 -8.32 -11.62 -22.90
N SER D 183 -9.64 -11.59 -23.03
CA SER D 183 -10.49 -12.60 -22.43
C SER D 183 -11.21 -13.49 -23.43
N LYS D 184 -11.20 -13.15 -24.72
CA LYS D 184 -11.90 -13.94 -25.72
C LYS D 184 -11.36 -13.61 -27.10
N ILE D 185 -11.21 -14.64 -27.93
CA ILE D 185 -10.76 -14.49 -29.31
C ILE D 185 -11.93 -14.81 -30.23
N CYS D 186 -12.15 -13.94 -31.20
CA CYS D 186 -13.28 -14.04 -32.11
C CYS D 186 -12.77 -13.88 -33.54
N PRO D 187 -13.52 -14.38 -34.52
CA PRO D 187 -13.16 -14.13 -35.93
C PRO D 187 -13.19 -12.65 -36.25
N VAL D 188 -12.42 -12.28 -37.28
CA VAL D 188 -12.29 -10.87 -37.64
C VAL D 188 -13.62 -10.29 -38.09
N GLU D 189 -14.39 -11.05 -38.86
CA GLU D 189 -15.64 -10.54 -39.40
C GLU D 189 -16.78 -10.56 -38.40
N THR D 190 -16.60 -11.22 -37.25
CA THR D 190 -17.65 -11.32 -36.25
C THR D 190 -17.23 -10.80 -34.87
N LEU D 191 -16.05 -10.19 -34.75
CA LEU D 191 -15.60 -9.69 -33.46
C LEU D 191 -16.53 -8.59 -32.94
N VAL D 192 -16.91 -7.66 -33.81
CA VAL D 192 -17.78 -6.56 -33.41
C VAL D 192 -19.13 -7.08 -32.96
N GLU D 193 -19.66 -8.07 -33.67
CA GLU D 193 -20.97 -8.62 -33.31
C GLU D 193 -20.94 -9.31 -31.96
N GLU D 194 -19.88 -10.09 -31.69
CA GLU D 194 -19.79 -10.76 -30.40
C GLU D 194 -19.56 -9.78 -29.27
N ALA D 195 -18.79 -8.72 -29.53
CA ALA D 195 -18.62 -7.67 -28.53
C ALA D 195 -19.94 -6.97 -28.23
N ILE D 196 -20.74 -6.72 -29.27
CA ILE D 196 -22.04 -6.09 -29.07
C ILE D 196 -22.97 -7.01 -28.30
N GLN D 197 -22.91 -8.31 -28.58
CA GLN D 197 -23.74 -9.26 -27.83
C GLN D 197 -23.33 -9.31 -26.36
N CYS D 198 -22.02 -9.29 -26.09
CA CYS D 198 -21.56 -9.26 -24.71
C CYS D 198 -21.99 -7.98 -24.01
N ALA D 199 -21.93 -6.84 -24.71
CA ALA D 199 -22.37 -5.58 -24.13
C ALA D 199 -23.87 -5.58 -23.87
N GLU D 200 -24.64 -6.26 -24.74
CA GLU D 200 -26.07 -6.40 -24.49
C GLU D 200 -26.34 -7.27 -23.28
N LYS D 201 -25.59 -8.36 -23.12
CA LYS D 201 -25.73 -9.20 -21.94
C LYS D 201 -25.37 -8.43 -20.67
N ILE D 202 -24.40 -7.53 -20.76
CA ILE D 202 -24.01 -6.72 -19.61
C ILE D 202 -25.10 -5.70 -19.28
N ALA D 203 -25.55 -4.96 -20.30
CA ALA D 203 -26.51 -3.89 -20.08
C ALA D 203 -27.89 -4.41 -19.67
N SER D 204 -28.16 -5.69 -19.88
CA SER D 204 -29.47 -6.25 -19.50
C SER D 204 -29.64 -6.32 -17.99
N ASN D 205 -28.56 -6.22 -17.23
CA ASN D 205 -28.64 -6.26 -15.78
C ASN D 205 -28.86 -4.85 -15.21
N SER D 206 -28.79 -4.76 -13.88
CA SER D 206 -28.97 -3.48 -13.20
C SER D 206 -27.71 -2.63 -13.39
N LYS D 207 -27.89 -1.40 -13.88
CA LYS D 207 -26.75 -0.54 -14.17
C LYS D 207 -25.99 -0.15 -12.91
N ILE D 208 -26.72 0.11 -11.82
CA ILE D 208 -26.06 0.54 -10.59
C ILE D 208 -25.30 -0.63 -9.96
N VAL D 209 -25.88 -1.83 -9.98
CA VAL D 209 -25.19 -3.01 -9.46
C VAL D 209 -23.99 -3.34 -10.34
N VAL D 210 -24.12 -3.13 -11.66
CA VAL D 210 -23.01 -3.36 -12.57
C VAL D 210 -21.88 -2.38 -12.28
N ALA D 211 -22.22 -1.13 -12.01
CA ALA D 211 -21.18 -0.14 -11.67
C ALA D 211 -20.52 -0.49 -10.34
N MET D 212 -21.30 -0.96 -9.37
CA MET D 212 -20.72 -1.39 -8.10
C MET D 212 -19.76 -2.55 -8.30
N ALA D 213 -20.14 -3.52 -9.14
CA ALA D 213 -19.26 -4.64 -9.42
C ALA D 213 -17.99 -4.19 -10.13
N LYS D 214 -18.13 -3.26 -11.07
CA LYS D 214 -16.96 -2.72 -11.77
C LYS D 214 -16.01 -2.03 -10.80
N GLU D 215 -16.57 -1.24 -9.87
CA GLU D 215 -15.73 -0.59 -8.87
C GLU D 215 -15.04 -1.61 -7.98
N SER D 216 -15.76 -2.65 -7.56
CA SER D 216 -15.19 -3.68 -6.71
C SER D 216 -14.05 -4.40 -7.43
N VAL D 217 -14.21 -4.65 -8.73
CA VAL D 217 -13.15 -5.33 -9.49
C VAL D 217 -11.95 -4.40 -9.66
N ASN D 218 -12.20 -3.13 -9.97
CA ASN D 218 -11.10 -2.19 -10.18
C ASN D 218 -10.35 -1.91 -8.88
N ALA D 219 -11.01 -2.09 -7.73
CA ALA D 219 -10.34 -1.85 -6.46
C ALA D 219 -9.27 -2.90 -6.17
N ALA D 220 -9.25 -4.00 -6.92
CA ALA D 220 -8.28 -5.06 -6.69
C ALA D 220 -6.85 -4.60 -6.97
N PHE D 221 -6.66 -3.56 -7.77
CA PHE D 221 -5.34 -3.04 -8.09
C PHE D 221 -4.97 -1.81 -7.28
N GLU D 222 -5.81 -1.40 -6.34
CA GLU D 222 -5.58 -0.16 -5.59
C GLU D 222 -5.47 -0.39 -4.09
N MET D 223 -5.79 -1.58 -3.60
CA MET D 223 -5.76 -1.84 -2.17
C MET D 223 -5.24 -3.26 -1.93
N THR D 224 -4.99 -3.57 -0.67
CA THR D 224 -4.58 -4.91 -0.28
C THR D 224 -5.76 -5.86 -0.34
N LEU D 225 -5.47 -7.15 -0.13
CA LEU D 225 -6.52 -8.16 -0.17
C LEU D 225 -7.51 -7.98 0.97
N THR D 226 -7.01 -7.63 2.16
CA THR D 226 -7.89 -7.46 3.32
C THR D 226 -8.82 -6.26 3.12
N GLU D 227 -8.26 -5.11 2.77
CA GLU D 227 -9.09 -3.93 2.55
C GLU D 227 -9.95 -4.10 1.30
N GLY D 228 -9.46 -4.82 0.31
CA GLY D 228 -10.29 -5.12 -0.86
C GLY D 228 -11.51 -5.94 -0.48
N SER D 229 -11.32 -6.97 0.33
CA SER D 229 -12.45 -7.79 0.78
C SER D 229 -13.39 -6.98 1.67
N LYS D 230 -12.82 -6.07 2.48
CA LYS D 230 -13.68 -5.22 3.32
C LYS D 230 -14.55 -4.31 2.46
N LEU D 231 -13.96 -3.66 1.46
CA LEU D 231 -14.75 -2.81 0.57
C LEU D 231 -15.76 -3.62 -0.23
N GLU D 232 -15.40 -4.85 -0.62
CA GLU D 232 -16.35 -5.72 -1.30
C GLU D 232 -17.52 -6.08 -0.39
N LYS D 233 -17.26 -6.35 0.88
CA LYS D 233 -18.33 -6.61 1.82
C LYS D 233 -19.23 -5.40 2.02
N LYS D 234 -18.63 -4.21 2.15
CA LYS D 234 -19.42 -2.99 2.26
C LYS D 234 -20.27 -2.72 1.02
N LEU D 235 -19.73 -2.99 -0.18
CA LEU D 235 -20.51 -2.82 -1.40
C LEU D 235 -21.62 -3.86 -1.51
N PHE D 236 -21.36 -5.10 -1.10
CA PHE D 236 -22.41 -6.11 -1.11
C PHE D 236 -23.51 -5.78 -0.12
N TYR D 237 -23.15 -5.13 0.99
CA TYR D 237 -24.17 -4.64 1.92
C TYR D 237 -24.94 -3.47 1.33
N SER D 238 -24.24 -2.55 0.66
CA SER D 238 -24.86 -1.37 0.07
C SER D 238 -25.77 -1.70 -1.09
N THR D 239 -25.52 -2.80 -1.81
CA THR D 239 -26.37 -3.17 -2.94
C THR D 239 -27.74 -3.62 -2.46
N PHE D 240 -27.89 -3.93 -1.18
CA PHE D 240 -29.17 -4.34 -0.63
C PHE D 240 -30.16 -3.19 -0.52
N ALA D 241 -29.70 -1.95 -0.51
CA ALA D 241 -30.58 -0.79 -0.39
C ALA D 241 -31.22 -0.40 -1.72
N THR D 242 -30.99 -1.16 -2.78
CA THR D 242 -31.55 -0.86 -4.09
C THR D 242 -32.77 -1.74 -4.35
N ASP D 243 -33.66 -1.23 -5.22
CA ASP D 243 -34.85 -2.00 -5.57
C ASP D 243 -34.53 -3.12 -6.53
N ASP D 244 -33.46 -2.95 -7.33
CA ASP D 244 -33.11 -3.96 -8.33
C ASP D 244 -32.64 -5.25 -7.68
N ARG D 245 -31.95 -5.15 -6.53
CA ARG D 245 -31.54 -6.35 -5.82
C ARG D 245 -32.75 -7.16 -5.37
N LYS D 246 -33.72 -6.51 -4.74
CA LYS D 246 -34.93 -7.20 -4.30
C LYS D 246 -35.70 -7.75 -5.49
N GLU D 247 -35.75 -7.01 -6.61
CA GLU D 247 -36.45 -7.49 -7.79
C GLU D 247 -35.79 -8.74 -8.36
N GLY D 248 -34.46 -8.74 -8.44
CA GLY D 248 -33.76 -9.91 -8.94
C GLY D 248 -33.91 -11.11 -8.02
N MET D 249 -33.86 -10.88 -6.71
CA MET D 249 -34.06 -11.99 -5.79
C MET D 249 -35.48 -12.54 -5.86
N THR D 250 -36.48 -11.66 -6.05
CA THR D 250 -37.84 -12.12 -6.25
C THR D 250 -37.99 -12.92 -7.53
N ALA D 251 -37.34 -12.47 -8.61
CA ALA D 251 -37.40 -13.21 -9.87
C ALA D 251 -36.67 -14.55 -9.78
N PHE D 252 -35.65 -14.64 -8.92
CA PHE D 252 -34.94 -15.90 -8.74
C PHE D 252 -35.77 -16.88 -7.90
N VAL D 253 -36.29 -16.42 -6.77
CA VAL D 253 -37.14 -17.28 -5.94
C VAL D 253 -38.37 -17.72 -6.71
N GLU D 254 -39.20 -16.77 -7.12
CA GLU D 254 -40.33 -17.05 -8.01
C GLU D 254 -39.86 -16.90 -9.46
N LYS D 255 -39.49 -18.04 -10.04
CA LYS D 255 -38.80 -18.11 -11.31
C LYS D 255 -39.50 -17.32 -12.41
N ARG D 256 -38.84 -16.26 -12.89
CA ARG D 256 -39.36 -15.42 -13.95
C ARG D 256 -38.22 -14.54 -14.47
N LYS D 257 -38.58 -13.59 -15.33
CA LYS D 257 -37.60 -12.65 -15.88
C LYS D 257 -37.55 -11.40 -15.01
N ALA D 258 -36.36 -11.04 -14.56
CA ALA D 258 -36.20 -9.87 -13.70
C ALA D 258 -36.30 -8.59 -14.51
N ASN D 259 -37.15 -7.68 -14.05
CA ASN D 259 -37.33 -6.37 -14.69
C ASN D 259 -36.62 -5.32 -13.84
N PHE D 260 -35.45 -4.87 -14.31
CA PHE D 260 -34.63 -3.92 -13.59
C PHE D 260 -34.93 -2.49 -14.06
N LYS D 261 -34.91 -1.56 -13.10
CA LYS D 261 -35.16 -0.16 -13.38
C LYS D 261 -34.00 0.75 -13.01
N ASP D 262 -32.80 0.19 -12.82
CA ASP D 262 -31.59 0.98 -12.52
C ASP D 262 -31.74 1.78 -11.23
N GLN D 263 -32.35 1.16 -10.23
CA GLN D 263 -32.51 1.79 -8.92
C GLN D 263 -32.80 0.76 -7.84
N ALA E 4 -18.86 -33.60 16.01
CA ALA E 4 -20.29 -33.80 16.20
C ALA E 4 -20.92 -34.42 14.95
N ASN E 5 -22.16 -34.88 15.09
CA ASN E 5 -22.87 -35.49 13.97
C ASN E 5 -23.39 -34.41 13.04
N PHE E 6 -22.89 -34.40 11.81
CA PHE E 6 -23.27 -33.40 10.82
C PHE E 6 -24.37 -33.92 9.92
N GLU E 7 -25.24 -33.02 9.48
CA GLU E 7 -26.32 -33.35 8.56
C GLU E 7 -26.14 -32.78 7.17
N TYR E 8 -25.26 -31.80 6.99
CA TYR E 8 -25.02 -31.21 5.68
C TYR E 8 -23.68 -31.59 5.08
N ILE E 9 -22.68 -31.92 5.91
CA ILE E 9 -21.35 -32.26 5.42
C ILE E 9 -20.94 -33.60 6.00
N ILE E 10 -19.84 -34.13 5.48
CA ILE E 10 -19.24 -35.37 5.96
C ILE E 10 -17.77 -35.11 6.23
N ALA E 11 -17.34 -35.35 7.48
CA ALA E 11 -15.98 -35.10 7.91
C ALA E 11 -15.33 -36.41 8.34
N GLU E 12 -14.16 -36.71 7.78
CA GLU E 12 -13.42 -37.91 8.11
C GLU E 12 -11.96 -37.71 7.72
N LYS E 13 -11.11 -38.59 8.25
CA LYS E 13 -9.68 -38.59 7.95
C LYS E 13 -9.39 -39.64 6.90
N ARG E 14 -8.79 -39.23 5.79
CA ARG E 14 -8.53 -40.11 4.66
C ARG E 14 -7.03 -40.24 4.45
N GLY E 15 -6.64 -41.19 3.62
CA GLY E 15 -5.25 -41.43 3.32
C GLY E 15 -4.56 -42.26 4.39
N LYS E 16 -3.44 -42.87 4.00
CA LYS E 16 -2.64 -43.64 4.94
C LYS E 16 -2.02 -42.69 5.96
N ASN E 17 -1.84 -43.20 7.19
CA ASN E 17 -1.39 -42.50 8.39
C ASN E 17 -2.44 -41.54 8.93
N ASN E 18 -3.58 -41.37 8.24
CA ASN E 18 -4.66 -40.49 8.68
C ASN E 18 -4.16 -39.08 8.95
N THR E 19 -3.48 -38.49 7.96
CA THR E 19 -2.94 -37.14 8.07
C THR E 19 -3.72 -36.12 7.25
N VAL E 20 -4.75 -36.55 6.51
CA VAL E 20 -5.53 -35.66 5.65
C VAL E 20 -6.97 -35.68 6.12
N GLY E 21 -7.54 -34.50 6.34
CA GLY E 21 -8.92 -34.36 6.74
C GLY E 21 -9.78 -34.01 5.55
N LEU E 22 -10.77 -34.85 5.27
CA LEU E 22 -11.66 -34.68 4.13
C LEU E 22 -12.99 -34.12 4.61
N ILE E 23 -13.30 -32.90 4.17
CA ILE E 23 -14.58 -32.25 4.47
C ILE E 23 -15.38 -32.26 3.18
N GLN E 24 -16.34 -33.18 3.08
CA GLN E 24 -17.14 -33.37 1.88
C GLN E 24 -18.54 -32.82 2.12
N LEU E 25 -18.96 -31.88 1.30
CA LEU E 25 -20.34 -31.38 1.33
C LEU E 25 -21.29 -32.48 0.90
N ASN E 26 -22.39 -32.66 1.63
CA ASN E 26 -23.30 -33.78 1.41
C ASN E 26 -24.72 -33.27 1.17
N ARG E 27 -24.84 -32.27 0.30
CA ARG E 27 -26.14 -31.75 -0.14
C ARG E 27 -26.24 -31.91 -1.66
N PRO E 28 -26.50 -33.14 -2.12
CA PRO E 28 -26.56 -33.37 -3.58
C PRO E 28 -27.86 -32.91 -4.21
N LYS E 29 -28.98 -32.97 -3.49
CA LYS E 29 -30.26 -32.57 -4.05
C LYS E 29 -30.41 -31.05 -4.12
N ALA E 30 -29.59 -30.29 -3.38
CA ALA E 30 -29.62 -28.84 -3.43
C ALA E 30 -28.37 -28.25 -4.07
N LEU E 31 -27.58 -29.10 -4.74
CA LEU E 31 -26.34 -28.68 -5.40
C LEU E 31 -25.38 -28.02 -4.41
N ASN E 32 -25.40 -28.55 -3.18
CA ASN E 32 -24.53 -28.06 -2.10
C ASN E 32 -24.72 -26.57 -1.86
N ALA E 33 -25.97 -26.17 -1.58
CA ALA E 33 -26.26 -24.77 -1.31
C ALA E 33 -25.63 -24.36 0.02
N LEU E 34 -24.92 -23.23 0.00
CA LEU E 34 -24.22 -22.74 1.19
C LEU E 34 -25.23 -22.08 2.12
N CYS E 35 -25.74 -22.85 3.08
CA CYS E 35 -26.68 -22.33 4.08
C CYS E 35 -25.95 -22.10 5.40
N ASP E 36 -26.68 -21.54 6.36
CA ASP E 36 -26.09 -21.22 7.65
C ASP E 36 -25.62 -22.48 8.37
N GLY E 37 -26.45 -23.54 8.34
CA GLY E 37 -26.06 -24.77 9.00
C GLY E 37 -24.87 -25.45 8.33
N LEU E 38 -24.82 -25.40 6.99
CA LEU E 38 -23.69 -25.99 6.28
C LEU E 38 -22.40 -25.24 6.62
N ILE E 39 -22.45 -23.90 6.67
CA ILE E 39 -21.27 -23.13 7.01
C ILE E 39 -20.86 -23.38 8.46
N ASP E 40 -21.84 -23.52 9.36
CA ASP E 40 -21.52 -23.82 10.75
C ASP E 40 -20.82 -25.18 10.88
N GLU E 41 -21.34 -26.21 10.20
CA GLU E 41 -20.72 -27.52 10.25
C GLU E 41 -19.34 -27.51 9.60
N LEU E 42 -19.19 -26.72 8.52
CA LEU E 42 -17.89 -26.59 7.87
C LEU E 42 -16.86 -25.97 8.81
N ASN E 43 -17.25 -24.90 9.50
CA ASN E 43 -16.34 -24.27 10.46
C ASN E 43 -16.02 -25.20 11.63
N GLN E 44 -17.01 -25.98 12.09
CA GLN E 44 -16.76 -26.93 13.15
C GLN E 44 -15.75 -27.99 12.71
N ALA E 45 -15.94 -28.57 11.53
CA ALA E 45 -15.00 -29.55 11.02
C ALA E 45 -13.61 -28.93 10.80
N LEU E 46 -13.56 -27.68 10.34
CA LEU E 46 -12.28 -27.02 10.11
C LEU E 46 -11.53 -26.82 11.42
N LYS E 47 -12.21 -26.34 12.47
CA LYS E 47 -11.51 -26.15 13.74
C LYS E 47 -11.16 -27.48 14.39
N THR E 48 -11.98 -28.52 14.16
CA THR E 48 -11.66 -29.84 14.69
C THR E 48 -10.39 -30.38 14.03
N PHE E 49 -10.29 -30.24 12.70
CA PHE E 49 -9.10 -30.69 12.00
C PHE E 49 -7.89 -29.83 12.30
N GLU E 50 -8.10 -28.54 12.61
CA GLU E 50 -6.99 -27.69 12.99
C GLU E 50 -6.47 -28.04 14.39
N GLU E 51 -7.36 -28.46 15.28
CA GLU E 51 -6.96 -28.88 16.62
C GLU E 51 -6.56 -30.35 16.67
N ASP E 52 -6.28 -30.96 15.51
CA ASP E 52 -5.84 -32.35 15.46
C ASP E 52 -4.36 -32.38 15.10
N PRO E 53 -3.48 -32.84 16.00
CA PRO E 53 -2.05 -32.85 15.69
C PRO E 53 -1.67 -33.83 14.60
N ALA E 54 -2.49 -34.87 14.36
CA ALA E 54 -2.18 -35.86 13.34
C ALA E 54 -2.52 -35.41 11.93
N VAL E 55 -3.32 -34.34 11.78
CA VAL E 55 -3.74 -33.85 10.49
C VAL E 55 -2.81 -32.72 10.07
N GLY E 56 -2.27 -32.80 8.86
CA GLY E 56 -1.37 -31.78 8.36
C GLY E 56 -1.94 -30.95 7.24
N ALA E 57 -2.98 -31.47 6.58
CA ALA E 57 -3.61 -30.78 5.46
C ALA E 57 -5.07 -31.19 5.39
N ILE E 58 -5.89 -30.30 4.83
CA ILE E 58 -7.33 -30.50 4.71
C ILE E 58 -7.70 -30.46 3.23
N VAL E 59 -8.59 -31.36 2.83
CA VAL E 59 -9.09 -31.41 1.46
C VAL E 59 -10.59 -31.11 1.51
N LEU E 60 -11.00 -30.06 0.82
CA LEU E 60 -12.40 -29.64 0.77
C LEU E 60 -12.97 -29.99 -0.59
N THR E 61 -14.03 -30.80 -0.60
CA THR E 61 -14.67 -31.23 -1.84
C THR E 61 -16.18 -31.25 -1.63
N GLY E 62 -16.91 -31.41 -2.74
CA GLY E 62 -18.35 -31.48 -2.70
C GLY E 62 -18.88 -32.74 -3.34
N GLY E 63 -19.75 -32.58 -4.35
CA GLY E 63 -20.31 -33.69 -5.08
C GLY E 63 -19.64 -33.89 -6.43
N ASP E 64 -20.09 -34.93 -7.12
CA ASP E 64 -19.54 -35.25 -8.44
C ASP E 64 -20.02 -34.26 -9.49
N LYS E 65 -21.27 -33.79 -9.36
CA LYS E 65 -21.85 -32.89 -10.34
C LYS E 65 -21.89 -31.44 -9.87
N ALA E 66 -21.62 -31.17 -8.60
CA ALA E 66 -21.67 -29.81 -8.08
C ALA E 66 -20.81 -29.71 -6.83
N PHE E 67 -19.88 -28.75 -6.82
CA PHE E 67 -19.09 -28.48 -5.62
C PHE E 67 -19.89 -27.62 -4.64
N ALA E 68 -20.30 -26.44 -5.07
CA ALA E 68 -21.18 -25.57 -4.28
C ALA E 68 -21.82 -24.54 -5.19
N ALA E 69 -23.15 -24.55 -5.30
CA ALA E 69 -23.88 -23.70 -6.23
C ALA E 69 -24.33 -22.38 -5.63
N GLY E 70 -23.63 -21.87 -4.62
CA GLY E 70 -23.94 -20.58 -4.06
C GLY E 70 -24.75 -20.69 -2.78
N ALA E 71 -24.99 -19.55 -2.17
CA ALA E 71 -25.74 -19.49 -0.92
C ALA E 71 -27.23 -19.66 -1.18
N ASP E 72 -27.96 -20.01 -0.11
CA ASP E 72 -29.40 -20.14 -0.19
C ASP E 72 -30.03 -18.77 -0.44
N ILE E 73 -30.84 -18.68 -1.50
CA ILE E 73 -31.38 -17.39 -1.91
C ILE E 73 -32.53 -16.96 -1.00
N LYS E 74 -33.40 -17.90 -0.61
CA LYS E 74 -34.53 -17.53 0.23
C LYS E 74 -34.09 -17.12 1.63
N GLU E 75 -32.88 -17.51 2.03
CA GLU E 75 -32.35 -17.11 3.33
C GLU E 75 -31.98 -15.63 3.38
N MET E 76 -31.88 -14.98 2.22
CA MET E 76 -31.44 -13.60 2.15
C MET E 76 -32.31 -12.72 1.27
N GLN E 77 -33.57 -13.10 1.03
CA GLN E 77 -34.45 -12.28 0.19
C GLN E 77 -35.04 -11.11 0.97
N ASN E 78 -35.47 -11.34 2.22
CA ASN E 78 -36.10 -10.32 3.03
C ASN E 78 -35.11 -9.55 3.89
N LEU E 79 -33.85 -9.48 3.48
CA LEU E 79 -32.83 -8.75 4.22
C LEU E 79 -32.72 -7.33 3.72
N SER E 80 -32.54 -6.40 4.66
CA SER E 80 -32.40 -4.98 4.35
C SER E 80 -30.94 -4.55 4.47
N PHE E 81 -30.69 -3.28 4.18
CA PHE E 81 -29.34 -2.75 4.29
C PHE E 81 -28.88 -2.69 5.74
N GLN E 82 -29.76 -2.24 6.64
CA GLN E 82 -29.38 -2.16 8.05
C GLN E 82 -29.21 -3.55 8.66
N ASP E 83 -30.09 -4.49 8.29
CA ASP E 83 -29.97 -5.85 8.81
C ASP E 83 -28.69 -6.50 8.31
N CYS E 84 -28.26 -6.17 7.10
CA CYS E 84 -27.02 -6.73 6.57
C CYS E 84 -25.79 -6.06 7.20
N TYR E 85 -25.74 -4.77 7.36
CA TYR E 85 -24.50 -4.11 7.85
C TYR E 85 -24.32 -4.40 9.30
N SER E 86 -25.36 -4.30 10.03
CA SER E 86 -25.33 -4.51 11.40
C SER E 86 -25.74 -5.85 11.75
N SER E 87 -24.90 -6.84 11.58
CA SER E 87 -25.18 -8.25 11.88
C SER E 87 -24.08 -8.87 11.08
N LYS E 88 -23.50 -8.07 10.20
CA LYS E 88 -22.43 -8.53 9.34
C LYS E 88 -22.72 -9.79 8.56
N PHE E 89 -23.70 -9.75 7.68
CA PHE E 89 -24.07 -10.88 6.85
C PHE E 89 -22.91 -11.56 6.09
N LEU E 90 -22.77 -12.88 6.17
CA LEU E 90 -21.70 -13.65 5.49
C LEU E 90 -20.36 -13.51 6.18
N LYS E 91 -20.38 -13.36 7.50
CA LYS E 91 -19.17 -13.16 8.28
C LYS E 91 -18.53 -14.47 8.65
N HIS E 92 -19.34 -15.46 8.95
CA HIS E 92 -18.80 -16.79 9.19
C HIS E 92 -18.28 -17.45 7.91
N TRP E 93 -18.30 -16.73 6.78
CA TRP E 93 -17.92 -17.31 5.50
C TRP E 93 -16.42 -17.28 5.25
N ASP E 94 -15.66 -16.47 6.00
CA ASP E 94 -14.22 -16.34 5.79
C ASP E 94 -13.42 -17.03 6.89
N HIS E 95 -14.00 -18.03 7.56
CA HIS E 95 -13.24 -18.79 8.55
C HIS E 95 -12.19 -19.67 7.90
N LEU E 96 -12.36 -19.99 6.61
CA LEU E 96 -11.36 -20.78 5.90
C LEU E 96 -10.08 -20.01 5.68
N THR E 97 -10.17 -18.67 5.60
CA THR E 97 -8.99 -17.84 5.42
C THR E 97 -8.13 -17.75 6.68
N GLN E 98 -8.68 -18.09 7.85
CA GLN E 98 -7.93 -18.07 9.10
C GLN E 98 -7.29 -19.42 9.42
N VAL E 99 -7.46 -20.42 8.57
CA VAL E 99 -6.87 -21.72 8.81
C VAL E 99 -5.36 -21.66 8.57
N LYS E 100 -4.59 -22.24 9.49
CA LYS E 100 -3.14 -22.25 9.36
C LYS E 100 -2.64 -23.38 8.48
N LYS E 101 -3.31 -24.54 8.51
CA LYS E 101 -2.89 -25.65 7.67
C LYS E 101 -3.43 -25.48 6.25
N PRO E 102 -2.73 -26.00 5.24
CA PRO E 102 -3.19 -25.84 3.86
C PRO E 102 -4.51 -26.54 3.62
N VAL E 103 -5.34 -25.93 2.77
CA VAL E 103 -6.63 -26.47 2.39
C VAL E 103 -6.66 -26.61 0.88
N ILE E 104 -6.82 -27.83 0.39
CA ILE E 104 -6.84 -28.12 -1.03
C ILE E 104 -8.31 -28.28 -1.45
N ALA E 105 -8.73 -27.49 -2.44
CA ALA E 105 -10.10 -27.51 -2.92
C ALA E 105 -10.21 -28.48 -4.08
N ALA E 106 -10.96 -29.57 -3.87
CA ALA E 106 -11.25 -30.54 -4.92
C ALA E 106 -12.62 -30.19 -5.51
N VAL E 107 -12.61 -29.34 -6.53
CA VAL E 107 -13.83 -28.79 -7.11
C VAL E 107 -14.28 -29.70 -8.24
N ASN E 108 -15.43 -30.34 -8.08
CA ASN E 108 -16.04 -31.17 -9.11
C ASN E 108 -17.43 -30.65 -9.44
N GLY E 109 -17.68 -30.39 -10.72
CA GLY E 109 -19.01 -29.93 -11.12
C GLY E 109 -19.13 -28.42 -11.01
N TYR E 110 -20.30 -27.98 -10.55
CA TYR E 110 -20.61 -26.56 -10.51
C TYR E 110 -20.01 -25.92 -9.26
N ALA E 111 -19.26 -24.83 -9.46
CA ALA E 111 -18.77 -23.98 -8.38
C ALA E 111 -19.18 -22.55 -8.71
N PHE E 112 -20.40 -22.19 -8.31
CA PHE E 112 -21.02 -20.93 -8.69
C PHE E 112 -21.27 -20.08 -7.45
N GLY E 113 -21.10 -18.78 -7.58
CA GLY E 113 -21.38 -17.85 -6.49
C GLY E 113 -20.49 -18.03 -5.29
N GLY E 114 -21.07 -18.47 -4.18
CA GLY E 114 -20.28 -18.70 -2.98
C GLY E 114 -19.31 -19.85 -3.10
N GLY E 115 -19.62 -20.82 -3.97
CA GLY E 115 -18.72 -21.96 -4.14
C GLY E 115 -17.40 -21.56 -4.76
N CYS E 116 -17.44 -20.71 -5.78
CA CYS E 116 -16.21 -20.23 -6.40
C CYS E 116 -15.38 -19.42 -5.42
N GLU E 117 -16.05 -18.62 -4.57
CA GLU E 117 -15.33 -17.84 -3.58
C GLU E 117 -14.68 -18.74 -2.53
N LEU E 118 -15.41 -19.75 -2.06
CA LEU E 118 -14.85 -20.69 -1.10
C LEU E 118 -13.68 -21.47 -1.70
N ALA E 119 -13.76 -21.77 -3.00
CA ALA E 119 -12.66 -22.46 -3.66
C ALA E 119 -11.44 -21.55 -3.79
N MET E 120 -11.65 -20.29 -4.19
CA MET E 120 -10.55 -19.34 -4.32
C MET E 120 -9.92 -19.00 -2.98
N MET E 121 -10.68 -19.09 -1.88
CA MET E 121 -10.10 -18.86 -0.57
C MET E 121 -9.14 -19.97 -0.15
N CYS E 122 -9.21 -21.14 -0.78
CA CYS E 122 -8.27 -22.20 -0.50
C CYS E 122 -6.90 -21.89 -1.10
N ASP E 123 -5.89 -22.59 -0.61
CA ASP E 123 -4.53 -22.37 -1.11
C ASP E 123 -4.32 -23.02 -2.48
N ILE E 124 -4.74 -24.27 -2.62
CA ILE E 124 -4.60 -25.01 -3.88
C ILE E 124 -5.99 -25.42 -4.34
N ILE E 125 -6.25 -25.28 -5.63
CA ILE E 125 -7.54 -25.61 -6.23
C ILE E 125 -7.34 -26.71 -7.24
N TYR E 126 -7.97 -27.86 -7.01
CA TYR E 126 -7.96 -28.98 -7.94
C TYR E 126 -9.35 -29.13 -8.54
N ALA E 127 -9.44 -29.00 -9.87
CA ALA E 127 -10.71 -29.00 -10.57
C ALA E 127 -10.82 -30.22 -11.47
N GLY E 128 -12.04 -30.76 -11.60
CA GLY E 128 -12.27 -31.87 -12.49
C GLY E 128 -12.33 -31.43 -13.95
N GLU E 129 -12.38 -32.43 -14.83
CA GLU E 129 -12.41 -32.14 -16.26
C GLU E 129 -13.69 -31.41 -16.65
N LYS E 130 -14.79 -31.69 -15.95
CA LYS E 130 -16.07 -31.06 -16.24
C LYS E 130 -16.44 -29.97 -15.23
N ALA E 131 -15.48 -29.52 -14.43
CA ALA E 131 -15.77 -28.49 -13.44
C ALA E 131 -15.95 -27.13 -14.11
N GLN E 132 -16.88 -26.34 -13.60
CA GLN E 132 -17.19 -25.02 -14.14
C GLN E 132 -17.19 -24.00 -13.01
N PHE E 133 -16.67 -22.81 -13.31
CA PHE E 133 -16.61 -21.71 -12.36
C PHE E 133 -17.33 -20.50 -12.93
N ALA E 134 -18.10 -19.82 -12.09
CA ALA E 134 -18.84 -18.64 -12.52
C ALA E 134 -19.24 -17.82 -11.30
N GLN E 135 -19.60 -16.56 -11.55
CA GLN E 135 -20.09 -15.64 -10.52
C GLN E 135 -21.41 -15.05 -11.00
N PRO E 136 -22.52 -15.76 -10.79
CA PRO E 136 -23.82 -15.29 -11.30
C PRO E 136 -24.54 -14.30 -10.40
N GLU E 137 -23.84 -13.68 -9.46
CA GLU E 137 -24.49 -12.73 -8.55
C GLU E 137 -25.12 -11.58 -9.30
N ILE E 138 -24.53 -11.19 -10.43
CA ILE E 138 -25.01 -10.05 -11.21
C ILE E 138 -26.37 -10.36 -11.82
N LEU E 139 -26.70 -11.64 -11.92
CA LEU E 139 -27.98 -12.04 -12.51
C LEU E 139 -29.15 -11.84 -11.57
N ILE E 140 -28.91 -11.79 -10.26
CA ILE E 140 -29.98 -11.60 -9.28
C ILE E 140 -29.95 -10.20 -8.67
N GLY E 141 -29.15 -9.30 -9.22
CA GLY E 141 -29.13 -7.92 -8.76
C GLY E 141 -28.17 -7.63 -7.63
N THR E 142 -27.15 -8.47 -7.42
CA THR E 142 -26.17 -8.24 -6.37
C THR E 142 -24.78 -8.49 -6.93
N ILE E 143 -23.78 -8.35 -6.07
CA ILE E 143 -22.39 -8.57 -6.46
C ILE E 143 -21.81 -9.62 -5.51
N PRO E 144 -20.79 -10.36 -5.95
CA PRO E 144 -20.11 -11.29 -5.04
C PRO E 144 -19.49 -10.55 -3.87
N GLY E 145 -19.81 -10.99 -2.66
CA GLY E 145 -19.35 -10.31 -1.47
C GLY E 145 -18.56 -11.18 -0.51
N ALA E 146 -17.87 -12.20 -1.04
CA ALA E 146 -17.05 -13.06 -0.21
C ALA E 146 -15.71 -13.35 -0.90
N GLY E 147 -15.16 -12.34 -1.57
CA GLY E 147 -13.90 -12.48 -2.26
C GLY E 147 -13.99 -12.88 -3.72
N GLY E 148 -15.19 -12.84 -4.31
CA GLY E 148 -15.38 -13.21 -5.69
C GLY E 148 -14.85 -12.23 -6.71
N THR E 149 -14.43 -11.04 -6.29
CA THR E 149 -13.89 -10.03 -7.19
C THR E 149 -12.43 -9.74 -6.92
N GLN E 150 -12.05 -9.63 -5.65
CA GLN E 150 -10.67 -9.31 -5.30
C GLN E 150 -9.72 -10.44 -5.69
N ARG E 151 -10.00 -11.65 -5.22
CA ARG E 151 -9.13 -12.78 -5.52
C ARG E 151 -9.21 -13.18 -6.99
N LEU E 152 -10.41 -13.11 -7.58
CA LEU E 152 -10.58 -13.52 -8.97
C LEU E 152 -9.80 -12.60 -9.90
N THR E 153 -9.89 -11.28 -9.69
CA THR E 153 -9.18 -10.35 -10.55
C THR E 153 -7.66 -10.49 -10.40
N ARG E 154 -7.21 -10.80 -9.19
CA ARG E 154 -5.78 -11.00 -8.97
C ARG E 154 -5.30 -12.30 -9.61
N ALA E 155 -6.17 -13.32 -9.66
CA ALA E 155 -5.75 -14.62 -10.17
C ALA E 155 -5.81 -14.67 -11.69
N VAL E 156 -7.00 -14.48 -12.27
CA VAL E 156 -7.20 -14.67 -13.70
C VAL E 156 -6.96 -13.41 -14.52
N GLY E 157 -6.81 -12.27 -13.87
CA GLY E 157 -6.60 -11.02 -14.58
C GLY E 157 -7.81 -10.10 -14.53
N LYS E 158 -7.64 -8.93 -15.12
CA LYS E 158 -8.70 -7.92 -15.09
C LYS E 158 -9.82 -8.25 -16.08
N SER E 159 -9.45 -8.59 -17.31
CA SER E 159 -10.44 -8.75 -18.37
C SER E 159 -11.38 -9.93 -18.10
N LEU E 160 -10.80 -11.10 -17.83
CA LEU E 160 -11.62 -12.30 -17.63
C LEU E 160 -12.49 -12.17 -16.39
N ALA E 161 -11.94 -11.62 -15.30
CA ALA E 161 -12.73 -11.43 -14.09
C ALA E 161 -13.85 -10.43 -14.32
N MET E 162 -13.56 -9.33 -15.02
CA MET E 162 -14.60 -8.35 -15.33
C MET E 162 -15.72 -8.99 -16.15
N GLU E 163 -15.36 -9.80 -17.15
CA GLU E 163 -16.36 -10.47 -17.96
C GLU E 163 -17.21 -11.41 -17.11
N MET E 164 -16.56 -12.24 -16.29
CA MET E 164 -17.28 -13.21 -15.48
C MET E 164 -18.20 -12.52 -14.48
N VAL E 165 -17.78 -11.37 -13.95
CA VAL E 165 -18.58 -10.69 -12.93
C VAL E 165 -19.74 -9.96 -13.58
N LEU E 166 -19.49 -9.23 -14.66
CA LEU E 166 -20.54 -8.42 -15.28
C LEU E 166 -21.51 -9.25 -16.11
N THR E 167 -21.12 -10.46 -16.54
CA THR E 167 -21.99 -11.30 -17.35
C THR E 167 -22.52 -12.52 -16.61
N GLY E 168 -21.78 -13.04 -15.65
CA GLY E 168 -22.19 -14.26 -14.97
C GLY E 168 -21.96 -15.53 -15.76
N ASP E 169 -21.26 -15.46 -16.89
CA ASP E 169 -21.02 -16.63 -17.71
C ASP E 169 -20.06 -17.58 -17.02
N ARG E 170 -20.14 -18.85 -17.40
CA ARG E 170 -19.30 -19.89 -16.82
C ARG E 170 -18.04 -20.08 -17.65
N ILE E 171 -16.97 -20.54 -17.00
CA ILE E 171 -15.71 -20.85 -17.65
C ILE E 171 -15.39 -22.32 -17.38
N SER E 172 -14.76 -22.96 -18.36
CA SER E 172 -14.39 -24.37 -18.20
C SER E 172 -13.17 -24.49 -17.31
N ALA E 173 -12.89 -25.73 -16.90
CA ALA E 173 -11.73 -26.00 -16.06
C ALA E 173 -10.43 -25.70 -16.79
N GLN E 174 -10.40 -25.93 -18.10
CA GLN E 174 -9.21 -25.63 -18.88
C GLN E 174 -8.96 -24.12 -18.93
N ASP E 175 -10.04 -23.33 -19.01
CA ASP E 175 -9.88 -21.88 -18.98
C ASP E 175 -9.35 -21.40 -17.64
N ALA E 176 -9.87 -21.96 -16.54
CA ALA E 176 -9.36 -21.60 -15.22
C ALA E 176 -7.92 -22.05 -15.04
N LYS E 177 -7.53 -23.14 -15.70
CA LYS E 177 -6.16 -23.62 -15.61
C LYS E 177 -5.20 -22.71 -16.36
N GLN E 178 -5.55 -22.35 -17.60
CA GLN E 178 -4.67 -21.49 -18.39
C GLN E 178 -4.65 -20.07 -17.83
N ALA E 179 -5.74 -19.65 -17.17
CA ALA E 179 -5.79 -18.34 -16.57
C ALA E 179 -5.13 -18.28 -15.20
N GLY E 180 -4.87 -19.43 -14.57
CA GLY E 180 -4.23 -19.47 -13.28
C GLY E 180 -5.17 -19.62 -12.09
N LEU E 181 -6.46 -19.87 -12.33
CA LEU E 181 -7.39 -20.03 -11.23
C LEU E 181 -7.19 -21.37 -10.53
N VAL E 182 -7.02 -22.44 -11.30
CA VAL E 182 -6.77 -23.76 -10.74
C VAL E 182 -5.36 -24.18 -11.12
N SER E 183 -4.88 -25.25 -10.47
CA SER E 183 -3.51 -25.70 -10.63
C SER E 183 -3.38 -27.02 -11.39
N LYS E 184 -4.44 -27.83 -11.43
CA LYS E 184 -4.34 -29.15 -12.06
C LYS E 184 -5.73 -29.62 -12.45
N ILE E 185 -5.83 -30.23 -13.62
CA ILE E 185 -7.07 -30.82 -14.12
C ILE E 185 -6.97 -32.33 -13.97
N CYS E 186 -8.00 -32.92 -13.40
CA CYS E 186 -8.04 -34.35 -13.10
C CYS E 186 -9.39 -34.91 -13.49
N PRO E 187 -9.48 -36.20 -13.75
CA PRO E 187 -10.79 -36.81 -14.02
C PRO E 187 -11.71 -36.70 -12.82
N VAL E 188 -13.01 -36.76 -13.08
CA VAL E 188 -14.01 -36.62 -12.02
C VAL E 188 -14.02 -37.85 -11.12
N GLU E 189 -13.42 -38.96 -11.57
CA GLU E 189 -13.39 -40.18 -10.79
C GLU E 189 -12.15 -40.28 -9.91
N THR E 190 -11.11 -39.51 -10.19
CA THR E 190 -9.86 -39.58 -9.43
C THR E 190 -9.42 -38.24 -8.85
N LEU E 191 -10.23 -37.19 -9.00
CA LEU E 191 -9.85 -35.87 -8.47
C LEU E 191 -9.66 -35.91 -6.96
N VAL E 192 -10.57 -36.59 -6.25
CA VAL E 192 -10.48 -36.66 -4.79
C VAL E 192 -9.21 -37.41 -4.37
N GLU E 193 -8.90 -38.52 -5.05
CA GLU E 193 -7.71 -39.29 -4.71
C GLU E 193 -6.44 -38.48 -4.99
N GLU E 194 -6.41 -37.74 -6.09
CA GLU E 194 -5.24 -36.93 -6.39
C GLU E 194 -5.07 -35.80 -5.38
N ALA E 195 -6.18 -35.18 -4.97
CA ALA E 195 -6.11 -34.14 -3.95
C ALA E 195 -5.64 -34.72 -2.62
N ILE E 196 -6.08 -35.93 -2.29
CA ILE E 196 -5.64 -36.57 -1.05
C ILE E 196 -4.16 -36.90 -1.11
N GLN E 197 -3.67 -37.34 -2.27
CA GLN E 197 -2.24 -37.61 -2.42
C GLN E 197 -1.43 -36.33 -2.31
N CYS E 198 -1.92 -35.24 -2.89
CA CYS E 198 -1.23 -33.97 -2.77
C CYS E 198 -1.19 -33.49 -1.32
N ALA E 199 -2.30 -33.64 -0.60
CA ALA E 199 -2.32 -33.25 0.80
C ALA E 199 -1.39 -34.14 1.64
N GLU E 200 -1.31 -35.42 1.30
CA GLU E 200 -0.36 -36.31 1.98
C GLU E 200 1.09 -35.87 1.72
N LYS E 201 1.38 -35.47 0.48
CA LYS E 201 2.71 -34.93 0.20
C LYS E 201 2.96 -33.64 0.97
N ILE E 202 1.91 -32.85 1.20
CA ILE E 202 2.06 -31.64 2.00
C ILE E 202 2.18 -31.97 3.47
N ALA E 203 1.31 -32.86 3.97
CA ALA E 203 1.31 -33.19 5.39
C ALA E 203 2.57 -33.93 5.82
N SER E 204 3.31 -34.53 4.88
CA SER E 204 4.52 -35.25 5.25
C SER E 204 5.64 -34.31 5.69
N ASN E 205 5.58 -33.02 5.33
CA ASN E 205 6.61 -32.08 5.70
C ASN E 205 6.35 -31.52 7.09
N SER E 206 7.22 -30.60 7.51
CA SER E 206 7.08 -29.96 8.82
C SER E 206 5.89 -29.02 8.84
N LYS E 207 4.99 -29.22 9.81
CA LYS E 207 3.77 -28.42 9.87
C LYS E 207 4.05 -26.95 10.12
N ILE E 208 5.03 -26.66 10.98
CA ILE E 208 5.33 -25.27 11.31
C ILE E 208 6.00 -24.59 10.12
N VAL E 209 6.93 -25.28 9.45
CA VAL E 209 7.57 -24.71 8.27
C VAL E 209 6.56 -24.55 7.14
N VAL E 210 5.62 -25.48 7.03
CA VAL E 210 4.57 -25.37 6.02
C VAL E 210 3.69 -24.16 6.30
N ALA E 211 3.37 -23.93 7.58
CA ALA E 211 2.57 -22.76 7.94
C ALA E 211 3.33 -21.47 7.65
N MET E 212 4.64 -21.45 7.93
CA MET E 212 5.44 -20.28 7.61
C MET E 212 5.46 -20.02 6.11
N ALA E 213 5.60 -21.07 5.30
CA ALA E 213 5.59 -20.91 3.86
C ALA E 213 4.23 -20.42 3.36
N LYS E 214 3.15 -20.95 3.93
CA LYS E 214 1.81 -20.49 3.56
C LYS E 214 1.62 -19.01 3.90
N GLU E 215 2.13 -18.59 5.06
CA GLU E 215 2.05 -17.19 5.45
C GLU E 215 2.85 -16.31 4.49
N SER E 216 4.05 -16.77 4.13
CA SER E 216 4.89 -16.00 3.22
C SER E 216 4.24 -15.86 1.85
N VAL E 217 3.56 -16.93 1.40
CA VAL E 217 2.89 -16.87 0.10
C VAL E 217 1.67 -15.96 0.16
N ASN E 218 0.89 -16.07 1.24
CA ASN E 218 -0.31 -15.23 1.38
C ASN E 218 0.05 -13.76 1.55
N ALA E 219 1.23 -13.46 2.07
CA ALA E 219 1.63 -12.07 2.25
C ALA E 219 1.91 -11.36 0.92
N ALA E 220 1.94 -12.11 -0.19
CA ALA E 220 2.20 -11.49 -1.49
C ALA E 220 1.06 -10.59 -1.95
N PHE E 221 -0.14 -10.79 -1.42
CA PHE E 221 -1.30 -9.98 -1.80
C PHE E 221 -1.61 -8.89 -0.78
N GLU E 222 -0.77 -8.72 0.25
CA GLU E 222 -1.05 -7.77 1.32
C GLU E 222 0.04 -6.72 1.48
N MET E 223 1.18 -6.88 0.82
CA MET E 223 2.29 -5.94 0.98
C MET E 223 2.94 -5.71 -0.37
N THR E 224 3.95 -4.84 -0.38
CA THR E 224 4.71 -4.57 -1.58
C THR E 224 5.78 -5.63 -1.79
N LEU E 225 6.50 -5.50 -2.90
CA LEU E 225 7.55 -6.47 -3.20
C LEU E 225 8.72 -6.36 -2.23
N THR E 226 9.11 -5.13 -1.89
CA THR E 226 10.24 -4.95 -0.97
C THR E 226 9.89 -5.44 0.43
N GLU E 227 8.75 -5.02 0.97
CA GLU E 227 8.35 -5.47 2.29
C GLU E 227 8.01 -6.96 2.29
N GLY E 228 7.48 -7.47 1.18
CA GLY E 228 7.27 -8.90 1.07
C GLY E 228 8.56 -9.68 1.15
N SER E 229 9.59 -9.21 0.43
CA SER E 229 10.89 -9.87 0.48
C SER E 229 11.52 -9.74 1.87
N LYS E 230 11.30 -8.61 2.54
CA LYS E 230 11.83 -8.46 3.89
C LYS E 230 11.17 -9.43 4.87
N LEU E 231 9.84 -9.55 4.79
CA LEU E 231 9.14 -10.51 5.64
C LEU E 231 9.54 -11.94 5.30
N GLU E 232 9.78 -12.23 4.03
CA GLU E 232 10.25 -13.56 3.64
C GLU E 232 11.63 -13.85 4.21
N LYS E 233 12.53 -12.86 4.17
CA LYS E 233 13.85 -13.02 4.77
C LYS E 233 13.75 -13.24 6.27
N LYS E 234 12.90 -12.48 6.95
CA LYS E 234 12.69 -12.68 8.38
C LYS E 234 12.12 -14.04 8.72
N LEU E 235 11.17 -14.55 7.93
CA LEU E 235 10.64 -15.88 8.16
C LEU E 235 11.68 -16.97 7.88
N PHE E 236 12.50 -16.78 6.85
CA PHE E 236 13.57 -17.73 6.56
C PHE E 236 14.63 -17.73 7.65
N TYR E 237 14.84 -16.57 8.29
CA TYR E 237 15.73 -16.53 9.45
C TYR E 237 15.10 -17.21 10.67
N SER E 238 13.80 -17.01 10.87
CA SER E 238 13.12 -17.58 12.02
C SER E 238 13.00 -19.10 11.90
N THR E 239 12.91 -19.62 10.68
CA THR E 239 12.76 -21.06 10.51
C THR E 239 14.02 -21.81 10.96
N PHE E 240 15.13 -21.10 11.11
CA PHE E 240 16.35 -21.72 11.62
C PHE E 240 16.25 -22.09 13.09
N ALA E 241 15.32 -21.47 13.82
CA ALA E 241 15.15 -21.73 15.24
C ALA E 241 14.30 -22.96 15.52
N THR E 242 13.91 -23.71 14.50
CA THR E 242 13.11 -24.91 14.67
C THR E 242 13.97 -26.17 14.58
N ASP E 243 13.52 -27.23 15.24
CA ASP E 243 14.27 -28.48 15.22
C ASP E 243 14.12 -29.20 13.89
N ASP E 244 13.01 -28.93 13.18
CA ASP E 244 12.78 -29.60 11.90
C ASP E 244 13.77 -29.14 10.84
N ARG E 245 14.20 -27.87 10.91
CA ARG E 245 15.15 -27.36 9.93
C ARG E 245 16.49 -28.10 10.01
N LYS E 246 17.04 -28.21 11.22
CA LYS E 246 18.31 -28.90 11.38
C LYS E 246 18.20 -30.38 11.05
N GLU E 247 17.07 -31.00 11.40
CA GLU E 247 16.87 -32.42 11.09
C GLU E 247 16.81 -32.63 9.58
N GLY E 248 16.05 -31.79 8.87
CA GLY E 248 15.96 -31.90 7.43
C GLY E 248 17.28 -31.63 6.74
N MET E 249 18.03 -30.64 7.23
CA MET E 249 19.33 -30.35 6.63
C MET E 249 20.32 -31.47 6.88
N THR E 250 20.29 -32.10 8.06
CA THR E 250 21.14 -33.24 8.32
C THR E 250 20.75 -34.43 7.44
N ALA E 251 19.45 -34.65 7.25
CA ALA E 251 18.99 -35.73 6.38
C ALA E 251 19.36 -35.46 4.92
N PHE E 252 19.47 -34.19 4.53
CA PHE E 252 19.88 -33.88 3.17
C PHE E 252 21.39 -34.04 3.00
N VAL E 253 22.16 -33.60 3.99
CA VAL E 253 23.62 -33.77 3.93
C VAL E 253 23.98 -35.24 3.90
N GLU E 254 23.55 -35.99 4.92
CA GLU E 254 23.67 -37.45 4.90
C GLU E 254 22.36 -38.04 4.43
N LYS E 255 22.32 -38.32 3.12
CA LYS E 255 21.13 -38.78 2.46
C LYS E 255 20.29 -39.84 3.10
N ARG E 256 19.10 -39.46 3.55
CA ARG E 256 18.19 -40.38 4.21
C ARG E 256 16.81 -39.75 4.24
N LYS E 257 15.89 -40.38 4.98
CA LYS E 257 14.54 -39.86 5.14
C LYS E 257 14.48 -38.98 6.38
N ALA E 258 13.97 -37.77 6.21
CA ALA E 258 13.89 -36.82 7.32
C ALA E 258 12.69 -37.14 8.20
N ASN E 259 12.94 -37.30 9.50
CA ASN E 259 11.90 -37.57 10.48
C ASN E 259 11.54 -36.26 11.19
N PHE E 260 10.39 -35.71 10.85
CA PHE E 260 9.94 -34.43 11.39
C PHE E 260 9.00 -34.67 12.57
N LYS E 261 9.15 -33.83 13.60
CA LYS E 261 8.33 -33.90 14.79
C LYS E 261 7.45 -32.66 14.98
N ASP E 262 7.27 -31.86 13.93
CA ASP E 262 6.46 -30.64 13.96
C ASP E 262 6.93 -29.65 15.02
N GLN E 263 8.22 -29.63 15.32
CA GLN E 263 8.77 -28.70 16.30
C GLN E 263 10.16 -28.21 15.88
N ALA F 4 38.44 -9.82 -11.91
CA ALA F 4 39.46 -10.81 -11.55
C ALA F 4 39.22 -12.13 -12.29
N ASN F 5 40.14 -13.06 -12.13
CA ASN F 5 40.04 -14.37 -12.76
C ASN F 5 39.04 -15.23 -12.00
N PHE F 6 37.92 -15.53 -12.63
CA PHE F 6 36.85 -16.28 -11.99
C PHE F 6 37.11 -17.77 -12.09
N GLU F 7 36.71 -18.50 -11.05
CA GLU F 7 36.83 -19.96 -11.01
C GLU F 7 35.49 -20.67 -11.03
N TYR F 8 34.39 -19.98 -10.73
CA TYR F 8 33.07 -20.59 -10.73
C TYR F 8 32.21 -20.15 -11.91
N ILE F 9 32.47 -18.97 -12.49
CA ILE F 9 31.66 -18.44 -13.58
C ILE F 9 32.59 -18.06 -14.73
N ILE F 10 31.96 -17.77 -15.88
CA ILE F 10 32.66 -17.30 -17.07
C ILE F 10 31.98 -16.03 -17.54
N ALA F 11 32.75 -14.94 -17.63
CA ALA F 11 32.25 -13.64 -18.02
C ALA F 11 32.93 -13.18 -19.30
N GLU F 12 32.12 -12.85 -20.30
CA GLU F 12 32.63 -12.38 -21.58
C GLU F 12 31.54 -11.59 -22.30
N LYS F 13 31.95 -10.83 -23.30
CA LYS F 13 31.04 -10.06 -24.13
C LYS F 13 30.76 -10.82 -25.42
N ARG F 14 29.48 -11.07 -25.69
CA ARG F 14 29.06 -11.88 -26.83
C ARG F 14 28.24 -11.02 -27.78
N GLY F 15 28.00 -11.54 -28.98
CA GLY F 15 27.23 -10.85 -29.99
C GLY F 15 28.03 -9.80 -30.73
N LYS F 16 27.53 -9.43 -31.91
CA LYS F 16 28.13 -8.36 -32.69
C LYS F 16 28.00 -7.04 -31.94
N ASN F 17 29.00 -6.16 -32.11
CA ASN F 17 29.19 -4.87 -31.46
C ASN F 17 29.59 -5.03 -30.00
N ASN F 18 29.64 -6.26 -29.46
CA ASN F 18 30.05 -6.52 -28.09
C ASN F 18 29.24 -5.69 -27.09
N THR F 19 27.92 -5.74 -27.22
CA THR F 19 27.01 -5.00 -26.34
C THR F 19 26.27 -5.89 -25.37
N VAL F 20 26.53 -7.19 -25.37
CA VAL F 20 25.84 -8.14 -24.50
C VAL F 20 26.87 -8.83 -23.63
N GLY F 21 26.70 -8.74 -22.31
CA GLY F 21 27.57 -9.42 -21.38
C GLY F 21 27.02 -10.76 -20.95
N LEU F 22 27.79 -11.82 -21.19
CA LEU F 22 27.35 -13.19 -20.91
C LEU F 22 28.03 -13.65 -19.62
N ILE F 23 27.22 -13.92 -18.60
CA ILE F 23 27.69 -14.47 -17.33
C ILE F 23 27.18 -15.90 -17.24
N GLN F 24 28.07 -16.86 -17.47
CA GLN F 24 27.71 -18.27 -17.50
C GLN F 24 28.28 -18.97 -16.27
N LEU F 25 27.41 -19.57 -15.47
CA LEU F 25 27.85 -20.38 -14.34
C LEU F 25 28.60 -21.61 -14.87
N ASN F 26 29.74 -21.91 -14.26
CA ASN F 26 30.65 -22.94 -14.77
C ASN F 26 30.92 -23.97 -13.67
N ARG F 27 29.85 -24.43 -13.02
CA ARG F 27 29.93 -25.50 -12.02
C ARG F 27 29.05 -26.65 -12.49
N PRO F 28 29.52 -27.44 -13.46
CA PRO F 28 28.68 -28.53 -13.99
C PRO F 28 28.65 -29.77 -13.12
N LYS F 29 29.68 -30.02 -12.31
CA LYS F 29 29.70 -31.19 -11.45
C LYS F 29 28.88 -31.02 -10.18
N ALA F 30 28.62 -29.78 -9.76
CA ALA F 30 27.78 -29.51 -8.60
C ALA F 30 26.42 -28.96 -9.00
N LEU F 31 26.05 -29.08 -10.28
CA LEU F 31 24.78 -28.56 -10.80
C LEU F 31 24.64 -27.06 -10.52
N ASN F 32 25.76 -26.35 -10.60
CA ASN F 32 25.81 -24.90 -10.38
C ASN F 32 25.26 -24.53 -9.01
N ALA F 33 25.84 -25.11 -7.97
CA ALA F 33 25.43 -24.79 -6.61
C ALA F 33 25.78 -23.36 -6.27
N LEU F 34 24.81 -22.63 -5.70
CA LEU F 34 25.01 -21.22 -5.38
C LEU F 34 25.78 -21.12 -4.07
N CYS F 35 27.11 -21.08 -4.16
CA CYS F 35 27.95 -20.91 -3.00
C CYS F 35 28.34 -19.44 -2.84
N ASP F 36 29.10 -19.15 -1.78
CA ASP F 36 29.50 -17.77 -1.51
C ASP F 36 30.48 -17.24 -2.55
N GLY F 37 31.45 -18.06 -2.96
CA GLY F 37 32.40 -17.61 -3.97
C GLY F 37 31.76 -17.39 -5.33
N LEU F 38 30.85 -18.28 -5.72
CA LEU F 38 30.14 -18.09 -6.98
C LEU F 38 29.29 -16.83 -6.96
N ILE F 39 28.62 -16.57 -5.83
CA ILE F 39 27.81 -15.36 -5.72
C ILE F 39 28.69 -14.11 -5.75
N ASP F 40 29.85 -14.16 -5.10
CA ASP F 40 30.76 -13.02 -5.13
C ASP F 40 31.28 -12.77 -6.55
N GLU F 41 31.64 -13.82 -7.27
CA GLU F 41 32.09 -13.67 -8.66
C GLU F 41 30.96 -13.16 -9.55
N LEU F 42 29.73 -13.62 -9.34
CA LEU F 42 28.60 -13.14 -10.12
C LEU F 42 28.37 -11.65 -9.86
N ASN F 43 28.46 -11.23 -8.60
CA ASN F 43 28.30 -9.81 -8.29
C ASN F 43 29.43 -8.97 -8.90
N GLN F 44 30.66 -9.48 -8.87
CA GLN F 44 31.77 -8.77 -9.48
C GLN F 44 31.57 -8.62 -10.99
N ALA F 45 31.15 -9.70 -11.66
CA ALA F 45 30.90 -9.62 -13.10
C ALA F 45 29.75 -8.68 -13.41
N LEU F 46 28.70 -8.69 -12.58
CA LEU F 46 27.58 -7.78 -12.79
C LEU F 46 28.03 -6.32 -12.63
N LYS F 47 28.86 -6.04 -11.63
CA LYS F 47 29.36 -4.68 -11.45
C LYS F 47 30.24 -4.26 -12.63
N THR F 48 31.09 -5.18 -13.11
CA THR F 48 31.96 -4.87 -14.24
C THR F 48 31.14 -4.58 -15.48
N PHE F 49 30.08 -5.36 -15.71
CA PHE F 49 29.24 -5.13 -16.88
C PHE F 49 28.38 -3.86 -16.72
N GLU F 50 28.05 -3.51 -15.47
CA GLU F 50 27.34 -2.26 -15.22
C GLU F 50 28.24 -1.05 -15.50
N GLU F 51 29.52 -1.14 -15.15
CA GLU F 51 30.47 -0.06 -15.38
C GLU F 51 31.09 -0.13 -16.77
N ASP F 52 30.47 -0.85 -17.69
CA ASP F 52 30.96 -0.93 -19.06
C ASP F 52 30.02 -0.12 -19.97
N PRO F 53 30.49 0.97 -20.57
CA PRO F 53 29.60 1.78 -21.40
C PRO F 53 29.15 1.06 -22.67
N ALA F 54 29.98 0.13 -23.15
CA ALA F 54 29.68 -0.60 -24.38
C ALA F 54 28.66 -1.72 -24.18
N VAL F 55 28.29 -2.03 -22.94
CA VAL F 55 27.34 -3.11 -22.65
C VAL F 55 25.99 -2.49 -22.34
N GLY F 56 24.95 -2.96 -23.02
CA GLY F 56 23.62 -2.45 -22.81
C GLY F 56 22.67 -3.43 -22.17
N ALA F 57 23.05 -4.72 -22.17
CA ALA F 57 22.22 -5.76 -21.59
C ALA F 57 23.10 -6.92 -21.16
N ILE F 58 22.63 -7.67 -20.16
CA ILE F 58 23.36 -8.80 -19.61
C ILE F 58 22.50 -10.06 -19.79
N VAL F 59 23.16 -11.17 -20.12
CA VAL F 59 22.50 -12.46 -20.25
C VAL F 59 23.11 -13.40 -19.22
N LEU F 60 22.27 -13.91 -18.33
CA LEU F 60 22.68 -14.82 -17.27
C LEU F 60 22.23 -16.23 -17.61
N THR F 61 23.18 -17.17 -17.67
CA THR F 61 22.89 -18.55 -18.01
C THR F 61 23.78 -19.46 -17.19
N GLY F 62 23.48 -20.76 -17.24
CA GLY F 62 24.28 -21.76 -16.56
C GLY F 62 24.74 -22.85 -17.50
N GLY F 63 24.45 -24.11 -17.14
CA GLY F 63 24.78 -25.24 -17.97
C GLY F 63 23.59 -25.70 -18.80
N ASP F 64 23.87 -26.65 -19.70
CA ASP F 64 22.81 -27.20 -20.54
C ASP F 64 21.87 -28.11 -19.75
N LYS F 65 22.40 -28.79 -18.73
CA LYS F 65 21.61 -29.71 -17.93
C LYS F 65 21.13 -29.10 -16.62
N ALA F 66 21.68 -27.97 -16.20
CA ALA F 66 21.28 -27.34 -14.95
C ALA F 66 21.66 -25.87 -14.97
N PHE F 67 20.68 -25.00 -14.69
CA PHE F 67 20.96 -23.58 -14.53
C PHE F 67 21.57 -23.29 -13.17
N ALA F 68 20.83 -23.60 -12.11
CA ALA F 68 21.33 -23.51 -10.74
C ALA F 68 20.45 -24.34 -9.81
N ALA F 69 21.03 -25.35 -9.16
CA ALA F 69 20.27 -26.30 -8.35
C ALA F 69 20.20 -25.90 -6.88
N GLY F 70 20.29 -24.61 -6.56
CA GLY F 70 20.14 -24.17 -5.20
C GLY F 70 21.48 -23.92 -4.52
N ALA F 71 21.40 -23.41 -3.30
CA ALA F 71 22.59 -23.09 -2.53
C ALA F 71 23.18 -24.35 -1.89
N ASP F 72 24.39 -24.20 -1.36
CA ASP F 72 25.06 -25.30 -0.66
C ASP F 72 24.45 -25.46 0.72
N ILE F 73 23.96 -26.66 1.03
CA ILE F 73 23.32 -26.89 2.31
C ILE F 73 24.35 -27.12 3.41
N LYS F 74 25.57 -27.54 3.05
CA LYS F 74 26.59 -27.78 4.05
C LYS F 74 27.02 -26.48 4.72
N GLU F 75 27.13 -25.39 3.96
CA GLU F 75 27.51 -24.10 4.52
C GLU F 75 26.38 -23.43 5.30
N MET F 76 25.22 -24.08 5.43
CA MET F 76 24.10 -23.49 6.14
C MET F 76 23.40 -24.44 7.10
N GLN F 77 23.92 -25.64 7.32
CA GLN F 77 23.29 -26.57 8.26
C GLN F 77 23.62 -26.21 9.70
N ASN F 78 24.88 -25.91 9.99
CA ASN F 78 25.30 -25.57 11.35
C ASN F 78 24.97 -24.12 11.73
N LEU F 79 24.22 -23.41 10.90
CA LEU F 79 23.85 -22.04 11.21
C LEU F 79 22.65 -21.99 12.16
N SER F 80 22.70 -21.05 13.08
CA SER F 80 21.63 -20.85 14.05
C SER F 80 20.79 -19.64 13.65
N PHE F 81 19.78 -19.35 14.47
CA PHE F 81 18.92 -18.19 14.20
C PHE F 81 19.68 -16.89 14.42
N GLN F 82 20.48 -16.82 15.48
CA GLN F 82 21.20 -15.57 15.78
C GLN F 82 22.26 -15.29 14.73
N ASP F 83 22.97 -16.32 14.26
CA ASP F 83 23.97 -16.12 13.23
C ASP F 83 23.33 -15.71 11.91
N CYS F 84 22.12 -16.20 11.64
CA CYS F 84 21.42 -15.84 10.41
C CYS F 84 20.89 -14.41 10.47
N TYR F 85 20.36 -14.01 11.63
CA TYR F 85 19.72 -12.71 11.73
C TYR F 85 20.75 -11.60 11.92
N SER F 86 21.77 -11.84 12.75
CA SER F 86 22.71 -10.79 13.14
C SER F 86 23.84 -10.71 12.10
N SER F 87 23.63 -11.37 10.98
CA SER F 87 24.58 -11.29 9.86
C SER F 87 23.84 -11.21 8.53
N LYS F 88 22.51 -11.25 8.59
CA LYS F 88 21.64 -11.16 7.41
C LYS F 88 22.09 -12.16 6.33
N PHE F 89 21.88 -13.43 6.66
CA PHE F 89 22.28 -14.52 5.76
C PHE F 89 21.66 -14.34 4.38
N LEU F 90 22.46 -14.62 3.34
CA LEU F 90 22.06 -14.46 1.95
C LEU F 90 21.71 -13.00 1.63
N LYS F 91 22.57 -12.08 2.05
CA LYS F 91 22.37 -10.67 1.76
C LYS F 91 22.92 -10.24 0.41
N HIS F 92 23.94 -10.94 -0.11
CA HIS F 92 24.48 -10.66 -1.43
C HIS F 92 23.68 -11.32 -2.54
N TRP F 93 22.60 -12.03 -2.21
CA TRP F 93 21.80 -12.74 -3.20
C TRP F 93 20.84 -11.84 -3.97
N ASP F 94 20.68 -10.58 -3.57
CA ASP F 94 19.75 -9.67 -4.20
C ASP F 94 20.46 -8.52 -4.91
N HIS F 95 21.73 -8.72 -5.29
CA HIS F 95 22.44 -7.69 -6.04
C HIS F 95 21.96 -7.59 -7.48
N LEU F 96 21.26 -8.62 -7.98
CA LEU F 96 20.74 -8.56 -9.34
C LEU F 96 19.55 -7.62 -9.45
N THR F 97 18.84 -7.39 -8.34
CA THR F 97 17.69 -6.48 -8.36
C THR F 97 18.11 -5.01 -8.33
N GLN F 98 19.37 -4.72 -8.01
CA GLN F 98 19.89 -3.36 -8.05
C GLN F 98 20.49 -3.00 -9.41
N VAL F 99 20.59 -3.95 -10.32
CA VAL F 99 21.13 -3.67 -11.64
C VAL F 99 20.15 -2.79 -12.42
N LYS F 100 20.69 -1.82 -13.15
CA LYS F 100 19.87 -0.91 -13.94
C LYS F 100 19.67 -1.39 -15.37
N LYS F 101 20.65 -2.09 -15.94
CA LYS F 101 20.49 -2.63 -17.28
C LYS F 101 19.71 -3.94 -17.24
N PRO F 102 18.96 -4.25 -18.29
CA PRO F 102 18.16 -5.48 -18.29
C PRO F 102 19.03 -6.72 -18.26
N VAL F 103 18.60 -7.70 -17.47
CA VAL F 103 19.28 -8.98 -17.34
C VAL F 103 18.34 -10.08 -17.80
N ILE F 104 18.73 -10.80 -18.84
CA ILE F 104 17.92 -11.87 -19.42
C ILE F 104 18.45 -13.20 -18.89
N ALA F 105 17.57 -13.97 -18.25
CA ALA F 105 17.95 -15.26 -17.67
C ALA F 105 17.71 -16.36 -18.69
N ALA F 106 18.78 -17.02 -19.11
CA ALA F 106 18.71 -18.16 -20.04
C ALA F 106 18.78 -19.43 -19.18
N VAL F 107 17.61 -19.95 -18.83
CA VAL F 107 17.50 -21.10 -17.93
C VAL F 107 17.46 -22.37 -18.76
N ASN F 108 18.48 -23.21 -18.60
CA ASN F 108 18.54 -24.51 -19.24
C ASN F 108 18.72 -25.58 -18.17
N GLY F 109 17.83 -26.57 -18.17
CA GLY F 109 17.97 -27.66 -17.22
C GLY F 109 17.25 -27.37 -15.91
N TYR F 110 17.94 -27.62 -14.81
CA TYR F 110 17.36 -27.50 -13.48
C TYR F 110 17.55 -26.09 -12.94
N ALA F 111 16.46 -25.45 -12.52
CA ALA F 111 16.49 -24.17 -11.81
C ALA F 111 15.65 -24.37 -10.55
N PHE F 112 16.27 -24.86 -9.49
CA PHE F 112 15.58 -25.24 -8.28
C PHE F 112 15.99 -24.33 -7.12
N GLY F 113 15.02 -23.87 -6.36
CA GLY F 113 15.27 -23.06 -5.18
C GLY F 113 15.98 -21.75 -5.47
N GLY F 114 17.25 -21.67 -5.08
CA GLY F 114 18.01 -20.46 -5.32
C GLY F 114 18.13 -20.14 -6.80
N GLY F 115 18.23 -21.16 -7.65
CA GLY F 115 18.28 -20.92 -9.07
C GLY F 115 17.00 -20.32 -9.61
N CYS F 116 15.85 -20.87 -9.18
CA CYS F 116 14.58 -20.30 -9.58
C CYS F 116 14.40 -18.88 -9.05
N GLU F 117 14.89 -18.60 -7.85
CA GLU F 117 14.81 -17.24 -7.32
C GLU F 117 15.66 -16.28 -8.12
N LEU F 118 16.90 -16.67 -8.44
CA LEU F 118 17.76 -15.81 -9.25
C LEU F 118 17.20 -15.61 -10.64
N ALA F 119 16.51 -16.62 -11.18
CA ALA F 119 15.88 -16.47 -12.49
C ALA F 119 14.69 -15.51 -12.42
N MET F 120 13.85 -15.65 -11.40
CA MET F 120 12.71 -14.76 -11.23
C MET F 120 13.12 -13.33 -10.94
N MET F 121 14.29 -13.12 -10.32
CA MET F 121 14.78 -11.77 -10.07
C MET F 121 15.19 -11.05 -11.35
N CYS F 122 15.44 -11.79 -12.43
CA CYS F 122 15.78 -11.16 -13.69
C CYS F 122 14.53 -10.58 -14.35
N ASP F 123 14.76 -9.67 -15.31
CA ASP F 123 13.64 -9.01 -15.98
C ASP F 123 12.96 -9.95 -16.98
N ILE F 124 13.74 -10.64 -17.80
CA ILE F 124 13.21 -11.55 -18.80
C ILE F 124 13.80 -12.94 -18.55
N ILE F 125 12.96 -13.97 -18.60
CA ILE F 125 13.36 -15.34 -18.36
C ILE F 125 13.16 -16.14 -19.65
N TYR F 126 14.26 -16.64 -20.20
CA TYR F 126 14.25 -17.50 -21.37
C TYR F 126 14.59 -18.92 -20.93
N ALA F 127 13.65 -19.84 -21.14
CA ALA F 127 13.79 -21.21 -20.69
C ALA F 127 13.83 -22.17 -21.87
N GLY F 128 14.62 -23.24 -21.72
CA GLY F 128 14.67 -24.25 -22.75
C GLY F 128 13.49 -25.19 -22.68
N GLU F 129 13.38 -26.06 -23.70
CA GLU F 129 12.26 -26.99 -23.75
C GLU F 129 12.30 -28.00 -22.61
N LYS F 130 13.50 -28.32 -22.14
CA LYS F 130 13.68 -29.26 -21.03
C LYS F 130 13.93 -28.57 -19.70
N ALA F 131 13.70 -27.27 -19.61
CA ALA F 131 13.93 -26.54 -18.37
C ALA F 131 12.85 -26.87 -17.35
N GLN F 132 13.26 -26.96 -16.07
CA GLN F 132 12.36 -27.27 -14.97
C GLN F 132 12.56 -26.26 -13.85
N PHE F 133 11.46 -25.86 -13.22
CA PHE F 133 11.48 -24.91 -12.12
C PHE F 133 10.80 -25.53 -10.90
N ALA F 134 11.40 -25.32 -9.73
CA ALA F 134 10.84 -25.87 -8.49
C ALA F 134 11.44 -25.12 -7.31
N GLN F 135 10.79 -25.29 -6.15
CA GLN F 135 11.24 -24.72 -4.88
C GLN F 135 11.24 -25.84 -3.84
N PRO F 136 12.29 -26.64 -3.79
CA PRO F 136 12.33 -27.80 -2.87
C PRO F 136 12.73 -27.45 -1.44
N GLU F 137 12.68 -26.18 -1.05
CA GLU F 137 13.09 -25.78 0.29
C GLU F 137 12.26 -26.48 1.37
N ILE F 138 10.99 -26.75 1.08
CA ILE F 138 10.09 -27.35 2.05
C ILE F 138 10.52 -28.78 2.37
N LEU F 139 11.29 -29.39 1.46
CA LEU F 139 11.74 -30.75 1.66
C LEU F 139 12.85 -30.87 2.69
N ILE F 140 13.64 -29.82 2.89
CA ILE F 140 14.75 -29.85 3.84
C ILE F 140 14.41 -29.10 5.12
N GLY F 141 13.16 -28.68 5.29
CA GLY F 141 12.74 -28.03 6.52
C GLY F 141 12.88 -26.53 6.55
N THR F 142 12.97 -25.88 5.39
CA THR F 142 13.09 -24.43 5.33
C THR F 142 12.12 -23.90 4.28
N ILE F 143 12.15 -22.59 4.08
CA ILE F 143 11.30 -21.94 3.09
C ILE F 143 12.22 -21.12 2.18
N PRO F 144 11.79 -20.85 0.95
CA PRO F 144 12.57 -19.97 0.07
C PRO F 144 12.67 -18.58 0.67
N GLY F 145 13.90 -18.06 0.75
CA GLY F 145 14.12 -16.78 1.38
C GLY F 145 14.83 -15.77 0.50
N ALA F 146 14.68 -15.90 -0.81
CA ALA F 146 15.29 -14.95 -1.74
C ALA F 146 14.30 -14.61 -2.85
N GLY F 147 13.03 -14.42 -2.47
CA GLY F 147 11.99 -14.08 -3.42
C GLY F 147 11.26 -15.25 -4.04
N GLY F 148 11.47 -16.47 -3.54
CA GLY F 148 10.82 -17.64 -4.09
C GLY F 148 9.33 -17.74 -3.85
N THR F 149 8.77 -16.85 -3.01
CA THR F 149 7.34 -16.87 -2.72
C THR F 149 6.66 -15.58 -3.19
N GLN F 150 7.30 -14.43 -2.96
CA GLN F 150 6.70 -13.16 -3.33
C GLN F 150 6.58 -13.02 -4.85
N ARG F 151 7.70 -13.18 -5.56
CA ARG F 151 7.68 -13.04 -7.01
C ARG F 151 6.93 -14.19 -7.68
N LEU F 152 7.07 -15.40 -7.15
CA LEU F 152 6.41 -16.56 -7.75
C LEU F 152 4.90 -16.42 -7.67
N THR F 153 4.37 -16.03 -6.51
CA THR F 153 2.93 -15.87 -6.36
C THR F 153 2.41 -14.73 -7.24
N ARG F 154 3.20 -13.66 -7.39
CA ARG F 154 2.77 -12.55 -8.24
C ARG F 154 2.83 -12.92 -9.71
N ALA F 155 3.70 -13.88 -10.08
CA ALA F 155 3.86 -14.21 -11.49
C ALA F 155 2.89 -15.32 -11.91
N VAL F 156 2.97 -16.48 -11.28
CA VAL F 156 2.19 -17.64 -11.70
C VAL F 156 0.84 -17.75 -11.00
N GLY F 157 0.57 -16.93 -9.99
CA GLY F 157 -0.68 -16.98 -9.29
C GLY F 157 -0.55 -17.58 -7.89
N LYS F 158 -1.68 -17.59 -7.17
CA LYS F 158 -1.68 -18.09 -5.79
C LYS F 158 -1.61 -19.61 -5.75
N SER F 159 -2.44 -20.28 -6.55
CA SER F 159 -2.57 -21.73 -6.48
C SER F 159 -1.28 -22.45 -6.86
N LEU F 160 -0.72 -22.11 -8.02
CA LEU F 160 0.49 -22.78 -8.50
C LEU F 160 1.68 -22.52 -7.57
N ALA F 161 1.82 -21.28 -7.11
CA ALA F 161 2.91 -20.97 -6.19
C ALA F 161 2.74 -21.72 -4.88
N MET F 162 1.52 -21.76 -4.35
CA MET F 162 1.26 -22.51 -3.13
C MET F 162 1.62 -23.99 -3.29
N GLU F 163 1.22 -24.57 -4.42
CA GLU F 163 1.53 -25.98 -4.67
C GLU F 163 3.03 -26.20 -4.76
N MET F 164 3.73 -25.37 -5.54
CA MET F 164 5.16 -25.55 -5.74
C MET F 164 5.93 -25.33 -4.43
N VAL F 165 5.42 -24.47 -3.55
CA VAL F 165 6.13 -24.19 -2.30
C VAL F 165 5.86 -25.26 -1.27
N LEU F 166 4.60 -25.67 -1.12
CA LEU F 166 4.26 -26.65 -0.08
C LEU F 166 4.58 -28.08 -0.49
N THR F 167 4.79 -28.34 -1.78
CA THR F 167 5.11 -29.69 -2.25
C THR F 167 6.53 -29.84 -2.77
N GLY F 168 7.11 -28.76 -3.32
CA GLY F 168 8.44 -28.85 -3.91
C GLY F 168 8.50 -29.55 -5.25
N ASP F 169 7.35 -29.78 -5.88
CA ASP F 169 7.32 -30.47 -7.16
C ASP F 169 7.80 -29.55 -8.28
N ARG F 170 8.38 -30.16 -9.31
CA ARG F 170 8.88 -29.41 -10.45
C ARG F 170 7.77 -29.16 -11.47
N ILE F 171 7.92 -28.08 -12.21
CA ILE F 171 6.99 -27.73 -13.29
C ILE F 171 7.78 -27.65 -14.59
N SER F 172 7.12 -28.01 -15.68
CA SER F 172 7.76 -27.97 -16.99
C SER F 172 7.86 -26.52 -17.49
N ALA F 173 8.68 -26.34 -18.52
CA ALA F 173 8.84 -25.02 -19.13
C ALA F 173 7.54 -24.53 -19.75
N GLN F 174 6.77 -25.46 -20.32
CA GLN F 174 5.48 -25.11 -20.88
C GLN F 174 4.53 -24.61 -19.80
N ASP F 175 4.61 -25.23 -18.60
CA ASP F 175 3.79 -24.78 -17.49
C ASP F 175 4.18 -23.37 -17.05
N ALA F 176 5.48 -23.09 -16.99
CA ALA F 176 5.94 -21.76 -16.62
C ALA F 176 5.57 -20.73 -17.68
N LYS F 177 5.51 -21.15 -18.94
CA LYS F 177 5.11 -20.25 -20.01
C LYS F 177 3.63 -19.93 -19.96
N GLN F 178 2.79 -20.95 -19.77
CA GLN F 178 1.36 -20.73 -19.70
C GLN F 178 0.95 -20.03 -18.40
N ALA F 179 1.77 -20.15 -17.36
CA ALA F 179 1.49 -19.50 -16.10
C ALA F 179 2.04 -18.08 -16.03
N GLY F 180 2.94 -17.69 -16.93
CA GLY F 180 3.50 -16.37 -16.93
C GLY F 180 4.89 -16.25 -16.30
N LEU F 181 5.48 -17.36 -15.86
CA LEU F 181 6.80 -17.29 -15.25
C LEU F 181 7.87 -16.94 -16.29
N VAL F 182 7.82 -17.57 -17.46
CA VAL F 182 8.74 -17.28 -18.55
C VAL F 182 7.94 -16.69 -19.70
N SER F 183 8.65 -16.05 -20.63
CA SER F 183 8.03 -15.37 -21.75
C SER F 183 8.31 -16.01 -23.10
N LYS F 184 9.24 -16.95 -23.18
CA LYS F 184 9.58 -17.57 -24.46
C LYS F 184 10.25 -18.91 -24.21
N ILE F 185 9.85 -19.92 -24.97
CA ILE F 185 10.46 -21.24 -24.93
C ILE F 185 11.32 -21.41 -26.18
N CYS F 186 12.57 -21.82 -25.97
CA CYS F 186 13.54 -21.96 -27.04
C CYS F 186 14.18 -23.35 -26.95
N PRO F 187 14.70 -23.87 -28.06
CA PRO F 187 15.42 -25.15 -28.00
C PRO F 187 16.65 -25.05 -27.10
N VAL F 188 17.07 -26.21 -26.59
CA VAL F 188 18.21 -26.25 -25.67
C VAL F 188 19.48 -25.81 -26.37
N GLU F 189 19.63 -26.16 -27.64
CA GLU F 189 20.85 -25.84 -28.38
C GLU F 189 20.91 -24.39 -28.85
N THR F 190 19.79 -23.68 -28.85
CA THR F 190 19.75 -22.31 -29.35
C THR F 190 19.23 -21.31 -28.32
N LEU F 191 19.03 -21.71 -27.07
CA LEU F 191 18.52 -20.80 -26.04
C LEU F 191 19.48 -19.64 -25.80
N VAL F 192 20.78 -19.94 -25.70
CA VAL F 192 21.77 -18.91 -25.44
C VAL F 192 21.81 -17.91 -26.60
N GLU F 193 21.76 -18.41 -27.83
CA GLU F 193 21.82 -17.53 -28.99
C GLU F 193 20.58 -16.65 -29.08
N GLU F 194 19.41 -17.22 -28.79
CA GLU F 194 18.18 -16.42 -28.82
C GLU F 194 18.19 -15.36 -27.72
N ALA F 195 18.70 -15.71 -26.53
CA ALA F 195 18.81 -14.72 -25.46
C ALA F 195 19.79 -13.62 -25.83
N ILE F 196 20.89 -13.97 -26.49
CA ILE F 196 21.87 -12.97 -26.93
C ILE F 196 21.26 -12.05 -27.97
N GLN F 197 20.46 -12.61 -28.90
CA GLN F 197 19.81 -11.78 -29.89
C GLN F 197 18.79 -10.85 -29.26
N CYS F 198 18.04 -11.34 -28.26
CA CYS F 198 17.08 -10.49 -27.56
C CYS F 198 17.80 -9.36 -26.82
N ALA F 199 18.92 -9.67 -26.17
CA ALA F 199 19.67 -8.64 -25.46
C ALA F 199 20.29 -7.63 -26.44
N GLU F 200 20.69 -8.09 -27.63
CA GLU F 200 21.16 -7.16 -28.65
C GLU F 200 20.05 -6.25 -29.13
N LYS F 201 18.83 -6.78 -29.29
CA LYS F 201 17.68 -5.95 -29.61
C LYS F 201 17.40 -4.95 -28.49
N ILE F 202 17.66 -5.35 -27.25
CA ILE F 202 17.50 -4.43 -26.12
C ILE F 202 18.62 -3.41 -26.09
N ALA F 203 19.87 -3.87 -26.24
CA ALA F 203 21.02 -2.97 -26.17
C ALA F 203 21.07 -1.98 -27.32
N SER F 204 20.34 -2.25 -28.42
CA SER F 204 20.34 -1.34 -29.56
C SER F 204 19.60 -0.04 -29.26
N ASN F 205 18.73 -0.03 -28.26
CA ASN F 205 17.99 1.17 -27.91
C ASN F 205 18.80 2.05 -26.96
N SER F 206 18.20 3.17 -26.56
CA SER F 206 18.84 4.10 -25.65
C SER F 206 18.92 3.52 -24.25
N LYS F 207 20.11 3.52 -23.64
CA LYS F 207 20.29 2.88 -22.35
C LYS F 207 19.50 3.58 -21.24
N ILE F 208 19.46 4.91 -21.29
CA ILE F 208 18.78 5.66 -20.23
C ILE F 208 17.26 5.47 -20.33
N VAL F 209 16.73 5.52 -21.55
CA VAL F 209 15.29 5.30 -21.73
C VAL F 209 14.92 3.86 -21.39
N VAL F 210 15.81 2.92 -21.71
CA VAL F 210 15.57 1.53 -21.37
C VAL F 210 15.56 1.35 -19.85
N ALA F 211 16.47 2.01 -19.15
CA ALA F 211 16.48 1.93 -17.69
C ALA F 211 15.23 2.56 -17.09
N MET F 212 14.78 3.68 -17.66
CA MET F 212 13.55 4.32 -17.20
C MET F 212 12.35 3.40 -17.40
N ALA F 213 12.29 2.73 -18.55
CA ALA F 213 11.20 1.80 -18.81
C ALA F 213 11.25 0.61 -17.84
N LYS F 214 12.47 0.12 -17.56
CA LYS F 214 12.61 -0.97 -16.60
C LYS F 214 12.13 -0.55 -15.21
N GLU F 215 12.49 0.66 -14.79
CA GLU F 215 12.01 1.15 -13.50
C GLU F 215 10.50 1.30 -13.47
N SER F 216 9.92 1.81 -14.58
CA SER F 216 8.47 1.97 -14.65
C SER F 216 7.77 0.62 -14.57
N VAL F 217 8.34 -0.40 -15.19
CA VAL F 217 7.75 -1.74 -15.14
C VAL F 217 7.89 -2.34 -13.75
N ASN F 218 9.06 -2.17 -13.13
CA ASN F 218 9.28 -2.72 -11.80
C ASN F 218 8.42 -2.02 -10.75
N ALA F 219 8.03 -0.77 -10.99
CA ALA F 219 7.21 -0.05 -10.04
C ALA F 219 5.79 -0.60 -9.96
N ALA F 220 5.42 -1.51 -10.87
CA ALA F 220 4.06 -2.06 -10.85
C ALA F 220 3.82 -2.97 -9.65
N PHE F 221 4.88 -3.48 -9.03
CA PHE F 221 4.77 -4.36 -7.88
C PHE F 221 5.05 -3.65 -6.56
N GLU F 222 5.12 -2.32 -6.56
CA GLU F 222 5.52 -1.59 -5.37
C GLU F 222 4.47 -0.58 -4.88
N MET F 223 3.43 -0.31 -5.67
CA MET F 223 2.44 0.68 -5.27
C MET F 223 1.16 0.43 -6.05
N THR F 224 0.17 1.28 -5.80
CA THR F 224 -1.15 1.14 -6.42
C THR F 224 -1.09 1.50 -7.91
N LEU F 225 -2.21 1.29 -8.59
CA LEU F 225 -2.27 1.58 -10.02
C LEU F 225 -2.26 3.08 -10.29
N THR F 226 -2.89 3.87 -9.41
CA THR F 226 -2.94 5.30 -9.62
C THR F 226 -1.55 5.93 -9.48
N GLU F 227 -0.85 5.60 -8.40
CA GLU F 227 0.51 6.11 -8.21
C GLU F 227 1.46 5.54 -9.26
N GLY F 228 1.23 4.30 -9.69
CA GLY F 228 2.03 3.75 -10.78
C GLY F 228 1.86 4.54 -12.06
N SER F 229 0.61 4.90 -12.39
CA SER F 229 0.37 5.69 -13.59
C SER F 229 0.94 7.10 -13.44
N LYS F 230 0.89 7.66 -12.23
CA LYS F 230 1.47 8.99 -12.02
C LYS F 230 2.98 8.95 -12.21
N LEU F 231 3.66 7.95 -11.65
CA LEU F 231 5.09 7.80 -11.85
C LEU F 231 5.43 7.54 -13.31
N GLU F 232 4.58 6.78 -14.01
CA GLU F 232 4.79 6.54 -15.43
C GLU F 232 4.68 7.82 -16.23
N LYS F 233 3.68 8.66 -15.92
CA LYS F 233 3.55 9.96 -16.55
C LYS F 233 4.76 10.85 -16.29
N LYS F 234 5.23 10.88 -15.04
CA LYS F 234 6.40 11.67 -14.70
C LYS F 234 7.66 11.19 -15.42
N LEU F 235 7.85 9.87 -15.53
CA LEU F 235 9.00 9.36 -16.27
C LEU F 235 8.88 9.65 -17.76
N PHE F 236 7.68 9.54 -18.32
CA PHE F 236 7.47 9.87 -19.73
C PHE F 236 7.75 11.35 -19.99
N TYR F 237 7.43 12.20 -19.02
CA TYR F 237 7.77 13.62 -19.14
C TYR F 237 9.27 13.85 -19.02
N SER F 238 9.94 13.13 -18.11
CA SER F 238 11.37 13.28 -17.95
C SER F 238 12.15 12.77 -19.17
N THR F 239 11.59 11.81 -19.89
CA THR F 239 12.24 11.32 -21.11
C THR F 239 12.41 12.44 -22.14
N PHE F 240 11.53 13.44 -22.10
CA PHE F 240 11.61 14.54 -23.06
C PHE F 240 12.82 15.44 -22.83
N ALA F 241 13.49 15.31 -21.69
CA ALA F 241 14.68 16.11 -21.40
C ALA F 241 15.96 15.48 -21.94
N THR F 242 15.86 14.32 -22.59
CA THR F 242 17.02 13.63 -23.13
C THR F 242 17.13 13.87 -24.64
N ASP F 243 18.37 13.79 -25.14
CA ASP F 243 18.59 13.95 -26.58
C ASP F 243 18.15 12.72 -27.34
N ASP F 244 18.12 11.56 -26.67
CA ASP F 244 17.79 10.31 -27.35
C ASP F 244 16.33 10.28 -27.79
N ARG F 245 15.42 10.83 -26.99
CA ARG F 245 14.02 10.87 -27.38
C ARG F 245 13.81 11.76 -28.60
N LYS F 246 14.43 12.94 -28.60
CA LYS F 246 14.35 13.82 -29.76
C LYS F 246 14.93 13.15 -30.99
N GLU F 247 16.07 12.47 -30.85
CA GLU F 247 16.69 11.79 -31.98
C GLU F 247 15.79 10.69 -32.52
N GLY F 248 15.17 9.91 -31.61
CA GLY F 248 14.30 8.83 -32.05
C GLY F 248 13.06 9.34 -32.76
N MET F 249 12.44 10.39 -32.21
CA MET F 249 11.26 10.96 -32.84
C MET F 249 11.60 11.59 -34.18
N THR F 250 12.78 12.22 -34.29
CA THR F 250 13.20 12.77 -35.57
C THR F 250 13.45 11.67 -36.59
N ALA F 251 14.08 10.57 -36.17
CA ALA F 251 14.32 9.45 -37.07
C ALA F 251 13.01 8.79 -37.48
N PHE F 252 12.00 8.86 -36.62
CA PHE F 252 10.68 8.34 -36.97
C PHE F 252 10.02 9.26 -38.00
N VAL F 253 10.15 10.57 -37.81
CA VAL F 253 9.57 11.52 -38.78
C VAL F 253 10.23 11.36 -40.14
N GLU F 254 11.54 11.61 -40.21
CA GLU F 254 12.33 11.35 -41.40
C GLU F 254 12.88 9.93 -41.30
N LYS F 255 12.12 9.02 -41.91
CA LYS F 255 12.43 7.60 -41.82
C LYS F 255 13.86 7.14 -42.03
N ARG F 256 14.54 6.75 -40.95
CA ARG F 256 15.94 6.33 -41.01
C ARG F 256 16.25 5.54 -39.75
N LYS F 257 17.53 5.27 -39.54
CA LYS F 257 17.99 4.57 -38.34
C LYS F 257 18.41 5.59 -37.30
N ALA F 258 17.88 5.46 -36.09
CA ALA F 258 18.17 6.41 -35.02
C ALA F 258 19.50 6.08 -34.36
N ASN F 259 20.40 7.07 -34.34
CA ASN F 259 21.69 6.93 -33.69
C ASN F 259 21.60 7.44 -32.26
N PHE F 260 21.68 6.53 -31.30
CA PHE F 260 21.53 6.86 -29.88
C PHE F 260 22.90 6.93 -29.22
N LYS F 261 23.05 7.86 -28.29
CA LYS F 261 24.29 8.05 -27.54
C LYS F 261 24.12 7.91 -26.04
N ASP F 262 23.03 7.28 -25.58
CA ASP F 262 22.78 7.03 -24.16
C ASP F 262 22.68 8.33 -23.36
N GLN F 263 22.16 9.38 -23.97
CA GLN F 263 21.98 10.65 -23.29
C GLN F 263 20.88 11.48 -23.94
#